data_2L3O
#
_entry.id   2L3O
#
_entity_poly.entity_id   1
_entity_poly.type   'polypeptide(L)'
_entity_poly.pdbx_seq_one_letter_code
;GAMDTHRLTRTLNCSSIVKEIIGKLPEPELKTDDEGPSLRNKSFRRVNLSKFVESQGEVDPEDRYVIKSNLQKLNACLPT
SANDSALPGVFIRDLDDFRKKLRFYMVHLNDLETVLTSRPPQPASGS
;
_entity_poly.pdbx_strand_id   A
#
# COMPACT_ATOMS: atom_id res chain seq x y z
N ASP A 4 -15.43 -20.26 0.37
CA ASP A 4 -16.58 -20.56 1.28
C ASP A 4 -16.25 -20.16 2.73
N THR A 5 -15.05 -20.44 3.18
CA THR A 5 -14.67 -20.06 4.59
C THR A 5 -14.04 -18.66 4.61
N HIS A 6 -14.49 -17.76 3.77
CA HIS A 6 -13.92 -16.38 3.74
C HIS A 6 -15.04 -15.34 3.93
N ARG A 7 -14.78 -14.10 3.59
CA ARG A 7 -15.83 -13.04 3.73
C ARG A 7 -17.10 -13.43 2.96
N LEU A 8 -18.26 -13.05 3.45
CA LEU A 8 -19.54 -13.42 2.75
C LEU A 8 -19.57 -12.86 1.31
N THR A 9 -19.44 -11.56 1.16
CA THR A 9 -19.45 -10.95 -0.22
C THR A 9 -18.65 -9.64 -0.23
N ARG A 10 -19.16 -8.61 0.40
CA ARG A 10 -18.43 -7.30 0.43
C ARG A 10 -18.66 -6.57 1.75
N THR A 11 -17.67 -6.52 2.60
CA THR A 11 -17.81 -5.81 3.92
C THR A 11 -16.50 -5.11 4.28
N LEU A 12 -15.75 -5.60 5.24
CA LEU A 12 -14.46 -4.94 5.61
C LEU A 12 -13.49 -5.96 6.22
N ASN A 13 -13.09 -6.94 5.47
CA ASN A 13 -12.15 -7.98 5.99
C ASN A 13 -10.79 -7.89 5.27
N CYS A 14 -10.24 -6.71 5.14
CA CYS A 14 -8.91 -6.58 4.44
C CYS A 14 -7.77 -6.30 5.44
N SER A 15 -7.99 -6.45 6.72
CA SER A 15 -6.90 -6.21 7.71
C SER A 15 -5.88 -7.37 7.68
N SER A 16 -6.36 -8.58 7.67
CA SER A 16 -5.43 -9.76 7.62
C SER A 16 -4.64 -9.78 6.30
N ILE A 17 -5.17 -9.18 5.26
CA ILE A 17 -4.43 -9.16 3.96
C ILE A 17 -3.21 -8.25 4.07
N VAL A 18 -3.31 -7.18 4.83
CA VAL A 18 -2.13 -6.28 5.04
C VAL A 18 -1.11 -6.99 5.93
N LYS A 19 -1.58 -7.60 7.01
CA LYS A 19 -0.65 -8.34 7.91
C LYS A 19 0.06 -9.46 7.13
N GLU A 20 -0.62 -10.07 6.18
CA GLU A 20 0.03 -11.13 5.36
C GLU A 20 1.16 -10.51 4.53
N ILE A 21 0.87 -9.45 3.81
CA ILE A 21 1.96 -8.79 3.00
C ILE A 21 3.12 -8.43 3.93
N ILE A 22 2.83 -7.95 5.11
CA ILE A 22 3.92 -7.60 6.08
C ILE A 22 4.76 -8.85 6.38
N GLY A 23 4.12 -9.97 6.56
CA GLY A 23 4.86 -11.24 6.82
C GLY A 23 5.47 -11.79 5.53
N LYS A 24 4.92 -11.43 4.39
CA LYS A 24 5.46 -11.93 3.09
C LYS A 24 6.68 -11.12 2.65
N LEU A 25 6.71 -9.86 3.00
CA LEU A 25 7.89 -9.01 2.63
C LEU A 25 8.76 -8.76 3.89
N PRO A 26 9.93 -9.38 3.89
CA PRO A 26 10.86 -9.24 5.05
C PRO A 26 11.52 -7.85 5.10
N GLU A 27 12.61 -7.72 5.81
CA GLU A 27 13.30 -6.38 5.91
C GLU A 27 14.70 -6.43 5.27
N PRO A 28 14.74 -6.45 3.95
CA PRO A 28 16.03 -6.48 3.23
C PRO A 28 16.73 -5.10 3.29
N GLU A 29 18.02 -5.06 3.08
CA GLU A 29 18.76 -3.75 3.13
C GLU A 29 20.14 -3.87 2.44
N LEU A 30 20.20 -4.55 1.32
CA LEU A 30 21.51 -4.71 0.59
C LEU A 30 22.18 -3.35 0.27
N LYS A 31 21.48 -2.45 -0.38
CA LYS A 31 22.07 -1.12 -0.72
C LYS A 31 21.04 -0.27 -1.48
N THR A 32 19.98 0.13 -0.82
CA THR A 32 18.93 0.95 -1.51
C THR A 32 18.53 2.16 -0.66
N ASP A 33 17.32 2.65 -0.83
CA ASP A 33 16.85 3.83 -0.06
C ASP A 33 15.62 3.46 0.81
N ASP A 34 14.67 4.35 0.94
CA ASP A 34 13.45 4.02 1.75
C ASP A 34 12.32 3.50 0.83
N GLU A 35 11.62 4.38 0.16
CA GLU A 35 10.53 3.95 -0.77
C GLU A 35 10.14 5.10 -1.72
N GLY A 36 8.88 5.20 -2.11
CA GLY A 36 8.47 6.31 -3.03
C GLY A 36 8.31 7.62 -2.25
N PRO A 37 9.19 8.57 -2.54
CA PRO A 37 9.13 9.89 -1.84
C PRO A 37 7.84 10.65 -2.22
N SER A 38 7.66 10.92 -3.48
CA SER A 38 6.42 11.62 -3.96
C SER A 38 5.22 10.68 -3.80
N LEU A 39 5.45 9.39 -3.82
CA LEU A 39 4.35 8.38 -3.67
C LEU A 39 4.00 8.15 -2.18
N ARG A 40 4.77 8.74 -1.28
CA ARG A 40 4.51 8.57 0.19
C ARG A 40 3.31 9.44 0.66
N ASN A 41 2.59 10.03 -0.25
CA ASN A 41 1.42 10.91 0.11
C ASN A 41 0.64 10.37 1.33
N LYS A 42 0.09 11.25 2.11
CA LYS A 42 -0.69 10.81 3.32
C LYS A 42 -1.93 10.00 2.92
N SER A 43 -2.82 10.58 2.17
CA SER A 43 -4.08 9.86 1.77
C SER A 43 -3.96 9.19 0.39
N PHE A 44 -3.08 9.63 -0.47
CA PHE A 44 -2.99 9.01 -1.84
C PHE A 44 -1.90 7.92 -1.93
N ARG A 45 -1.20 7.62 -0.85
CA ARG A 45 -0.12 6.59 -0.91
C ARG A 45 -0.60 5.26 -1.53
N ARG A 46 -1.76 4.75 -1.14
CA ARG A 46 -2.23 3.44 -1.70
C ARG A 46 -2.15 3.43 -3.24
N VAL A 47 -2.69 4.42 -3.89
CA VAL A 47 -2.63 4.48 -5.39
C VAL A 47 -1.17 4.66 -5.82
N ASN A 48 -0.43 5.48 -5.11
CA ASN A 48 1.01 5.71 -5.45
C ASN A 48 1.81 4.40 -5.32
N LEU A 49 1.57 3.64 -4.29
CA LEU A 49 2.31 2.35 -4.11
C LEU A 49 1.94 1.39 -5.23
N SER A 50 0.68 1.32 -5.56
CA SER A 50 0.22 0.40 -6.65
C SER A 50 0.94 0.74 -7.96
N LYS A 51 1.08 2.00 -8.26
CA LYS A 51 1.79 2.41 -9.52
C LYS A 51 3.29 2.15 -9.38
N PHE A 52 3.81 2.29 -8.19
CA PHE A 52 5.27 2.05 -7.98
C PHE A 52 5.56 0.55 -8.14
N VAL A 53 4.72 -0.27 -7.57
CA VAL A 53 4.92 -1.76 -7.69
C VAL A 53 4.92 -2.18 -9.17
N GLU A 54 4.01 -1.68 -9.94
CA GLU A 54 3.97 -2.05 -11.39
C GLU A 54 5.28 -1.65 -12.10
N SER A 55 5.80 -0.49 -11.81
CA SER A 55 7.09 -0.06 -12.47
C SER A 55 8.30 -0.73 -11.81
N GLN A 56 8.28 -0.92 -10.51
CA GLN A 56 9.44 -1.57 -9.82
C GLN A 56 9.67 -2.98 -10.34
N GLY A 57 8.63 -3.66 -10.78
CA GLY A 57 8.80 -5.05 -11.32
C GLY A 57 9.81 -5.06 -12.50
N GLU A 58 10.19 -3.91 -12.99
CA GLU A 58 11.18 -3.84 -14.12
C GLU A 58 12.64 -3.91 -13.58
N VAL A 59 12.85 -3.65 -12.30
CA VAL A 59 14.25 -3.72 -11.74
C VAL A 59 14.66 -5.19 -11.49
N ASP A 60 13.73 -6.00 -11.05
CA ASP A 60 14.04 -7.43 -10.77
C ASP A 60 12.77 -8.29 -10.95
N PRO A 61 12.96 -9.55 -11.26
CA PRO A 61 11.80 -10.46 -11.45
C PRO A 61 11.13 -10.84 -10.10
N GLU A 62 11.34 -10.09 -9.06
CA GLU A 62 10.70 -10.41 -7.74
C GLU A 62 9.24 -9.93 -7.72
N ASP A 63 8.85 -9.08 -8.64
CA ASP A 63 7.43 -8.61 -8.67
C ASP A 63 6.49 -9.76 -9.14
N ARG A 64 7.06 -10.90 -9.41
CA ARG A 64 6.26 -12.08 -9.85
C ARG A 64 5.34 -12.58 -8.70
N TYR A 65 5.55 -12.09 -7.49
CA TYR A 65 4.71 -12.52 -6.31
C TYR A 65 3.22 -12.10 -6.42
N VAL A 66 2.70 -11.85 -7.62
CA VAL A 66 1.26 -11.42 -7.84
C VAL A 66 0.46 -11.19 -6.55
N ILE A 67 0.79 -10.14 -5.83
CA ILE A 67 0.03 -9.80 -4.58
C ILE A 67 -0.61 -8.40 -4.72
N LYS A 68 -0.19 -7.61 -5.68
CA LYS A 68 -0.79 -6.25 -5.88
C LYS A 68 -2.32 -6.38 -5.92
N SER A 69 -2.81 -7.45 -6.50
CA SER A 69 -4.28 -7.70 -6.57
C SER A 69 -4.88 -7.69 -5.14
N ASN A 70 -4.18 -8.28 -4.19
CA ASN A 70 -4.66 -8.28 -2.78
C ASN A 70 -4.67 -6.83 -2.27
N LEU A 71 -3.67 -6.06 -2.60
CA LEU A 71 -3.63 -4.63 -2.18
C LEU A 71 -4.81 -3.89 -2.83
N GLN A 72 -5.09 -4.20 -4.06
CA GLN A 72 -6.27 -3.56 -4.76
C GLN A 72 -7.54 -3.93 -3.96
N LYS A 73 -7.58 -5.12 -3.42
CA LYS A 73 -8.74 -5.52 -2.58
C LYS A 73 -8.70 -4.72 -1.27
N LEU A 74 -7.52 -4.49 -0.73
CA LEU A 74 -7.40 -3.66 0.52
C LEU A 74 -8.03 -2.29 0.26
N ASN A 75 -7.68 -1.66 -0.84
CA ASN A 75 -8.28 -0.33 -1.19
C ASN A 75 -9.80 -0.51 -1.35
N ALA A 76 -10.23 -1.68 -1.79
CA ALA A 76 -11.70 -1.92 -1.92
C ALA A 76 -12.33 -1.99 -0.52
N CYS A 77 -11.57 -2.46 0.45
CA CYS A 77 -12.06 -2.53 1.86
C CYS A 77 -11.83 -1.20 2.58
N LEU A 78 -10.69 -0.59 2.35
CA LEU A 78 -10.38 0.73 3.00
C LEU A 78 -10.37 1.85 1.94
N PRO A 79 -11.18 2.85 2.17
CA PRO A 79 -11.28 3.96 1.18
C PRO A 79 -10.00 4.80 1.08
N THR A 80 -9.34 4.69 -0.03
CA THR A 80 -8.09 5.49 -0.28
C THR A 80 -7.80 5.63 -1.79
N SER A 81 -8.77 5.32 -2.60
CA SER A 81 -8.60 5.39 -4.09
C SER A 81 -8.58 6.84 -4.60
N ALA A 82 -7.61 7.61 -4.16
CA ALA A 82 -7.51 9.01 -4.64
C ALA A 82 -6.51 9.08 -5.81
N ASN A 83 -6.90 8.58 -6.95
CA ASN A 83 -5.99 8.56 -8.14
C ASN A 83 -5.74 9.98 -8.72
N ASP A 84 -5.62 10.98 -7.88
CA ASP A 84 -5.33 12.36 -8.38
C ASP A 84 -3.91 12.79 -7.97
N SER A 85 -3.07 11.83 -7.70
CA SER A 85 -1.66 12.13 -7.30
C SER A 85 -0.77 10.92 -7.63
N ALA A 86 -1.00 10.28 -8.75
CA ALA A 86 -0.19 9.09 -9.13
C ALA A 86 0.94 9.46 -10.11
N LEU A 87 2.07 9.91 -9.60
CA LEU A 87 3.22 10.27 -10.48
C LEU A 87 4.48 9.46 -10.09
N PRO A 88 5.42 9.41 -11.00
CA PRO A 88 6.68 8.67 -10.75
C PRO A 88 7.70 9.56 -9.99
N GLY A 89 8.56 8.95 -9.21
CA GLY A 89 9.56 9.76 -8.44
C GLY A 89 10.95 9.14 -8.60
N VAL A 90 11.31 8.26 -7.71
CA VAL A 90 12.65 7.60 -7.79
C VAL A 90 12.51 6.08 -7.94
N PHE A 91 13.54 5.42 -8.41
CA PHE A 91 13.48 3.94 -8.59
C PHE A 91 14.44 3.24 -7.62
N ILE A 92 14.00 2.19 -6.98
CA ILE A 92 14.90 1.46 -6.03
C ILE A 92 15.53 0.24 -6.74
N ARG A 93 16.72 -0.13 -6.35
CA ARG A 93 17.39 -1.30 -7.02
C ARG A 93 16.73 -2.64 -6.64
N ASP A 94 16.45 -2.86 -5.38
CA ASP A 94 15.82 -4.16 -4.99
C ASP A 94 14.32 -3.98 -4.67
N LEU A 95 13.50 -4.79 -5.29
CA LEU A 95 12.01 -4.70 -5.04
C LEU A 95 11.71 -4.88 -3.57
N ASP A 96 12.15 -5.98 -3.07
CA ASP A 96 11.88 -6.35 -1.65
C ASP A 96 12.17 -5.17 -0.72
N ASP A 97 13.27 -4.49 -0.92
CA ASP A 97 13.60 -3.30 -0.07
C ASP A 97 12.45 -2.28 -0.17
N PHE A 98 12.00 -2.00 -1.36
CA PHE A 98 10.87 -1.05 -1.54
C PHE A 98 9.59 -1.63 -0.91
N ARG A 99 9.34 -2.90 -1.09
CA ARG A 99 8.13 -3.55 -0.50
C ARG A 99 8.16 -3.49 1.03
N LYS A 100 9.31 -3.67 1.61
CA LYS A 100 9.39 -3.59 3.11
C LYS A 100 9.02 -2.18 3.57
N LYS A 101 9.55 -1.17 2.93
CA LYS A 101 9.20 0.22 3.33
C LYS A 101 7.75 0.54 2.92
N LEU A 102 7.33 0.09 1.76
CA LEU A 102 5.92 0.36 1.32
C LEU A 102 4.92 -0.36 2.23
N ARG A 103 5.22 -1.58 2.62
CA ARG A 103 4.29 -2.33 3.52
C ARG A 103 4.15 -1.57 4.84
N PHE A 104 5.24 -1.07 5.37
CA PHE A 104 5.18 -0.30 6.65
C PHE A 104 4.49 1.04 6.43
N TYR A 105 4.75 1.70 5.33
CA TYR A 105 4.08 3.02 5.08
C TYR A 105 2.60 2.84 4.73
N MET A 106 2.24 1.79 4.03
CA MET A 106 0.80 1.57 3.69
C MET A 106 0.01 1.26 4.97
N VAL A 107 0.62 0.58 5.91
CA VAL A 107 -0.09 0.27 7.18
C VAL A 107 0.02 1.46 8.14
N HIS A 108 1.08 2.23 8.03
CA HIS A 108 1.26 3.44 8.91
C HIS A 108 0.22 4.53 8.56
N LEU A 109 -0.50 4.38 7.46
CA LEU A 109 -1.55 5.40 7.06
C LEU A 109 -2.27 5.98 8.30
N ASN A 110 -2.74 5.12 9.19
CA ASN A 110 -3.44 5.60 10.43
C ASN A 110 -3.77 4.39 11.32
N ASP A 111 -4.84 3.66 11.03
CA ASP A 111 -5.19 2.47 11.86
C ASP A 111 -6.27 1.61 11.17
N LEU A 112 -7.53 2.01 11.22
CA LEU A 112 -8.59 1.17 10.56
C LEU A 112 -9.83 2.01 10.15
N GLU A 113 -9.68 3.29 9.92
CA GLU A 113 -10.85 4.13 9.51
C GLU A 113 -10.43 5.18 8.46
N THR A 114 -10.03 6.36 8.88
CA THR A 114 -9.62 7.41 7.89
C THR A 114 -8.11 7.69 7.99
N VAL A 115 -7.51 8.25 6.96
CA VAL A 115 -6.04 8.55 7.00
C VAL A 115 -5.78 9.77 7.90
N LEU A 116 -6.33 10.90 7.55
CA LEU A 116 -6.12 12.13 8.39
C LEU A 116 -7.46 12.74 8.81
N THR A 117 -7.44 13.66 9.74
CA THR A 117 -8.70 14.32 10.21
C THR A 117 -9.11 15.46 9.28
N SER A 118 -10.37 15.87 9.31
CA SER A 118 -10.82 16.98 8.43
C SER A 118 -11.93 17.82 9.10
N ARG A 119 -12.45 18.79 8.41
CA ARG A 119 -13.53 19.65 8.99
C ARG A 119 -14.91 19.29 8.41
N PRO A 120 -15.95 19.50 9.20
CA PRO A 120 -17.33 19.20 8.74
C PRO A 120 -17.85 20.28 7.77
N PRO A 121 -18.46 19.85 6.69
CA PRO A 121 -19.01 20.80 5.68
C PRO A 121 -20.32 21.44 6.17
N GLN A 122 -20.89 22.33 5.39
CA GLN A 122 -22.16 23.01 5.81
C GLN A 122 -23.42 22.22 5.34
N PRO A 123 -23.44 21.82 4.08
CA PRO A 123 -24.61 21.08 3.55
C PRO A 123 -24.57 19.58 3.91
N ALA A 124 -23.80 18.81 3.18
CA ALA A 124 -23.70 17.34 3.45
C ALA A 124 -23.16 17.05 4.87
N SER A 125 -23.32 15.83 5.34
CA SER A 125 -22.82 15.45 6.71
C SER A 125 -21.32 15.08 6.63
N GLY A 126 -20.95 13.88 7.02
CA GLY A 126 -19.51 13.48 6.97
C GLY A 126 -19.16 12.91 5.58
N SER A 127 -17.91 12.59 5.34
CA SER A 127 -17.52 12.04 4.01
C SER A 127 -16.83 10.67 4.19
N ASP A 4 -21.72 0.66 13.09
CA ASP A 4 -22.77 1.66 12.71
C ASP A 4 -22.38 2.40 11.42
N THR A 5 -21.10 2.62 11.19
CA THR A 5 -20.67 3.34 9.94
C THR A 5 -20.61 2.38 8.74
N HIS A 6 -19.63 1.50 8.69
CA HIS A 6 -19.54 0.55 7.53
C HIS A 6 -19.66 -0.91 7.99
N ARG A 7 -19.64 -1.83 7.07
CA ARG A 7 -19.77 -3.29 7.41
C ARG A 7 -19.18 -4.18 6.31
N LEU A 8 -19.43 -5.47 6.36
CA LEU A 8 -18.91 -6.41 5.32
C LEU A 8 -19.53 -6.12 3.92
N THR A 9 -20.49 -5.24 3.84
CA THR A 9 -21.14 -4.92 2.52
C THR A 9 -20.10 -4.52 1.45
N ARG A 10 -18.91 -4.15 1.85
CA ARG A 10 -17.85 -3.76 0.85
C ARG A 10 -17.22 -5.00 0.19
N THR A 11 -15.95 -4.98 -0.08
CA THR A 11 -15.28 -6.15 -0.73
C THR A 11 -15.06 -7.29 0.27
N LEU A 12 -13.86 -7.47 0.78
CA LEU A 12 -13.60 -8.58 1.76
C LEU A 12 -12.13 -8.62 2.19
N ASN A 13 -11.75 -9.71 2.85
CA ASN A 13 -10.37 -9.96 3.37
C ASN A 13 -9.40 -8.77 3.18
N CYS A 14 -9.74 -7.63 3.68
CA CYS A 14 -8.81 -6.44 3.53
C CYS A 14 -7.87 -6.28 4.73
N SER A 15 -8.24 -6.75 5.89
CA SER A 15 -7.33 -6.62 7.08
C SER A 15 -6.25 -7.74 7.07
N SER A 16 -6.67 -8.96 6.88
CA SER A 16 -5.70 -10.11 6.89
C SER A 16 -4.64 -9.96 5.79
N ILE A 17 -4.93 -9.26 4.72
CA ILE A 17 -3.90 -9.08 3.64
C ILE A 17 -2.77 -8.17 4.14
N VAL A 18 -3.09 -7.19 4.95
CA VAL A 18 -2.00 -6.29 5.44
C VAL A 18 -1.12 -7.03 6.45
N LYS A 19 -1.70 -7.75 7.38
CA LYS A 19 -0.84 -8.50 8.37
C LYS A 19 -0.03 -9.60 7.66
N GLU A 20 -0.56 -10.21 6.62
CA GLU A 20 0.21 -11.26 5.90
C GLU A 20 1.27 -10.61 5.00
N ILE A 21 0.86 -9.64 4.21
CA ILE A 21 1.83 -8.92 3.33
C ILE A 21 2.96 -8.31 4.17
N ILE A 22 2.63 -7.80 5.33
CA ILE A 22 3.69 -7.20 6.21
C ILE A 22 4.65 -8.31 6.68
N GLY A 23 4.14 -9.47 7.02
CA GLY A 23 5.04 -10.59 7.45
C GLY A 23 5.74 -11.19 6.22
N LYS A 24 5.13 -11.08 5.06
CA LYS A 24 5.76 -11.65 3.83
C LYS A 24 6.92 -10.77 3.33
N LEU A 25 6.83 -9.48 3.55
CA LEU A 25 7.93 -8.56 3.10
C LEU A 25 8.74 -8.06 4.33
N PRO A 26 9.71 -8.86 4.74
CA PRO A 26 10.56 -8.48 5.91
C PRO A 26 11.58 -7.39 5.53
N GLU A 27 12.43 -7.00 6.45
CA GLU A 27 13.43 -5.93 6.12
C GLU A 27 14.87 -6.50 6.00
N PRO A 28 15.25 -6.84 4.80
CA PRO A 28 16.62 -7.35 4.55
C PRO A 28 17.63 -6.18 4.57
N GLU A 29 18.89 -6.46 4.84
CA GLU A 29 19.92 -5.36 4.86
C GLU A 29 20.56 -5.19 3.47
N LEU A 30 19.76 -5.17 2.43
CA LEU A 30 20.31 -5.00 1.05
C LEU A 30 20.06 -3.58 0.49
N LYS A 31 19.42 -2.70 1.24
CA LYS A 31 19.10 -1.29 0.79
C LYS A 31 19.62 -0.99 -0.63
N THR A 32 18.77 -1.14 -1.59
CA THR A 32 19.16 -0.89 -3.00
C THR A 32 19.15 0.61 -3.31
N ASP A 33 18.01 1.25 -3.16
CA ASP A 33 17.94 2.73 -3.42
C ASP A 33 17.03 3.41 -2.36
N ASP A 34 16.49 4.57 -2.65
CA ASP A 34 15.63 5.27 -1.64
C ASP A 34 14.28 4.54 -1.43
N GLU A 35 13.18 5.09 -1.91
CA GLU A 35 11.84 4.44 -1.73
C GLU A 35 10.75 5.30 -2.43
N GLY A 36 9.49 4.97 -2.27
CA GLY A 36 8.41 5.79 -2.92
C GLY A 36 8.35 7.20 -2.30
N PRO A 37 8.74 8.20 -3.06
CA PRO A 37 8.73 9.60 -2.56
C PRO A 37 7.36 10.25 -2.79
N SER A 38 7.09 10.71 -3.99
CA SER A 38 5.75 11.34 -4.28
C SER A 38 4.64 10.31 -4.06
N LEU A 39 4.95 9.05 -4.23
CA LEU A 39 3.94 7.97 -4.02
C LEU A 39 3.55 7.86 -2.53
N ARG A 40 4.19 8.61 -1.66
CA ARG A 40 3.84 8.57 -0.21
C ARG A 40 2.86 9.73 0.14
N ASN A 41 2.38 10.45 -0.86
CA ASN A 41 1.44 11.58 -0.61
C ASN A 41 0.36 11.21 0.43
N LYS A 42 0.09 12.11 1.34
CA LYS A 42 -0.93 11.83 2.42
C LYS A 42 -2.18 11.12 1.87
N SER A 43 -2.84 11.68 0.90
CA SER A 43 -4.07 11.04 0.35
C SER A 43 -3.77 10.15 -0.88
N PHE A 44 -2.71 10.42 -1.60
CA PHE A 44 -2.39 9.59 -2.81
C PHE A 44 -1.32 8.53 -2.51
N ARG A 45 -1.10 8.20 -1.26
CA ARG A 45 -0.05 7.18 -0.93
C ARG A 45 -0.48 5.74 -1.26
N ARG A 46 -1.73 5.41 -1.09
CA ARG A 46 -2.16 4.00 -1.39
C ARG A 46 -2.28 3.77 -2.91
N VAL A 47 -2.87 4.68 -3.64
CA VAL A 47 -2.98 4.51 -5.13
C VAL A 47 -1.59 4.47 -5.76
N ASN A 48 -0.73 5.35 -5.35
CA ASN A 48 0.65 5.35 -5.93
C ASN A 48 1.35 4.04 -5.55
N LEU A 49 1.07 3.53 -4.38
CA LEU A 49 1.70 2.24 -3.94
C LEU A 49 1.33 1.12 -4.93
N SER A 50 0.08 0.98 -5.28
CA SER A 50 -0.31 -0.09 -6.26
C SER A 50 0.39 0.14 -7.60
N LYS A 51 0.42 1.37 -8.06
CA LYS A 51 1.10 1.68 -9.36
C LYS A 51 2.62 1.55 -9.22
N PHE A 52 3.14 1.82 -8.06
CA PHE A 52 4.62 1.68 -7.86
C PHE A 52 4.99 0.20 -7.89
N VAL A 53 4.20 -0.64 -7.28
CA VAL A 53 4.50 -2.12 -7.29
C VAL A 53 4.43 -2.63 -8.74
N GLU A 54 3.47 -2.18 -9.50
CA GLU A 54 3.38 -2.61 -10.94
C GLU A 54 4.71 -2.24 -11.63
N SER A 55 5.27 -1.11 -11.28
CA SER A 55 6.58 -0.68 -11.86
C SER A 55 7.73 -1.43 -11.18
N GLN A 56 7.59 -1.70 -9.90
CA GLN A 56 8.65 -2.46 -9.15
C GLN A 56 9.05 -3.72 -9.90
N GLY A 57 8.08 -4.39 -10.47
CA GLY A 57 8.34 -5.65 -11.25
C GLY A 57 9.38 -5.46 -12.38
N GLU A 58 9.80 -4.24 -12.65
CA GLU A 58 10.80 -4.01 -13.74
C GLU A 58 12.25 -4.14 -13.22
N VAL A 59 12.45 -4.07 -11.92
CA VAL A 59 13.85 -4.17 -11.38
C VAL A 59 14.33 -5.64 -11.37
N ASP A 60 13.47 -6.55 -11.00
CA ASP A 60 13.89 -7.99 -10.95
C ASP A 60 12.65 -8.90 -11.04
N PRO A 61 12.88 -10.14 -11.41
CA PRO A 61 11.76 -11.12 -11.54
C PRO A 61 11.26 -11.61 -10.15
N GLU A 62 11.44 -10.84 -9.12
CA GLU A 62 10.96 -11.25 -7.76
C GLU A 62 9.60 -10.59 -7.45
N ASP A 63 9.18 -9.63 -8.27
CA ASP A 63 7.85 -8.96 -8.03
C ASP A 63 6.69 -9.89 -8.44
N ARG A 64 6.98 -11.12 -8.75
CA ARG A 64 5.89 -12.09 -9.14
C ARG A 64 4.82 -12.19 -8.04
N TYR A 65 5.10 -11.71 -6.86
CA TYR A 65 4.11 -11.75 -5.73
C TYR A 65 2.92 -10.77 -5.96
N VAL A 66 2.70 -10.31 -7.19
CA VAL A 66 1.59 -9.34 -7.54
C VAL A 66 0.78 -8.87 -6.33
N ILE A 67 1.40 -8.09 -5.47
CA ILE A 67 0.68 -7.57 -4.26
C ILE A 67 -0.30 -6.45 -4.66
N LYS A 68 -0.05 -5.76 -5.75
CA LYS A 68 -0.96 -4.65 -6.19
C LYS A 68 -2.42 -5.13 -6.29
N SER A 69 -2.63 -6.34 -6.74
CA SER A 69 -4.03 -6.89 -6.85
C SER A 69 -4.63 -7.04 -5.45
N ASN A 70 -3.87 -7.51 -4.50
CA ASN A 70 -4.39 -7.65 -3.11
C ASN A 70 -4.64 -6.26 -2.53
N LEU A 71 -3.79 -5.31 -2.85
CA LEU A 71 -3.99 -3.91 -2.36
C LEU A 71 -5.25 -3.31 -3.01
N GLN A 72 -5.49 -3.61 -4.27
CA GLN A 72 -6.71 -3.08 -4.95
C GLN A 72 -7.95 -3.53 -4.17
N LYS A 73 -8.02 -4.80 -3.86
CA LYS A 73 -9.18 -5.32 -3.06
C LYS A 73 -9.19 -4.63 -1.69
N LEU A 74 -8.03 -4.41 -1.12
CA LEU A 74 -7.97 -3.70 0.20
C LEU A 74 -8.49 -2.26 0.03
N ASN A 75 -8.10 -1.61 -1.04
CA ASN A 75 -8.56 -0.20 -1.31
C ASN A 75 -10.09 -0.14 -1.39
N ALA A 76 -10.71 -1.10 -2.04
CA ALA A 76 -12.20 -1.10 -2.12
C ALA A 76 -12.79 -1.39 -0.73
N CYS A 77 -12.10 -2.19 0.04
CA CYS A 77 -12.58 -2.51 1.44
C CYS A 77 -12.21 -1.37 2.40
N LEU A 78 -11.06 -0.77 2.20
CA LEU A 78 -10.63 0.36 3.08
C LEU A 78 -10.45 1.64 2.24
N PRO A 79 -11.38 2.56 2.40
CA PRO A 79 -11.31 3.83 1.62
C PRO A 79 -10.22 4.76 2.13
N THR A 80 -9.21 4.92 1.32
CA THR A 80 -8.07 5.84 1.70
C THR A 80 -7.37 6.44 0.47
N SER A 81 -7.81 6.10 -0.71
CA SER A 81 -7.18 6.64 -1.96
C SER A 81 -7.87 6.06 -3.20
N ALA A 82 -8.63 6.83 -3.92
CA ALA A 82 -9.31 6.28 -5.14
C ALA A 82 -8.72 6.85 -6.43
N ASN A 83 -7.54 7.38 -6.36
CA ASN A 83 -6.90 7.93 -7.58
C ASN A 83 -5.81 6.97 -8.07
N ASP A 84 -6.19 5.75 -8.41
CA ASP A 84 -5.19 4.73 -8.91
C ASP A 84 -4.63 5.12 -10.30
N SER A 85 -4.33 6.38 -10.48
CA SER A 85 -3.76 6.90 -11.76
C SER A 85 -3.05 8.22 -11.46
N ALA A 86 -2.31 8.25 -10.37
CA ALA A 86 -1.61 9.51 -9.95
C ALA A 86 -0.20 9.63 -10.57
N LEU A 87 0.78 9.91 -9.75
CA LEU A 87 2.17 10.10 -10.28
C LEU A 87 3.20 9.28 -9.47
N PRO A 88 4.15 8.72 -10.18
CA PRO A 88 5.23 7.92 -9.53
C PRO A 88 6.30 8.86 -8.93
N GLY A 89 7.47 8.35 -8.63
CA GLY A 89 8.53 9.24 -8.06
C GLY A 89 9.92 8.77 -8.50
N VAL A 90 10.53 7.91 -7.73
CA VAL A 90 11.88 7.38 -8.07
C VAL A 90 11.85 5.84 -8.15
N PHE A 91 12.89 5.26 -8.68
CA PHE A 91 12.94 3.77 -8.80
C PHE A 91 14.05 3.20 -7.89
N ILE A 92 13.83 2.01 -7.39
CA ILE A 92 14.86 1.34 -6.51
C ILE A 92 15.50 0.20 -7.31
N ARG A 93 16.73 -0.15 -7.06
CA ARG A 93 17.36 -1.26 -7.88
C ARG A 93 16.79 -2.64 -7.51
N ASP A 94 16.32 -2.84 -6.30
CA ASP A 94 15.75 -4.18 -5.93
C ASP A 94 14.38 -4.00 -5.26
N LEU A 95 13.40 -4.76 -5.70
CA LEU A 95 12.03 -4.66 -5.12
C LEU A 95 12.00 -5.07 -3.63
N ASP A 96 12.90 -5.88 -3.19
CA ASP A 96 12.90 -6.34 -1.76
C ASP A 96 13.00 -5.14 -0.79
N ASP A 97 13.90 -4.23 -1.01
CA ASP A 97 14.00 -3.05 -0.09
C ASP A 97 12.75 -2.18 -0.24
N PHE A 98 12.26 -2.02 -1.45
CA PHE A 98 11.03 -1.21 -1.66
C PHE A 98 9.85 -1.89 -0.96
N ARG A 99 9.71 -3.19 -1.12
CA ARG A 99 8.59 -3.93 -0.45
C ARG A 99 8.58 -3.68 1.06
N LYS A 100 9.71 -3.77 1.69
CA LYS A 100 9.77 -3.54 3.17
C LYS A 100 9.44 -2.08 3.52
N LYS A 101 9.94 -1.14 2.75
CA LYS A 101 9.65 0.30 3.05
C LYS A 101 8.22 0.66 2.60
N LEU A 102 7.73 0.02 1.58
CA LEU A 102 6.34 0.32 1.09
C LEU A 102 5.31 -0.33 2.03
N ARG A 103 5.61 -1.50 2.54
CA ARG A 103 4.64 -2.19 3.45
C ARG A 103 4.58 -1.49 4.80
N PHE A 104 5.71 -1.02 5.29
CA PHE A 104 5.70 -0.32 6.61
C PHE A 104 5.01 1.04 6.46
N TYR A 105 5.25 1.74 5.36
CA TYR A 105 4.61 3.08 5.19
C TYR A 105 3.09 2.94 4.99
N MET A 106 2.63 1.87 4.42
CA MET A 106 1.15 1.70 4.24
C MET A 106 0.50 1.41 5.60
N VAL A 107 1.16 0.63 6.41
CA VAL A 107 0.64 0.32 7.78
C VAL A 107 1.02 1.45 8.76
N HIS A 108 2.06 2.19 8.46
CA HIS A 108 2.47 3.31 9.35
C HIS A 108 1.41 4.43 9.31
N LEU A 109 0.48 4.35 8.37
CA LEU A 109 -0.63 5.37 8.27
C LEU A 109 -1.09 5.90 9.65
N ASN A 110 -1.10 5.05 10.65
CA ASN A 110 -1.53 5.49 12.03
C ASN A 110 -0.94 6.86 12.42
N ASP A 111 0.29 7.14 12.05
CA ASP A 111 0.91 8.47 12.40
C ASP A 111 0.05 9.62 11.85
N LEU A 112 -0.56 9.43 10.72
CA LEU A 112 -1.43 10.49 10.12
C LEU A 112 -2.81 9.91 9.77
N GLU A 113 -3.51 9.41 10.76
CA GLU A 113 -4.87 8.80 10.52
C GLU A 113 -5.72 9.62 9.53
N THR A 114 -5.72 10.93 9.63
CA THR A 114 -6.53 11.77 8.69
C THR A 114 -5.87 11.86 7.30
N VAL A 115 -5.64 10.74 6.67
CA VAL A 115 -5.01 10.77 5.30
C VAL A 115 -6.01 11.32 4.27
N LEU A 116 -7.27 10.98 4.42
CA LEU A 116 -8.30 11.48 3.47
C LEU A 116 -8.69 12.93 3.81
N THR A 117 -7.91 13.88 3.36
CA THR A 117 -8.22 15.33 3.65
C THR A 117 -7.98 16.17 2.39
N SER A 118 -8.30 17.44 2.44
CA SER A 118 -8.09 18.32 1.24
C SER A 118 -6.69 18.93 1.23
N ARG A 119 -6.47 19.96 0.44
CA ARG A 119 -5.11 20.60 0.37
C ARG A 119 -4.76 21.28 1.71
N PRO A 120 -3.56 20.99 2.18
CA PRO A 120 -3.09 21.59 3.47
C PRO A 120 -2.76 23.08 3.30
N PRO A 121 -3.25 23.89 4.21
CA PRO A 121 -3.00 25.35 4.16
C PRO A 121 -1.54 25.68 4.54
N GLN A 122 -0.92 24.88 5.37
CA GLN A 122 0.50 25.16 5.77
C GLN A 122 1.29 23.85 5.95
N PRO A 123 2.56 23.90 5.61
CA PRO A 123 3.43 22.70 5.75
C PRO A 123 3.87 22.47 7.21
N ALA A 124 4.85 23.20 7.66
CA ALA A 124 5.35 23.04 9.07
C ALA A 124 5.27 24.36 9.86
N SER A 125 5.89 24.41 11.01
CA SER A 125 5.85 25.65 11.84
C SER A 125 7.22 26.34 11.88
N GLY A 126 7.30 27.53 12.45
CA GLY A 126 8.61 28.25 12.51
C GLY A 126 8.99 28.51 13.98
N SER A 127 9.60 27.54 14.62
CA SER A 127 10.00 27.71 16.07
C SER A 127 11.27 26.92 16.37
N ASP A 4 -19.89 -26.93 5.21
CA ASP A 4 -20.58 -27.71 4.15
C ASP A 4 -20.91 -26.81 2.94
N THR A 5 -21.77 -25.84 3.12
CA THR A 5 -22.14 -24.93 1.97
C THR A 5 -21.53 -23.53 2.18
N HIS A 6 -21.53 -23.03 3.39
CA HIS A 6 -20.96 -21.68 3.65
C HIS A 6 -19.73 -21.78 4.57
N ARG A 7 -19.51 -20.80 5.41
CA ARG A 7 -18.33 -20.83 6.33
C ARG A 7 -18.70 -20.21 7.69
N LEU A 8 -17.76 -20.15 8.61
CA LEU A 8 -18.08 -19.58 9.96
C LEU A 8 -18.30 -18.06 9.90
N THR A 9 -17.31 -17.31 9.47
CA THR A 9 -17.47 -15.81 9.39
C THR A 9 -16.57 -15.21 8.30
N ARG A 10 -15.34 -15.66 8.21
CA ARG A 10 -14.36 -15.14 7.20
C ARG A 10 -15.03 -14.64 5.90
N THR A 11 -15.31 -13.37 5.82
CA THR A 11 -15.96 -12.79 4.60
C THR A 11 -15.12 -11.61 4.08
N LEU A 12 -14.94 -10.60 4.90
CA LEU A 12 -14.12 -9.42 4.48
C LEU A 12 -12.74 -9.47 5.14
N ASN A 13 -11.75 -9.98 4.45
CA ASN A 13 -10.38 -10.07 5.04
C ASN A 13 -9.60 -8.75 4.82
N CYS A 14 -10.25 -7.62 4.97
CA CYS A 14 -9.55 -6.30 4.77
C CYS A 14 -8.31 -6.19 5.67
N SER A 15 -8.35 -6.73 6.86
CA SER A 15 -7.15 -6.64 7.76
C SER A 15 -6.12 -7.72 7.42
N SER A 16 -6.56 -8.85 6.93
CA SER A 16 -5.62 -9.95 6.58
C SER A 16 -4.69 -9.56 5.42
N ILE A 17 -5.14 -8.72 4.51
CA ILE A 17 -4.26 -8.32 3.36
C ILE A 17 -3.04 -7.53 3.85
N VAL A 18 -3.20 -6.71 4.85
CA VAL A 18 -2.05 -5.92 5.37
C VAL A 18 -1.13 -6.81 6.22
N LYS A 19 -1.70 -7.63 7.08
CA LYS A 19 -0.86 -8.54 7.92
C LYS A 19 -0.08 -9.53 7.03
N GLU A 20 -0.65 -9.94 5.92
CA GLU A 20 0.09 -10.89 5.03
C GLU A 20 1.26 -10.17 4.36
N ILE A 21 1.01 -9.04 3.74
CA ILE A 21 2.11 -8.27 3.09
C ILE A 21 3.24 -8.00 4.10
N ILE A 22 2.90 -7.70 5.33
CA ILE A 22 3.95 -7.43 6.35
C ILE A 22 4.78 -8.71 6.60
N GLY A 23 4.13 -9.84 6.68
CA GLY A 23 4.87 -11.12 6.90
C GLY A 23 5.53 -11.59 5.59
N LYS A 24 4.96 -11.23 4.46
CA LYS A 24 5.53 -11.65 3.14
C LYS A 24 6.69 -10.74 2.73
N LEU A 25 6.66 -9.50 3.14
CA LEU A 25 7.77 -8.57 2.77
C LEU A 25 8.64 -8.21 3.99
N PRO A 26 9.70 -8.98 4.17
CA PRO A 26 10.64 -8.74 5.29
C PRO A 26 11.62 -7.60 4.95
N GLU A 27 12.55 -7.32 5.82
CA GLU A 27 13.53 -6.22 5.55
C GLU A 27 14.97 -6.78 5.47
N PRO A 28 15.29 -7.34 4.32
CA PRO A 28 16.64 -7.92 4.11
C PRO A 28 17.71 -6.83 3.87
N GLU A 29 18.95 -7.22 3.73
CA GLU A 29 20.05 -6.22 3.48
C GLU A 29 20.13 -5.85 1.99
N LEU A 30 19.01 -5.64 1.35
CA LEU A 30 19.00 -5.26 -0.10
C LEU A 30 19.17 -3.74 -0.27
N LYS A 31 19.37 -3.02 0.81
CA LYS A 31 19.52 -1.52 0.82
C LYS A 31 19.34 -0.84 -0.55
N THR A 32 18.33 -0.05 -0.63
CA THR A 32 18.05 0.72 -1.87
C THR A 32 18.13 2.23 -1.53
N ASP A 33 17.06 2.79 -1.03
CA ASP A 33 17.05 4.25 -0.65
C ASP A 33 15.65 4.63 -0.13
N ASP A 34 15.24 5.86 -0.28
CA ASP A 34 13.89 6.28 0.16
C ASP A 34 12.84 5.59 -0.73
N GLU A 35 11.83 5.06 -0.12
CA GLU A 35 10.74 4.33 -0.87
C GLU A 35 9.91 5.30 -1.75
N GLY A 36 8.60 5.21 -1.73
CA GLY A 36 7.77 6.11 -2.59
C GLY A 36 7.71 7.54 -2.03
N PRO A 37 8.38 8.46 -2.71
CA PRO A 37 8.38 9.88 -2.27
C PRO A 37 7.04 10.55 -2.59
N SER A 38 6.79 10.82 -3.85
CA SER A 38 5.47 11.42 -4.27
C SER A 38 4.35 10.43 -3.98
N LEU A 39 4.64 9.15 -4.11
CA LEU A 39 3.64 8.08 -3.84
C LEU A 39 3.18 8.12 -2.36
N ARG A 40 3.86 8.87 -1.53
CA ARG A 40 3.46 8.96 -0.09
C ARG A 40 2.24 9.88 0.10
N ASN A 41 1.64 10.34 -0.98
CA ASN A 41 0.43 11.22 -0.87
C ASN A 41 -0.58 10.62 0.13
N LYS A 42 -1.13 11.42 0.97
CA LYS A 42 -2.11 10.91 2.00
C LYS A 42 -3.37 10.33 1.32
N SER A 43 -4.00 11.10 0.47
CA SER A 43 -5.27 10.64 -0.20
C SER A 43 -5.04 9.41 -1.10
N PHE A 44 -4.01 9.38 -1.91
CA PHE A 44 -3.79 8.21 -2.83
C PHE A 44 -2.54 7.40 -2.45
N ARG A 45 -2.15 7.42 -1.20
CA ARG A 45 -0.92 6.65 -0.78
C ARG A 45 -0.95 5.18 -1.24
N ARG A 46 -1.96 4.44 -0.87
CA ARG A 46 -2.02 3.00 -1.28
C ARG A 46 -2.05 2.87 -2.81
N VAL A 47 -2.79 3.71 -3.49
CA VAL A 47 -2.83 3.66 -4.99
C VAL A 47 -1.43 3.86 -5.56
N ASN A 48 -0.73 4.85 -5.06
CA ASN A 48 0.65 5.10 -5.55
C ASN A 48 1.54 3.88 -5.28
N LEU A 49 1.43 3.31 -4.10
CA LEU A 49 2.27 2.10 -3.77
C LEU A 49 1.95 0.98 -4.77
N SER A 50 0.69 0.77 -5.04
CA SER A 50 0.30 -0.30 -6.02
C SER A 50 0.91 -0.01 -7.40
N LYS A 51 0.94 1.24 -7.79
CA LYS A 51 1.55 1.61 -9.12
C LYS A 51 3.06 1.48 -9.05
N PHE A 52 3.65 1.73 -7.90
CA PHE A 52 5.14 1.59 -7.78
C PHE A 52 5.50 0.10 -7.94
N VAL A 53 4.75 -0.78 -7.33
CA VAL A 53 5.04 -2.24 -7.46
C VAL A 53 4.91 -2.65 -8.94
N GLU A 54 3.88 -2.16 -9.61
CA GLU A 54 3.70 -2.50 -11.06
C GLU A 54 5.01 -2.22 -11.83
N SER A 55 5.58 -1.06 -11.62
CA SER A 55 6.85 -0.67 -12.33
C SER A 55 8.09 -1.32 -11.67
N GLN A 56 8.10 -1.41 -10.36
CA GLN A 56 9.27 -2.04 -9.65
C GLN A 56 9.55 -3.44 -10.19
N GLY A 57 8.55 -4.14 -10.66
CA GLY A 57 8.78 -5.51 -11.23
C GLY A 57 9.78 -5.46 -12.41
N GLU A 58 10.14 -4.26 -12.85
CA GLU A 58 11.10 -4.13 -13.98
C GLU A 58 12.57 -4.19 -13.46
N VAL A 59 12.78 -4.00 -12.17
CA VAL A 59 14.18 -4.07 -11.63
C VAL A 59 14.62 -5.53 -11.46
N ASP A 60 13.72 -6.38 -11.04
CA ASP A 60 14.08 -7.82 -10.85
C ASP A 60 12.81 -8.69 -10.86
N PRO A 61 12.98 -9.95 -11.19
CA PRO A 61 11.83 -10.88 -11.24
C PRO A 61 11.39 -11.35 -9.83
N GLU A 62 11.67 -10.58 -8.80
CA GLU A 62 11.25 -10.97 -7.43
C GLU A 62 9.87 -10.35 -7.09
N ASP A 63 9.42 -9.41 -7.88
CA ASP A 63 8.09 -8.78 -7.62
C ASP A 63 6.95 -9.68 -8.17
N ARG A 64 7.26 -10.90 -8.52
CA ARG A 64 6.21 -11.85 -9.06
C ARG A 64 5.08 -12.11 -8.03
N TYR A 65 5.28 -11.74 -6.78
CA TYR A 65 4.22 -11.96 -5.72
C TYR A 65 2.93 -11.12 -5.96
N VAL A 66 2.67 -10.68 -7.17
CA VAL A 66 1.43 -9.86 -7.51
C VAL A 66 0.57 -9.46 -6.29
N ILE A 67 1.08 -8.61 -5.45
CA ILE A 67 0.28 -8.16 -4.26
C ILE A 67 -0.71 -7.07 -4.71
N LYS A 68 -0.46 -6.45 -5.84
CA LYS A 68 -1.39 -5.38 -6.36
C LYS A 68 -2.84 -5.87 -6.34
N SER A 69 -3.06 -7.11 -6.66
CA SER A 69 -4.46 -7.66 -6.65
C SER A 69 -5.03 -7.61 -5.23
N ASN A 70 -4.26 -8.01 -4.24
CA ASN A 70 -4.76 -7.92 -2.84
C ASN A 70 -4.79 -6.46 -2.39
N LEU A 71 -3.82 -5.69 -2.82
CA LEU A 71 -3.81 -4.23 -2.47
C LEU A 71 -5.03 -3.56 -3.09
N GLN A 72 -5.40 -3.98 -4.28
CA GLN A 72 -6.61 -3.40 -4.93
C GLN A 72 -7.83 -3.68 -4.03
N LYS A 73 -7.97 -4.91 -3.60
CA LYS A 73 -9.10 -5.27 -2.68
C LYS A 73 -9.01 -4.43 -1.39
N LEU A 74 -7.82 -4.26 -0.87
CA LEU A 74 -7.63 -3.42 0.37
C LEU A 74 -7.94 -1.96 0.04
N ASN A 75 -7.49 -1.49 -1.10
CA ASN A 75 -7.74 -0.08 -1.53
C ASN A 75 -9.24 0.15 -1.76
N ALA A 76 -9.91 -0.81 -2.35
CA ALA A 76 -11.39 -0.67 -2.57
C ALA A 76 -12.12 -0.79 -1.21
N CYS A 77 -11.49 -1.46 -0.28
CA CYS A 77 -12.08 -1.63 1.08
C CYS A 77 -11.80 -0.40 1.95
N LEU A 78 -10.71 0.28 1.68
CA LEU A 78 -10.35 1.50 2.48
C LEU A 78 -10.74 2.80 1.73
N PRO A 79 -10.75 3.89 2.48
CA PRO A 79 -11.11 5.22 1.89
C PRO A 79 -10.07 5.68 0.85
N THR A 80 -8.86 5.22 0.97
CA THR A 80 -7.77 5.62 -0.01
C THR A 80 -8.03 5.10 -1.44
N SER A 81 -9.17 4.50 -1.67
CA SER A 81 -9.52 3.95 -3.04
C SER A 81 -8.97 4.82 -4.19
N ALA A 82 -9.58 5.96 -4.45
CA ALA A 82 -9.14 6.89 -5.58
C ALA A 82 -7.95 6.32 -6.41
N ASN A 83 -8.17 5.24 -7.10
CA ASN A 83 -7.08 4.60 -7.90
C ASN A 83 -6.78 5.38 -9.21
N ASP A 84 -6.80 6.69 -9.16
CA ASP A 84 -6.49 7.49 -10.40
C ASP A 84 -5.55 8.66 -10.06
N SER A 85 -4.76 8.52 -9.02
CA SER A 85 -3.80 9.61 -8.65
C SER A 85 -2.46 9.01 -8.22
N ALA A 86 -1.88 8.18 -9.07
CA ALA A 86 -0.56 7.56 -8.73
C ALA A 86 0.57 8.28 -9.49
N LEU A 87 1.23 9.20 -8.84
CA LEU A 87 2.34 9.94 -9.52
C LEU A 87 3.71 9.37 -9.11
N PRO A 88 4.49 9.03 -10.11
CA PRO A 88 5.86 8.46 -9.87
C PRO A 88 6.86 9.55 -9.42
N GLY A 89 7.94 9.15 -8.81
CA GLY A 89 8.96 10.14 -8.35
C GLY A 89 10.37 9.57 -8.59
N VAL A 90 10.86 8.81 -7.66
CA VAL A 90 12.22 8.20 -7.80
C VAL A 90 12.10 6.68 -8.00
N PHE A 91 13.17 6.04 -8.41
CA PHE A 91 13.14 4.56 -8.62
C PHE A 91 14.02 3.88 -7.56
N ILE A 92 13.67 2.70 -7.16
CA ILE A 92 14.45 1.99 -6.08
C ILE A 92 15.43 0.95 -6.68
N ARG A 93 16.60 0.81 -6.11
CA ARG A 93 17.59 -0.18 -6.62
C ARG A 93 17.00 -1.60 -6.70
N ASP A 94 16.35 -2.04 -5.65
CA ASP A 94 15.75 -3.40 -5.67
C ASP A 94 14.32 -3.35 -5.10
N LEU A 95 13.40 -3.97 -5.76
CA LEU A 95 11.97 -3.98 -5.30
C LEU A 95 11.86 -4.46 -3.85
N ASP A 96 12.76 -5.30 -3.40
CA ASP A 96 12.67 -5.82 -2.00
C ASP A 96 12.63 -4.67 -0.96
N ASP A 97 13.50 -3.70 -1.08
CA ASP A 97 13.48 -2.57 -0.10
C ASP A 97 12.20 -1.75 -0.30
N PHE A 98 11.73 -1.63 -1.50
CA PHE A 98 10.48 -0.85 -1.74
C PHE A 98 9.25 -1.57 -1.18
N ARG A 99 9.15 -2.87 -1.37
CA ARG A 99 7.95 -3.62 -0.82
C ARG A 99 7.98 -3.68 0.71
N LYS A 100 9.15 -3.76 1.31
CA LYS A 100 9.19 -3.78 2.81
C LYS A 100 8.96 -2.36 3.35
N LYS A 101 9.46 -1.35 2.68
CA LYS A 101 9.23 0.06 3.13
C LYS A 101 7.76 0.42 2.92
N LEU A 102 7.22 0.08 1.78
CA LEU A 102 5.76 0.38 1.50
C LEU A 102 4.88 -0.34 2.52
N ARG A 103 5.22 -1.56 2.86
CA ARG A 103 4.41 -2.33 3.85
C ARG A 103 4.37 -1.58 5.18
N PHE A 104 5.50 -1.11 5.64
CA PHE A 104 5.53 -0.34 6.92
C PHE A 104 4.92 1.05 6.70
N TYR A 105 5.15 1.65 5.56
CA TYR A 105 4.58 3.01 5.29
C TYR A 105 3.06 2.94 5.04
N MET A 106 2.56 1.86 4.52
CA MET A 106 1.08 1.75 4.29
C MET A 106 0.39 1.47 5.63
N VAL A 107 1.03 0.72 6.48
CA VAL A 107 0.44 0.42 7.83
C VAL A 107 0.71 1.56 8.81
N HIS A 108 1.77 2.31 8.60
CA HIS A 108 2.09 3.45 9.52
C HIS A 108 1.03 4.56 9.35
N LEU A 109 0.28 4.56 8.28
CA LEU A 109 -0.79 5.60 8.07
C LEU A 109 -1.70 5.73 9.32
N ASN A 110 -1.88 4.68 10.07
CA ASN A 110 -2.77 4.75 11.29
C ASN A 110 -2.44 5.97 12.18
N ASP A 111 -1.20 6.40 12.24
CA ASP A 111 -0.84 7.58 13.09
C ASP A 111 -1.21 8.91 12.38
N LEU A 112 -1.63 8.85 11.13
CA LEU A 112 -2.02 10.09 10.40
C LEU A 112 -3.38 9.88 9.71
N GLU A 113 -4.41 9.66 10.49
CA GLU A 113 -5.79 9.44 9.96
C GLU A 113 -6.11 10.31 8.73
N THR A 114 -5.78 11.57 8.79
CA THR A 114 -6.06 12.51 7.65
C THR A 114 -5.57 11.94 6.29
N VAL A 115 -6.46 11.34 5.55
CA VAL A 115 -6.09 10.76 4.22
C VAL A 115 -7.17 11.13 3.18
N LEU A 116 -8.39 10.76 3.42
CA LEU A 116 -9.51 11.08 2.46
C LEU A 116 -10.84 11.24 3.23
N THR A 117 -10.94 12.25 4.05
CA THR A 117 -12.20 12.48 4.83
C THR A 117 -13.02 13.64 4.24
N SER A 118 -13.95 14.19 5.00
CA SER A 118 -14.78 15.31 4.48
C SER A 118 -13.90 16.54 4.15
N ARG A 119 -14.33 17.36 3.22
CA ARG A 119 -13.52 18.56 2.84
C ARG A 119 -13.52 19.60 3.98
N PRO A 120 -12.33 20.06 4.34
CA PRO A 120 -12.19 21.07 5.43
C PRO A 120 -12.69 22.46 4.99
N PRO A 121 -13.29 23.17 5.90
CA PRO A 121 -13.82 24.53 5.59
C PRO A 121 -12.67 25.55 5.48
N GLN A 122 -11.82 25.40 4.50
CA GLN A 122 -10.68 26.36 4.32
C GLN A 122 -10.59 26.84 2.86
N PRO A 123 -10.24 28.10 2.70
CA PRO A 123 -10.11 28.68 1.33
C PRO A 123 -8.84 28.16 0.62
N ALA A 124 -7.73 28.83 0.79
CA ALA A 124 -6.47 28.37 0.12
C ALA A 124 -5.88 27.16 0.85
N SER A 125 -5.72 26.06 0.14
CA SER A 125 -5.15 24.81 0.76
C SER A 125 -3.77 25.08 1.39
N GLY A 126 -3.72 25.32 2.67
CA GLY A 126 -2.40 25.60 3.34
C GLY A 126 -1.71 24.28 3.70
N SER A 127 -1.22 23.56 2.72
CA SER A 127 -0.52 22.26 3.00
C SER A 127 0.97 22.35 2.62
N ASP A 4 -24.01 -26.18 -1.89
CA ASP A 4 -24.57 -25.72 -3.19
C ASP A 4 -25.02 -24.24 -3.10
N THR A 5 -25.58 -23.85 -1.98
CA THR A 5 -26.04 -22.42 -1.83
C THR A 5 -25.12 -21.64 -0.89
N HIS A 6 -23.83 -21.65 -1.16
CA HIS A 6 -22.86 -20.91 -0.29
C HIS A 6 -21.94 -20.02 -1.16
N ARG A 7 -20.99 -19.37 -0.54
CA ARG A 7 -20.05 -18.48 -1.30
C ARG A 7 -18.71 -18.35 -0.56
N LEU A 8 -17.97 -19.43 -0.45
CA LEU A 8 -16.65 -19.39 0.26
C LEU A 8 -15.63 -18.54 -0.53
N THR A 9 -15.93 -18.19 -1.76
CA THR A 9 -14.99 -17.36 -2.58
C THR A 9 -14.73 -15.98 -1.93
N ARG A 10 -15.53 -15.58 -0.97
CA ARG A 10 -15.33 -14.26 -0.30
C ARG A 10 -14.02 -14.27 0.51
N THR A 11 -12.95 -13.82 -0.10
CA THR A 11 -11.62 -13.79 0.61
C THR A 11 -11.59 -12.73 1.72
N LEU A 12 -12.56 -11.83 1.74
CA LEU A 12 -12.65 -10.71 2.76
C LEU A 12 -11.55 -10.76 3.84
N ASN A 13 -10.38 -10.28 3.52
CA ASN A 13 -9.26 -10.26 4.50
C ASN A 13 -8.55 -8.91 4.44
N CYS A 14 -9.30 -7.83 4.46
CA CYS A 14 -8.69 -6.44 4.36
C CYS A 14 -7.50 -6.28 5.32
N SER A 15 -7.58 -6.81 6.51
CA SER A 15 -6.43 -6.66 7.46
C SER A 15 -5.35 -7.72 7.17
N SER A 16 -5.76 -8.93 6.87
CA SER A 16 -4.76 -10.02 6.58
C SER A 16 -3.93 -9.70 5.33
N ILE A 17 -4.47 -8.97 4.37
CA ILE A 17 -3.65 -8.66 3.15
C ILE A 17 -2.44 -7.77 3.52
N VAL A 18 -2.61 -6.88 4.46
CA VAL A 18 -1.46 -6.02 4.87
C VAL A 18 -0.48 -6.85 5.71
N LYS A 19 -0.98 -7.65 6.61
CA LYS A 19 -0.10 -8.50 7.46
C LYS A 19 0.61 -9.55 6.57
N GLU A 20 -0.03 -10.00 5.52
CA GLU A 20 0.61 -11.01 4.62
C GLU A 20 1.77 -10.36 3.85
N ILE A 21 1.52 -9.24 3.20
CA ILE A 21 2.63 -8.56 2.45
C ILE A 21 3.78 -8.22 3.41
N ILE A 22 3.48 -7.84 4.62
CA ILE A 22 4.58 -7.51 5.60
C ILE A 22 5.32 -8.80 6.01
N GLY A 23 4.61 -9.89 6.09
CA GLY A 23 5.25 -11.19 6.48
C GLY A 23 5.96 -11.82 5.26
N LYS A 24 5.44 -11.60 4.07
CA LYS A 24 6.08 -12.18 2.86
C LYS A 24 7.30 -11.34 2.42
N LEU A 25 7.30 -10.08 2.70
CA LEU A 25 8.45 -9.21 2.31
C LEU A 25 9.33 -8.90 3.55
N PRO A 26 10.40 -9.66 3.70
CA PRO A 26 11.32 -9.47 4.85
C PRO A 26 12.17 -8.18 4.68
N GLU A 27 13.34 -8.13 5.28
CA GLU A 27 14.20 -6.92 5.16
C GLU A 27 15.64 -7.32 4.78
N PRO A 28 15.88 -7.44 3.49
CA PRO A 28 17.20 -7.82 2.98
C PRO A 28 18.08 -6.57 2.72
N GLU A 29 19.14 -6.72 1.95
CA GLU A 29 20.04 -5.57 1.65
C GLU A 29 20.86 -5.85 0.37
N LEU A 30 20.19 -6.15 -0.72
CA LEU A 30 20.91 -6.44 -2.00
C LEU A 30 21.71 -5.21 -2.50
N LYS A 31 21.06 -4.08 -2.65
CA LYS A 31 21.78 -2.86 -3.14
C LYS A 31 20.83 -1.64 -3.19
N THR A 32 20.13 -1.36 -2.11
CA THR A 32 19.18 -0.20 -2.09
C THR A 32 19.01 0.31 -0.65
N ASP A 33 18.30 1.37 -0.50
CA ASP A 33 18.07 1.99 0.87
C ASP A 33 17.10 3.18 0.73
N ASP A 34 16.00 3.00 0.04
CA ASP A 34 15.04 4.13 -0.16
C ASP A 34 13.57 3.68 0.02
N GLU A 35 12.67 4.33 -0.69
CA GLU A 35 11.21 3.99 -0.60
C GLU A 35 10.45 4.82 -1.66
N GLY A 36 9.15 4.84 -1.60
CA GLY A 36 8.37 5.63 -2.62
C GLY A 36 8.20 7.09 -2.14
N PRO A 37 8.98 7.99 -2.71
CA PRO A 37 8.90 9.44 -2.33
C PRO A 37 7.53 10.03 -2.71
N SER A 38 7.35 10.46 -3.93
CA SER A 38 6.02 11.01 -4.36
C SER A 38 4.93 9.96 -4.13
N LEU A 39 5.29 8.70 -4.16
CA LEU A 39 4.30 7.61 -3.93
C LEU A 39 3.71 7.69 -2.52
N ARG A 40 4.43 8.24 -1.57
CA ARG A 40 3.90 8.34 -0.17
C ARG A 40 2.96 9.54 -0.02
N ASN A 41 2.60 10.19 -1.11
CA ASN A 41 1.67 11.37 -1.05
C ASN A 41 0.56 11.16 -0.01
N LYS A 42 0.43 12.07 0.91
CA LYS A 42 -0.61 11.94 1.98
C LYS A 42 -2.05 11.81 1.42
N SER A 43 -2.29 12.15 0.16
CA SER A 43 -3.67 12.03 -0.38
C SER A 43 -3.88 10.69 -1.12
N PHE A 44 -3.06 10.35 -2.08
CA PHE A 44 -3.26 9.04 -2.80
C PHE A 44 -2.12 8.03 -2.53
N ARG A 45 -1.44 8.18 -1.40
CA ARG A 45 -0.30 7.25 -1.05
C ARG A 45 -0.63 5.76 -1.30
N ARG A 46 -1.86 5.34 -1.14
CA ARG A 46 -2.19 3.89 -1.38
C ARG A 46 -2.22 3.56 -2.87
N VAL A 47 -2.68 4.47 -3.69
CA VAL A 47 -2.70 4.20 -5.16
C VAL A 47 -1.27 4.22 -5.71
N ASN A 48 -0.47 5.14 -5.23
CA ASN A 48 0.94 5.23 -5.69
C ASN A 48 1.69 3.94 -5.36
N LEU A 49 1.55 3.44 -4.16
CA LEU A 49 2.27 2.18 -3.80
C LEU A 49 1.77 1.01 -4.67
N SER A 50 0.51 1.01 -5.00
CA SER A 50 -0.04 -0.08 -5.88
C SER A 50 0.57 0.01 -7.28
N LYS A 51 0.69 1.20 -7.83
CA LYS A 51 1.32 1.33 -9.19
C LYS A 51 2.84 1.17 -9.06
N PHE A 52 3.40 1.52 -7.93
CA PHE A 52 4.87 1.33 -7.73
C PHE A 52 5.15 -0.18 -7.76
N VAL A 53 4.36 -0.97 -7.07
CA VAL A 53 4.56 -2.46 -7.09
C VAL A 53 4.43 -2.95 -8.54
N GLU A 54 3.43 -2.47 -9.25
CA GLU A 54 3.28 -2.86 -10.69
C GLU A 54 4.62 -2.62 -11.42
N SER A 55 5.28 -1.55 -11.08
CA SER A 55 6.61 -1.21 -11.69
C SER A 55 7.72 -2.05 -11.03
N GLN A 56 7.59 -2.31 -9.76
CA GLN A 56 8.61 -3.13 -9.02
C GLN A 56 8.91 -4.42 -9.77
N GLY A 57 7.89 -5.02 -10.34
CA GLY A 57 8.08 -6.30 -11.11
C GLY A 57 9.12 -6.11 -12.25
N GLU A 58 9.56 -4.90 -12.51
CA GLU A 58 10.56 -4.65 -13.60
C GLU A 58 12.00 -4.70 -13.05
N VAL A 59 12.19 -4.54 -11.75
CA VAL A 59 13.58 -4.58 -11.17
C VAL A 59 14.06 -6.03 -11.02
N ASP A 60 13.20 -6.91 -10.55
CA ASP A 60 13.58 -8.33 -10.37
C ASP A 60 12.36 -9.24 -10.54
N PRO A 61 12.61 -10.48 -10.87
CA PRO A 61 11.49 -11.45 -11.06
C PRO A 61 10.98 -12.00 -9.71
N GLU A 62 11.10 -11.24 -8.65
CA GLU A 62 10.62 -11.70 -7.31
C GLU A 62 9.25 -11.08 -6.99
N ASP A 63 8.85 -10.05 -7.70
CA ASP A 63 7.52 -9.42 -7.42
C ASP A 63 6.38 -10.26 -8.04
N ARG A 64 6.65 -11.48 -8.42
CA ARG A 64 5.59 -12.37 -8.99
C ARG A 64 4.38 -12.49 -8.02
N TYR A 65 4.54 -12.09 -6.77
CA TYR A 65 3.41 -12.16 -5.76
C TYR A 65 2.29 -11.12 -6.07
N VAL A 66 2.20 -10.63 -7.30
CA VAL A 66 1.16 -9.59 -7.70
C VAL A 66 0.30 -9.10 -6.53
N ILE A 67 0.88 -8.30 -5.67
CA ILE A 67 0.14 -7.74 -4.50
C ILE A 67 -0.85 -6.64 -4.95
N LYS A 68 -0.57 -6.00 -6.07
CA LYS A 68 -1.49 -4.91 -6.59
C LYS A 68 -2.96 -5.39 -6.57
N SER A 69 -3.20 -6.60 -7.01
CA SER A 69 -4.62 -7.13 -7.01
C SER A 69 -5.18 -7.10 -5.58
N ASN A 70 -4.41 -7.51 -4.61
CA ASN A 70 -4.91 -7.46 -3.20
C ASN A 70 -4.98 -6.00 -2.74
N LEU A 71 -4.03 -5.20 -3.15
CA LEU A 71 -4.06 -3.75 -2.78
C LEU A 71 -5.30 -3.10 -3.40
N GLN A 72 -5.65 -3.49 -4.60
CA GLN A 72 -6.88 -2.94 -5.25
C GLN A 72 -8.09 -3.26 -4.37
N LYS A 73 -8.21 -4.49 -3.95
CA LYS A 73 -9.34 -4.87 -3.04
C LYS A 73 -9.18 -4.16 -1.69
N LEU A 74 -7.96 -4.03 -1.23
CA LEU A 74 -7.71 -3.31 0.07
C LEU A 74 -8.19 -1.86 -0.06
N ASN A 75 -7.85 -1.21 -1.15
CA ASN A 75 -8.30 0.20 -1.38
C ASN A 75 -9.83 0.24 -1.50
N ALA A 76 -10.42 -0.78 -2.07
CA ALA A 76 -11.92 -0.84 -2.20
C ALA A 76 -12.54 -1.15 -0.82
N CYS A 77 -11.77 -1.72 0.07
CA CYS A 77 -12.28 -2.06 1.43
C CYS A 77 -12.02 -0.88 2.40
N LEU A 78 -11.03 -0.07 2.11
CA LEU A 78 -10.70 1.08 3.00
C LEU A 78 -11.29 2.40 2.44
N PRO A 79 -11.31 3.41 3.28
CA PRO A 79 -11.87 4.73 2.89
C PRO A 79 -11.03 5.39 1.77
N THR A 80 -9.78 5.03 1.67
CA THR A 80 -8.89 5.60 0.61
C THR A 80 -9.58 5.52 -0.76
N SER A 81 -9.51 6.57 -1.53
CA SER A 81 -10.17 6.57 -2.88
C SER A 81 -9.57 7.66 -3.78
N ALA A 82 -8.59 7.30 -4.56
CA ALA A 82 -7.95 8.28 -5.50
C ALA A 82 -7.18 7.53 -6.59
N ASN A 83 -7.88 6.75 -7.37
CA ASN A 83 -7.19 5.96 -8.44
C ASN A 83 -6.79 6.81 -9.65
N ASP A 84 -6.85 8.10 -9.55
CA ASP A 84 -6.45 8.99 -10.69
C ASP A 84 -5.20 9.81 -10.33
N SER A 85 -4.33 9.27 -9.51
CA SER A 85 -3.08 10.00 -9.13
C SER A 85 -1.94 9.02 -8.84
N ALA A 86 -1.71 8.09 -9.74
CA ALA A 86 -0.61 7.09 -9.54
C ALA A 86 0.71 7.64 -10.13
N LEU A 87 1.47 8.32 -9.31
CA LEU A 87 2.76 8.91 -9.78
C LEU A 87 3.96 8.20 -9.14
N PRO A 88 4.87 7.76 -9.98
CA PRO A 88 6.08 7.05 -9.48
C PRO A 88 7.12 8.04 -8.90
N GLY A 89 8.35 7.61 -8.75
CA GLY A 89 9.41 8.51 -8.19
C GLY A 89 10.79 7.98 -8.57
N VAL A 90 11.32 7.08 -7.79
CA VAL A 90 12.66 6.50 -8.08
C VAL A 90 12.59 4.97 -8.13
N PHE A 91 13.52 4.33 -8.81
CA PHE A 91 13.49 2.84 -8.90
C PHE A 91 14.48 2.21 -7.89
N ILE A 92 14.01 1.27 -7.12
CA ILE A 92 14.91 0.61 -6.10
C ILE A 92 15.45 -0.71 -6.67
N ARG A 93 16.69 -1.04 -6.39
CA ARG A 93 17.24 -2.33 -6.92
C ARG A 93 16.66 -3.52 -6.13
N ASP A 94 16.65 -3.44 -4.82
CA ASP A 94 16.07 -4.55 -4.01
C ASP A 94 14.58 -4.30 -3.81
N LEU A 95 13.77 -4.95 -4.59
CA LEU A 95 12.30 -4.76 -4.48
C LEU A 95 11.81 -5.05 -3.05
N ASP A 96 12.45 -5.95 -2.35
CA ASP A 96 12.04 -6.26 -0.95
C ASP A 96 12.15 -5.00 -0.08
N ASP A 97 13.25 -4.30 -0.16
CA ASP A 97 13.42 -3.04 0.63
C ASP A 97 12.23 -2.10 0.36
N PHE A 98 11.89 -1.92 -0.89
CA PHE A 98 10.72 -1.06 -1.23
C PHE A 98 9.44 -1.68 -0.67
N ARG A 99 9.29 -2.98 -0.77
CA ARG A 99 8.05 -3.65 -0.24
C ARG A 99 7.98 -3.53 1.29
N LYS A 100 9.08 -3.43 1.96
CA LYS A 100 9.01 -3.27 3.44
C LYS A 100 8.65 -1.83 3.78
N LYS A 101 9.20 -0.88 3.06
CA LYS A 101 8.87 0.55 3.32
C LYS A 101 7.42 0.88 2.87
N LEU A 102 6.98 0.32 1.76
CA LEU A 102 5.59 0.62 1.27
C LEU A 102 4.54 -0.01 2.20
N ARG A 103 4.80 -1.19 2.70
CA ARG A 103 3.80 -1.83 3.61
C ARG A 103 3.84 -1.17 4.99
N PHE A 104 4.98 -0.73 5.41
CA PHE A 104 5.09 -0.05 6.74
C PHE A 104 4.45 1.35 6.66
N TYR A 105 4.67 2.06 5.59
CA TYR A 105 4.07 3.44 5.46
C TYR A 105 2.54 3.35 5.36
N MET A 106 2.02 2.37 4.67
CA MET A 106 0.53 2.24 4.59
C MET A 106 -0.03 1.88 5.96
N VAL A 107 0.68 1.09 6.70
CA VAL A 107 0.25 0.71 8.08
C VAL A 107 0.57 1.85 9.06
N HIS A 108 1.52 2.69 8.72
CA HIS A 108 1.88 3.83 9.61
C HIS A 108 0.72 4.85 9.69
N LEU A 109 -0.27 4.72 8.82
CA LEU A 109 -1.44 5.67 8.86
C LEU A 109 -1.92 5.90 10.31
N ASN A 110 -1.87 4.89 11.15
CA ASN A 110 -2.31 5.05 12.58
C ASN A 110 -1.12 4.90 13.55
N ASP A 111 0.10 5.09 13.09
CA ASP A 111 1.28 4.93 14.00
C ASP A 111 2.03 6.28 14.17
N LEU A 112 2.74 6.72 13.16
CA LEU A 112 3.51 8.00 13.27
C LEU A 112 3.38 8.84 11.98
N GLU A 113 3.62 8.23 10.85
CA GLU A 113 3.51 8.96 9.54
C GLU A 113 2.08 9.43 9.25
N THR A 114 1.14 9.01 10.07
CA THR A 114 -0.34 9.38 9.92
C THR A 114 -0.62 10.19 8.65
N VAL A 115 -0.98 9.50 7.59
CA VAL A 115 -1.28 10.18 6.30
C VAL A 115 -2.52 11.08 6.40
N LEU A 116 -3.67 10.50 6.61
CA LEU A 116 -4.92 11.32 6.71
C LEU A 116 -6.10 10.42 7.13
N THR A 117 -6.64 10.63 8.31
CA THR A 117 -7.79 9.80 8.78
C THR A 117 -9.11 10.53 8.51
N SER A 118 -10.15 9.80 8.19
CA SER A 118 -11.48 10.46 7.92
C SER A 118 -12.62 9.60 8.45
N ARG A 119 -12.92 9.70 9.71
CA ARG A 119 -14.04 8.89 10.28
C ARG A 119 -15.28 9.77 10.52
N PRO A 120 -16.39 9.35 10.00
CA PRO A 120 -17.66 10.12 10.16
C PRO A 120 -18.23 9.92 11.59
N PRO A 121 -18.35 11.02 12.31
CA PRO A 121 -18.90 10.96 13.70
C PRO A 121 -20.39 10.61 13.69
N GLN A 122 -21.11 11.04 12.69
CA GLN A 122 -22.57 10.73 12.62
C GLN A 122 -22.81 9.56 11.63
N PRO A 123 -23.35 8.48 12.15
CA PRO A 123 -23.63 7.30 11.30
C PRO A 123 -24.81 7.55 10.35
N ALA A 124 -25.10 6.61 9.49
CA ALA A 124 -26.24 6.80 8.54
C ALA A 124 -26.88 5.45 8.16
N SER A 125 -27.86 5.47 7.31
CA SER A 125 -28.53 4.20 6.88
C SER A 125 -27.76 3.52 5.72
N GLY A 126 -26.84 4.22 5.11
CA GLY A 126 -26.05 3.64 3.98
C GLY A 126 -24.58 3.48 4.42
N SER A 127 -23.79 4.51 4.29
CA SER A 127 -22.35 4.42 4.70
C SER A 127 -21.71 5.82 4.74
N ASP A 4 -24.55 -15.20 -7.30
CA ASP A 4 -26.05 -15.32 -7.41
C ASP A 4 -26.68 -15.59 -6.04
N THR A 5 -26.25 -16.63 -5.37
CA THR A 5 -26.82 -16.95 -4.02
C THR A 5 -26.12 -16.12 -2.92
N HIS A 6 -24.83 -16.31 -2.74
CA HIS A 6 -24.10 -15.52 -1.69
C HIS A 6 -22.58 -15.55 -1.96
N ARG A 7 -21.79 -15.20 -0.97
CA ARG A 7 -20.30 -15.20 -1.16
C ARG A 7 -19.74 -16.64 -1.08
N LEU A 8 -18.53 -16.85 -1.56
CA LEU A 8 -17.94 -18.24 -1.52
C LEU A 8 -17.33 -18.56 -0.15
N THR A 9 -16.37 -17.78 0.30
CA THR A 9 -15.71 -18.08 1.63
C THR A 9 -15.14 -16.81 2.26
N ARG A 10 -14.37 -16.06 1.51
CA ARG A 10 -13.77 -14.80 2.05
C ARG A 10 -14.70 -13.60 1.80
N THR A 11 -15.39 -13.15 2.80
CA THR A 11 -16.32 -11.98 2.64
C THR A 11 -15.59 -10.66 2.93
N LEU A 12 -14.79 -10.63 3.97
CA LEU A 12 -14.04 -9.38 4.31
C LEU A 12 -12.67 -9.72 4.95
N ASN A 13 -11.62 -9.67 4.18
CA ASN A 13 -10.27 -9.98 4.74
C ASN A 13 -9.25 -8.88 4.36
N CYS A 14 -9.67 -7.64 4.37
CA CYS A 14 -8.71 -6.52 4.01
C CYS A 14 -7.63 -6.34 5.08
N SER A 15 -7.83 -6.84 6.27
CA SER A 15 -6.78 -6.70 7.33
C SER A 15 -5.69 -7.77 7.15
N SER A 16 -6.09 -8.98 6.84
CA SER A 16 -5.10 -10.08 6.65
C SER A 16 -4.16 -9.80 5.46
N ILE A 17 -4.60 -9.07 4.47
CA ILE A 17 -3.70 -8.76 3.30
C ILE A 17 -2.54 -7.87 3.77
N VAL A 18 -2.79 -6.97 4.69
CA VAL A 18 -1.67 -6.10 5.19
C VAL A 18 -0.70 -6.97 5.98
N LYS A 19 -1.21 -7.80 6.87
CA LYS A 19 -0.31 -8.71 7.65
C LYS A 19 0.40 -9.68 6.67
N GLU A 20 -0.28 -10.11 5.64
CA GLU A 20 0.35 -11.03 4.64
C GLU A 20 1.45 -10.27 3.88
N ILE A 21 1.11 -9.14 3.31
CA ILE A 21 2.14 -8.32 2.58
C ILE A 21 3.36 -8.08 3.48
N ILE A 22 3.14 -7.83 4.75
CA ILE A 22 4.30 -7.60 5.68
C ILE A 22 4.98 -8.94 6.01
N GLY A 23 4.24 -10.02 6.06
CA GLY A 23 4.86 -11.35 6.36
C GLY A 23 5.50 -11.95 5.10
N LYS A 24 5.08 -11.52 3.93
CA LYS A 24 5.66 -12.09 2.67
C LYS A 24 6.99 -11.40 2.30
N LEU A 25 7.14 -10.15 2.65
CA LEU A 25 8.43 -9.45 2.33
C LEU A 25 9.26 -9.25 3.62
N PRO A 26 10.53 -9.59 3.54
CA PRO A 26 11.43 -9.46 4.71
C PRO A 26 12.08 -8.06 4.76
N GLU A 27 13.22 -7.94 5.40
CA GLU A 27 13.90 -6.60 5.48
C GLU A 27 15.39 -6.72 5.08
N PRO A 28 15.62 -6.95 3.80
CA PRO A 28 17.00 -7.09 3.29
C PRO A 28 17.59 -5.72 2.89
N GLU A 29 18.77 -5.72 2.33
CA GLU A 29 19.42 -4.44 1.90
C GLU A 29 20.52 -4.71 0.86
N LEU A 30 20.16 -4.97 -0.38
CA LEU A 30 21.20 -5.26 -1.42
C LEU A 30 22.02 -4.01 -1.76
N LYS A 31 21.37 -2.92 -2.14
CA LYS A 31 22.13 -1.67 -2.47
C LYS A 31 21.16 -0.50 -2.81
N THR A 32 20.18 -0.27 -2.00
CA THR A 32 19.23 0.84 -2.26
C THR A 32 18.98 1.63 -0.97
N ASP A 33 18.39 2.78 -1.08
CA ASP A 33 18.13 3.62 0.13
C ASP A 33 17.03 4.68 -0.15
N ASP A 34 16.03 4.32 -0.90
CA ASP A 34 14.94 5.29 -1.21
C ASP A 34 13.57 4.56 -1.20
N GLU A 35 12.52 5.32 -1.20
CA GLU A 35 11.14 4.75 -1.22
C GLU A 35 10.24 5.58 -2.15
N GLY A 36 8.95 5.38 -2.11
CA GLY A 36 8.04 6.19 -3.00
C GLY A 36 7.94 7.63 -2.49
N PRO A 37 8.54 8.57 -3.20
CA PRO A 37 8.49 9.99 -2.79
C PRO A 37 7.07 10.56 -2.99
N SER A 38 6.74 10.98 -4.19
CA SER A 38 5.37 11.52 -4.45
C SER A 38 4.31 10.45 -4.12
N LEU A 39 4.67 9.20 -4.24
CA LEU A 39 3.73 8.09 -3.91
C LEU A 39 3.35 8.12 -2.41
N ARG A 40 4.10 8.83 -1.60
CA ARG A 40 3.79 8.92 -0.13
C ARG A 40 2.72 9.99 0.16
N ASN A 41 2.10 10.54 -0.87
CA ASN A 41 1.06 11.61 -0.68
C ASN A 41 0.06 11.29 0.45
N LYS A 42 -0.72 12.26 0.84
CA LYS A 42 -1.70 12.04 1.95
C LYS A 42 -2.74 10.97 1.59
N SER A 43 -3.53 11.19 0.58
CA SER A 43 -4.60 10.21 0.18
C SER A 43 -4.16 9.25 -0.94
N PHE A 44 -3.65 9.78 -2.03
CA PHE A 44 -3.25 8.91 -3.20
C PHE A 44 -2.06 7.95 -2.88
N ARG A 45 -1.63 7.86 -1.65
CA ARG A 45 -0.46 6.95 -1.34
C ARG A 45 -0.75 5.48 -1.68
N ARG A 46 -1.92 4.97 -1.38
CA ARG A 46 -2.21 3.53 -1.69
C ARG A 46 -2.29 3.29 -3.21
N VAL A 47 -2.91 4.19 -3.95
CA VAL A 47 -2.98 4.00 -5.44
C VAL A 47 -1.57 4.11 -6.03
N ASN A 48 -0.80 5.07 -5.57
CA ASN A 48 0.59 5.20 -6.08
C ASN A 48 1.38 3.95 -5.70
N LEU A 49 1.21 3.48 -4.50
CA LEU A 49 1.93 2.24 -4.05
C LEU A 49 1.62 1.07 -5.01
N SER A 50 0.38 0.88 -5.36
CA SER A 50 0.02 -0.23 -6.31
C SER A 50 0.70 -0.01 -7.67
N LYS A 51 0.70 1.20 -8.15
CA LYS A 51 1.36 1.49 -9.46
C LYS A 51 2.89 1.41 -9.32
N PHE A 52 3.41 1.77 -8.17
CA PHE A 52 4.89 1.71 -7.96
C PHE A 52 5.33 0.23 -7.97
N VAL A 53 4.54 -0.63 -7.37
CA VAL A 53 4.89 -2.09 -7.37
C VAL A 53 4.79 -2.62 -8.82
N GLU A 54 3.79 -2.23 -9.55
CA GLU A 54 3.66 -2.68 -10.98
C GLU A 54 4.97 -2.40 -11.74
N SER A 55 5.53 -1.24 -11.55
CA SER A 55 6.82 -0.88 -12.24
C SER A 55 8.02 -1.55 -11.55
N GLN A 56 7.96 -1.70 -10.25
CA GLN A 56 9.09 -2.36 -9.52
C GLN A 56 9.35 -3.76 -10.07
N GLY A 57 8.33 -4.42 -10.57
CA GLY A 57 8.53 -5.79 -11.14
C GLY A 57 9.59 -5.76 -12.28
N GLU A 58 9.98 -4.60 -12.73
CA GLU A 58 11.01 -4.48 -13.80
C GLU A 58 12.44 -4.54 -13.20
N VAL A 59 12.57 -4.30 -11.91
CA VAL A 59 13.94 -4.35 -11.28
C VAL A 59 14.37 -5.81 -11.05
N ASP A 60 13.45 -6.66 -10.68
CA ASP A 60 13.77 -8.09 -10.43
C ASP A 60 12.52 -8.96 -10.71
N PRO A 61 12.74 -10.18 -11.14
CA PRO A 61 11.59 -11.07 -11.45
C PRO A 61 10.94 -11.66 -10.19
N GLU A 62 11.05 -10.99 -9.06
CA GLU A 62 10.44 -11.51 -7.81
C GLU A 62 9.11 -10.78 -7.50
N ASP A 63 8.80 -9.73 -8.22
CA ASP A 63 7.50 -9.01 -7.96
C ASP A 63 6.31 -9.83 -8.46
N ARG A 64 6.56 -11.04 -8.90
CA ARG A 64 5.45 -11.93 -9.39
C ARG A 64 4.32 -12.08 -8.33
N TYR A 65 4.56 -11.68 -7.10
CA TYR A 65 3.51 -11.78 -6.02
C TYR A 65 2.31 -10.81 -6.27
N VAL A 66 2.09 -10.36 -7.50
CA VAL A 66 0.97 -9.39 -7.87
C VAL A 66 0.18 -8.86 -6.64
N ILE A 67 0.82 -8.08 -5.83
CA ILE A 67 0.15 -7.50 -4.62
C ILE A 67 -0.87 -6.42 -5.04
N LYS A 68 -0.67 -5.80 -6.18
CA LYS A 68 -1.63 -4.75 -6.67
C LYS A 68 -3.09 -5.23 -6.53
N SER A 69 -3.38 -6.41 -7.03
CA SER A 69 -4.77 -6.96 -6.93
C SER A 69 -5.20 -7.03 -5.45
N ASN A 70 -4.32 -7.45 -4.58
CA ASN A 70 -4.66 -7.52 -3.13
C ASN A 70 -4.84 -6.10 -2.58
N LEU A 71 -3.98 -5.20 -2.98
CA LEU A 71 -4.11 -3.78 -2.50
C LEU A 71 -5.42 -3.17 -3.02
N GLN A 72 -5.78 -3.49 -4.24
CA GLN A 72 -7.06 -2.97 -4.81
C GLN A 72 -8.22 -3.39 -3.91
N LYS A 73 -8.28 -4.65 -3.56
CA LYS A 73 -9.36 -5.13 -2.64
C LYS A 73 -9.20 -4.48 -1.25
N LEU A 74 -7.97 -4.20 -0.85
CA LEU A 74 -7.73 -3.54 0.46
C LEU A 74 -8.25 -2.09 0.40
N ASN A 75 -7.99 -1.40 -0.69
CA ASN A 75 -8.47 0.00 -0.84
C ASN A 75 -10.01 0.05 -0.80
N ALA A 76 -10.66 -0.87 -1.47
CA ALA A 76 -12.16 -0.89 -1.48
C ALA A 76 -12.69 -1.18 -0.06
N CYS A 77 -11.95 -1.95 0.71
CA CYS A 77 -12.38 -2.26 2.11
C CYS A 77 -12.02 -1.11 3.05
N LEU A 78 -11.12 -0.24 2.65
CA LEU A 78 -10.72 0.91 3.52
C LEU A 78 -11.50 2.19 3.16
N PRO A 79 -11.48 3.13 4.07
CA PRO A 79 -12.18 4.43 3.86
C PRO A 79 -11.53 5.27 2.75
N THR A 80 -10.28 5.04 2.48
CA THR A 80 -9.55 5.82 1.42
C THR A 80 -10.21 5.66 0.05
N SER A 81 -9.61 6.25 -0.95
CA SER A 81 -10.17 6.17 -2.35
C SER A 81 -9.17 6.74 -3.36
N ALA A 82 -8.94 8.03 -3.32
CA ALA A 82 -7.99 8.74 -4.25
C ALA A 82 -7.36 7.82 -5.31
N ASN A 83 -8.17 7.28 -6.19
CA ASN A 83 -7.63 6.37 -7.25
C ASN A 83 -7.44 7.12 -8.59
N ASP A 84 -7.16 8.40 -8.56
CA ASP A 84 -6.98 9.16 -9.84
C ASP A 84 -5.65 9.93 -9.85
N SER A 85 -4.69 9.52 -9.06
CA SER A 85 -3.37 10.23 -9.06
C SER A 85 -2.21 9.24 -8.88
N ALA A 86 -2.20 8.19 -9.65
CA ALA A 86 -1.07 7.20 -9.54
C ALA A 86 0.14 7.68 -10.38
N LEU A 87 1.01 8.44 -9.77
CA LEU A 87 2.20 8.96 -10.51
C LEU A 87 3.49 8.20 -10.13
N PRO A 88 4.40 8.14 -11.08
CA PRO A 88 5.69 7.43 -10.84
C PRO A 88 6.63 8.30 -9.97
N GLY A 89 7.54 7.69 -9.27
CA GLY A 89 8.49 8.46 -8.41
C GLY A 89 9.93 8.01 -8.64
N VAL A 90 10.38 7.04 -7.89
CA VAL A 90 11.78 6.54 -8.05
C VAL A 90 11.79 5.01 -8.22
N PHE A 91 12.89 4.45 -8.64
CA PHE A 91 12.99 2.98 -8.83
C PHE A 91 14.05 2.39 -7.88
N ILE A 92 13.85 1.18 -7.42
CA ILE A 92 14.82 0.55 -6.48
C ILE A 92 15.26 -0.83 -6.99
N ARG A 93 16.47 -1.23 -6.71
CA ARG A 93 16.95 -2.56 -7.20
C ARG A 93 16.42 -3.70 -6.31
N ASP A 94 16.50 -3.56 -5.03
CA ASP A 94 16.01 -4.64 -4.12
C ASP A 94 14.48 -4.51 -3.91
N LEU A 95 13.75 -5.49 -4.33
CA LEU A 95 12.25 -5.44 -4.17
C LEU A 95 11.88 -5.37 -2.72
N ASP A 96 12.33 -6.35 -2.02
CA ASP A 96 12.01 -6.46 -0.60
C ASP A 96 12.31 -5.14 0.13
N ASP A 97 13.43 -4.50 -0.18
CA ASP A 97 13.73 -3.18 0.47
C ASP A 97 12.56 -2.22 0.23
N PHE A 98 12.15 -2.09 -1.00
CA PHE A 98 10.99 -1.20 -1.29
C PHE A 98 9.74 -1.73 -0.58
N ARG A 99 9.56 -3.02 -0.56
CA ARG A 99 8.37 -3.60 0.13
C ARG A 99 8.43 -3.33 1.64
N LYS A 100 9.59 -3.33 2.22
CA LYS A 100 9.68 -3.06 3.70
C LYS A 100 9.33 -1.61 3.99
N LYS A 101 9.84 -0.68 3.21
CA LYS A 101 9.50 0.75 3.49
C LYS A 101 8.09 1.09 2.97
N LEU A 102 7.64 0.41 1.94
CA LEU A 102 6.26 0.69 1.42
C LEU A 102 5.20 0.10 2.36
N ARG A 103 5.46 -1.06 2.94
CA ARG A 103 4.45 -1.66 3.87
C ARG A 103 4.38 -0.83 5.15
N PHE A 104 5.50 -0.39 5.66
CA PHE A 104 5.50 0.44 6.90
C PHE A 104 4.67 1.71 6.68
N TYR A 105 4.85 2.38 5.57
CA TYR A 105 4.04 3.61 5.31
C TYR A 105 2.58 3.26 4.97
N MET A 106 2.36 2.12 4.40
CA MET A 106 0.96 1.70 4.06
C MET A 106 0.21 1.34 5.36
N VAL A 107 0.89 0.72 6.29
CA VAL A 107 0.25 0.35 7.59
C VAL A 107 0.25 1.54 8.55
N HIS A 108 1.20 2.43 8.43
CA HIS A 108 1.26 3.62 9.33
C HIS A 108 0.09 4.57 8.99
N LEU A 109 -0.53 4.43 7.83
CA LEU A 109 -1.69 5.30 7.45
C LEU A 109 -2.67 5.48 8.63
N ASN A 110 -2.86 4.45 9.42
CA ASN A 110 -3.81 4.55 10.59
C ASN A 110 -3.43 5.72 11.51
N ASP A 111 -2.16 5.91 11.80
CA ASP A 111 -1.72 7.03 12.69
C ASP A 111 -1.74 8.38 11.92
N LEU A 112 -2.15 8.39 10.68
CA LEU A 112 -2.18 9.66 9.91
C LEU A 112 -3.56 9.84 9.24
N GLU A 113 -4.60 9.98 10.02
CA GLU A 113 -5.99 10.18 9.46
C GLU A 113 -6.01 11.24 8.35
N THR A 114 -5.03 12.14 8.35
CA THR A 114 -4.95 13.20 7.28
C THR A 114 -5.15 12.59 5.88
N VAL A 115 -4.86 11.33 5.71
CA VAL A 115 -5.04 10.67 4.37
C VAL A 115 -6.49 10.89 3.86
N LEU A 116 -7.44 10.93 4.75
CA LEU A 116 -8.87 11.14 4.34
C LEU A 116 -9.29 12.60 4.57
N THR A 117 -10.24 13.08 3.82
CA THR A 117 -10.72 14.48 4.00
C THR A 117 -12.11 14.50 4.67
N SER A 118 -12.62 15.66 5.00
CA SER A 118 -13.98 15.72 5.64
C SER A 118 -15.07 15.44 4.59
N ARG A 119 -15.17 14.23 4.13
CA ARG A 119 -16.21 13.88 3.10
C ARG A 119 -17.53 13.50 3.78
N PRO A 120 -18.61 13.70 3.07
CA PRO A 120 -19.96 13.39 3.62
C PRO A 120 -20.20 11.86 3.72
N PRO A 121 -20.83 11.44 4.80
CA PRO A 121 -21.14 10.00 5.01
C PRO A 121 -22.24 9.52 4.04
N GLN A 122 -21.94 9.47 2.78
CA GLN A 122 -22.95 9.04 1.76
C GLN A 122 -22.42 7.84 0.95
N PRO A 123 -23.20 7.40 -0.01
CA PRO A 123 -22.79 6.26 -0.88
C PRO A 123 -21.66 6.70 -1.85
N ALA A 124 -21.24 5.82 -2.71
CA ALA A 124 -20.15 6.17 -3.67
C ALA A 124 -20.68 6.28 -5.11
N SER A 125 -19.80 6.60 -6.04
CA SER A 125 -20.22 6.72 -7.48
C SER A 125 -19.24 5.94 -8.39
N GLY A 126 -18.87 6.48 -9.53
CA GLY A 126 -17.92 5.74 -10.43
C GLY A 126 -17.66 6.57 -11.70
N SER A 127 -17.50 5.90 -12.82
CA SER A 127 -17.25 6.61 -14.12
C SER A 127 -15.99 7.51 -14.03
N ASP A 4 -8.30 -23.85 4.51
CA ASP A 4 -8.01 -24.13 5.95
C ASP A 4 -7.05 -23.06 6.54
N THR A 5 -6.46 -22.25 5.69
CA THR A 5 -5.51 -21.20 6.18
C THR A 5 -6.28 -19.99 6.75
N HIS A 6 -7.51 -19.81 6.35
CA HIS A 6 -8.31 -18.65 6.86
C HIS A 6 -9.78 -19.05 7.05
N ARG A 7 -10.59 -18.15 7.53
CA ARG A 7 -12.04 -18.45 7.74
C ARG A 7 -12.86 -18.11 6.49
N LEU A 8 -13.56 -19.06 5.94
CA LEU A 8 -14.39 -18.79 4.72
C LEU A 8 -15.52 -17.78 5.02
N THR A 9 -15.87 -17.60 6.26
CA THR A 9 -16.97 -16.64 6.62
C THR A 9 -16.43 -15.20 6.73
N ARG A 10 -15.15 -14.99 6.64
CA ARG A 10 -14.57 -13.61 6.75
C ARG A 10 -15.20 -12.66 5.71
N THR A 11 -16.25 -11.97 6.10
CA THR A 11 -16.93 -11.01 5.16
C THR A 11 -15.95 -9.94 4.67
N LEU A 12 -15.05 -9.51 5.53
CA LEU A 12 -14.06 -8.45 5.13
C LEU A 12 -12.64 -8.94 5.42
N ASN A 13 -11.80 -8.96 4.43
CA ASN A 13 -10.39 -9.43 4.63
C ASN A 13 -9.40 -8.24 4.69
N CYS A 14 -9.89 -7.02 4.75
CA CYS A 14 -8.99 -5.81 4.82
C CYS A 14 -7.72 -6.05 5.66
N SER A 15 -7.85 -6.59 6.84
CA SER A 15 -6.64 -6.82 7.71
C SER A 15 -5.82 -8.02 7.25
N SER A 16 -6.37 -8.89 6.45
CA SER A 16 -5.57 -10.07 5.98
C SER A 16 -4.53 -9.65 4.95
N ILE A 17 -4.82 -8.66 4.15
CA ILE A 17 -3.81 -8.20 3.14
C ILE A 17 -2.70 -7.45 3.86
N VAL A 18 -3.04 -6.71 4.88
CA VAL A 18 -2.01 -5.94 5.63
C VAL A 18 -1.06 -6.91 6.34
N LYS A 19 -1.59 -7.91 7.00
CA LYS A 19 -0.72 -8.90 7.69
C LYS A 19 0.04 -9.77 6.66
N GLU A 20 -0.53 -9.96 5.49
CA GLU A 20 0.17 -10.77 4.46
C GLU A 20 1.25 -9.91 3.77
N ILE A 21 0.92 -8.68 3.46
CA ILE A 21 1.92 -7.78 2.82
C ILE A 21 3.17 -7.66 3.71
N ILE A 22 3.00 -7.55 5.00
CA ILE A 22 4.19 -7.48 5.91
C ILE A 22 4.82 -8.87 6.07
N GLY A 23 4.02 -9.92 5.97
CA GLY A 23 4.58 -11.31 6.10
C GLY A 23 5.26 -11.74 4.81
N LYS A 24 4.85 -11.22 3.68
CA LYS A 24 5.50 -11.60 2.38
C LYS A 24 6.74 -10.74 2.12
N LEU A 25 6.71 -9.52 2.60
CA LEU A 25 7.86 -8.59 2.41
C LEU A 25 8.48 -8.22 3.77
N PRO A 26 9.50 -8.96 4.14
CA PRO A 26 10.19 -8.72 5.44
C PRO A 26 11.10 -7.47 5.37
N GLU A 27 12.18 -7.45 6.11
CA GLU A 27 13.11 -6.27 6.07
C GLU A 27 14.48 -6.68 5.51
N PRO A 28 14.49 -7.17 4.28
CA PRO A 28 15.76 -7.61 3.65
C PRO A 28 16.65 -6.41 3.25
N GLU A 29 17.83 -6.72 2.77
CA GLU A 29 18.78 -5.65 2.33
C GLU A 29 19.68 -6.21 1.22
N LEU A 30 19.14 -6.40 0.04
CA LEU A 30 19.94 -6.96 -1.10
C LEU A 30 20.96 -5.93 -1.60
N LYS A 31 20.51 -4.73 -1.89
CA LYS A 31 21.46 -3.68 -2.38
C LYS A 31 20.78 -2.29 -2.47
N THR A 32 19.83 -2.01 -1.61
CA THR A 32 19.13 -0.70 -1.65
C THR A 32 18.44 -0.44 -0.30
N ASP A 33 17.89 0.73 -0.13
CA ASP A 33 17.16 1.08 1.13
C ASP A 33 16.55 2.50 1.06
N ASP A 34 15.59 2.68 0.18
CA ASP A 34 14.94 4.02 0.05
C ASP A 34 13.41 3.86 0.15
N GLU A 35 12.67 4.83 -0.33
CA GLU A 35 11.18 4.75 -0.26
C GLU A 35 10.54 5.87 -1.11
N GLY A 36 9.33 5.66 -1.56
CA GLY A 36 8.65 6.70 -2.41
C GLY A 36 8.45 8.00 -1.60
N PRO A 37 8.86 9.11 -2.19
CA PRO A 37 8.70 10.43 -1.52
C PRO A 37 7.23 10.81 -1.34
N SER A 38 6.57 11.24 -2.39
CA SER A 38 5.10 11.59 -2.26
C SER A 38 4.33 10.40 -1.69
N LEU A 39 4.80 9.20 -1.95
CA LEU A 39 4.13 7.98 -1.42
C LEU A 39 4.10 7.97 0.13
N ARG A 40 4.75 8.92 0.77
CA ARG A 40 4.71 8.97 2.27
C ARG A 40 3.33 9.46 2.70
N ASN A 41 2.69 10.29 1.89
CA ASN A 41 1.32 10.78 2.22
C ASN A 41 0.30 9.70 1.79
N LYS A 42 0.37 8.57 2.43
CA LYS A 42 -0.52 7.39 2.09
C LYS A 42 -2.03 7.70 2.01
N SER A 43 -2.48 8.90 2.27
CA SER A 43 -3.96 9.19 2.20
C SER A 43 -4.46 8.94 0.77
N PHE A 44 -3.84 9.56 -0.19
CA PHE A 44 -4.23 9.36 -1.62
C PHE A 44 -3.14 8.60 -2.38
N ARG A 45 -1.97 8.48 -1.79
CA ARG A 45 -0.83 7.77 -2.46
C ARG A 45 -0.99 6.25 -2.47
N ARG A 46 -1.82 5.68 -1.64
CA ARG A 46 -1.97 4.18 -1.64
C ARG A 46 -2.16 3.67 -3.08
N VAL A 47 -2.88 4.41 -3.91
CA VAL A 47 -3.04 4.01 -5.36
C VAL A 47 -1.68 4.18 -6.06
N ASN A 48 -1.00 5.27 -5.79
CA ASN A 48 0.35 5.50 -6.40
C ASN A 48 1.27 4.34 -6.00
N LEU A 49 1.19 3.91 -4.78
CA LEU A 49 2.02 2.76 -4.32
C LEU A 49 1.69 1.51 -5.15
N SER A 50 0.43 1.25 -5.38
CA SER A 50 0.04 0.06 -6.21
C SER A 50 0.68 0.17 -7.60
N LYS A 51 0.60 1.32 -8.21
CA LYS A 51 1.23 1.51 -9.56
C LYS A 51 2.76 1.51 -9.43
N PHE A 52 3.27 2.02 -8.35
CA PHE A 52 4.76 2.03 -8.13
C PHE A 52 5.24 0.57 -8.03
N VAL A 53 4.49 -0.25 -7.35
CA VAL A 53 4.87 -1.69 -7.23
C VAL A 53 4.80 -2.36 -8.61
N GLU A 54 3.78 -2.05 -9.39
CA GLU A 54 3.67 -2.65 -10.76
C GLU A 54 4.97 -2.39 -11.56
N SER A 55 5.50 -1.19 -11.47
CA SER A 55 6.77 -0.85 -12.19
C SER A 55 7.99 -1.40 -11.45
N GLN A 56 7.95 -1.42 -10.14
CA GLN A 56 9.10 -1.95 -9.36
C GLN A 56 9.43 -3.40 -9.80
N GLY A 57 8.44 -4.14 -10.26
CA GLY A 57 8.70 -5.55 -10.74
C GLY A 57 9.74 -5.56 -11.89
N GLU A 58 10.12 -4.41 -12.39
CA GLU A 58 11.12 -4.35 -13.51
C GLU A 58 12.57 -4.47 -12.97
N VAL A 59 12.78 -4.24 -11.69
CA VAL A 59 14.17 -4.33 -11.14
C VAL A 59 14.57 -5.80 -10.93
N ASP A 60 13.64 -6.62 -10.50
CA ASP A 60 13.94 -8.07 -10.27
C ASP A 60 12.66 -8.92 -10.47
N PRO A 61 12.86 -10.15 -10.87
CA PRO A 61 11.70 -11.06 -11.11
C PRO A 61 11.08 -11.63 -9.81
N GLU A 62 11.29 -10.99 -8.69
CA GLU A 62 10.67 -11.49 -7.43
C GLU A 62 9.27 -10.86 -7.26
N ASP A 63 8.97 -9.84 -8.02
CA ASP A 63 7.61 -9.19 -7.95
C ASP A 63 6.50 -10.18 -8.32
N ARG A 64 6.88 -11.30 -8.85
CA ARG A 64 5.91 -12.36 -9.26
C ARG A 64 4.93 -12.75 -8.12
N TYR A 65 5.20 -12.36 -6.89
CA TYR A 65 4.24 -12.68 -5.75
C TYR A 65 2.89 -11.92 -5.87
N VAL A 66 2.55 -11.43 -7.06
CA VAL A 66 1.27 -10.65 -7.31
C VAL A 66 0.43 -10.36 -6.05
N ILE A 67 0.96 -9.61 -5.13
CA ILE A 67 0.18 -9.25 -3.90
C ILE A 67 -0.69 -8.00 -4.17
N LYS A 68 -0.34 -7.24 -5.18
CA LYS A 68 -1.13 -6.00 -5.52
C LYS A 68 -2.64 -6.31 -5.61
N SER A 69 -2.99 -7.38 -6.29
CA SER A 69 -4.45 -7.76 -6.39
C SER A 69 -5.11 -7.76 -5.01
N ASN A 70 -4.45 -8.31 -4.02
CA ASN A 70 -5.00 -8.32 -2.65
C ASN A 70 -5.12 -6.88 -2.13
N LEU A 71 -4.13 -6.06 -2.38
CA LEU A 71 -4.19 -4.63 -1.95
C LEU A 71 -5.30 -3.89 -2.70
N GLN A 72 -5.48 -4.20 -3.96
CA GLN A 72 -6.57 -3.55 -4.76
C GLN A 72 -7.91 -3.79 -4.07
N LYS A 73 -8.14 -5.01 -3.64
CA LYS A 73 -9.41 -5.32 -2.91
C LYS A 73 -9.38 -4.62 -1.54
N LEU A 74 -8.23 -4.58 -0.92
CA LEU A 74 -8.10 -3.89 0.41
C LEU A 74 -8.45 -2.40 0.27
N ASN A 75 -7.92 -1.75 -0.74
CA ASN A 75 -8.23 -0.29 -0.94
C ASN A 75 -9.73 -0.10 -1.18
N ALA A 76 -10.35 -0.97 -1.93
CA ALA A 76 -11.83 -0.87 -2.15
C ALA A 76 -12.55 -1.09 -0.81
N CYS A 77 -11.98 -1.93 0.02
CA CYS A 77 -12.58 -2.21 1.37
C CYS A 77 -12.28 -1.05 2.33
N LEU A 78 -11.12 -0.46 2.21
CA LEU A 78 -10.74 0.68 3.10
C LEU A 78 -11.47 1.98 2.73
N PRO A 79 -11.47 2.92 3.64
CA PRO A 79 -12.14 4.23 3.41
C PRO A 79 -11.35 5.10 2.43
N THR A 80 -10.06 4.91 2.34
CA THR A 80 -9.22 5.74 1.39
C THR A 80 -9.71 5.60 -0.05
N SER A 81 -9.25 6.48 -0.90
CA SER A 81 -9.66 6.44 -2.35
C SER A 81 -8.98 7.59 -3.12
N ALA A 82 -8.10 7.26 -4.01
CA ALA A 82 -7.38 8.30 -4.80
C ALA A 82 -6.82 7.70 -6.09
N ASN A 83 -7.67 7.14 -6.90
CA ASN A 83 -7.19 6.52 -8.18
C ASN A 83 -6.80 7.59 -9.23
N ASP A 84 -6.21 8.67 -8.81
CA ASP A 84 -5.79 9.72 -9.76
C ASP A 84 -4.48 10.39 -9.28
N SER A 85 -3.73 9.70 -8.45
CA SER A 85 -2.44 10.29 -7.93
C SER A 85 -1.26 9.31 -8.12
N ALA A 86 -1.27 8.51 -9.15
CA ALA A 86 -0.13 7.56 -9.38
C ALA A 86 1.09 8.33 -9.93
N LEU A 87 1.89 8.89 -9.07
CA LEU A 87 3.07 9.68 -9.52
C LEU A 87 4.39 8.92 -9.26
N PRO A 88 5.27 8.95 -10.23
CA PRO A 88 6.58 8.25 -10.08
C PRO A 88 7.50 9.02 -9.10
N GLY A 89 8.34 8.32 -8.39
CA GLY A 89 9.27 9.01 -7.43
C GLY A 89 10.70 8.54 -7.67
N VAL A 90 11.12 7.50 -7.01
CA VAL A 90 12.51 6.97 -7.20
C VAL A 90 12.47 5.48 -7.50
N PHE A 91 13.55 4.93 -7.99
CA PHE A 91 13.59 3.48 -8.30
C PHE A 91 14.65 2.79 -7.42
N ILE A 92 14.43 1.56 -7.07
CA ILE A 92 15.39 0.83 -6.19
C ILE A 92 15.79 -0.51 -6.81
N ARG A 93 17.00 -0.96 -6.55
CA ARG A 93 17.46 -2.27 -7.13
C ARG A 93 16.78 -3.44 -6.40
N ASP A 94 16.76 -3.41 -5.09
CA ASP A 94 16.11 -4.52 -4.33
C ASP A 94 14.61 -4.21 -4.17
N LEU A 95 13.79 -4.90 -4.90
CA LEU A 95 12.32 -4.63 -4.80
C LEU A 95 11.80 -5.00 -3.40
N ASP A 96 12.39 -5.99 -2.77
CA ASP A 96 11.93 -6.37 -1.40
C ASP A 96 12.21 -5.20 -0.45
N ASP A 97 13.35 -4.57 -0.59
CA ASP A 97 13.66 -3.38 0.27
C ASP A 97 12.57 -2.32 0.08
N PHE A 98 12.26 -2.01 -1.15
CA PHE A 98 11.20 -1.00 -1.44
C PHE A 98 9.88 -1.45 -0.80
N ARG A 99 9.55 -2.71 -0.92
CA ARG A 99 8.29 -3.21 -0.28
C ARG A 99 8.46 -3.22 1.24
N LYS A 100 9.66 -3.42 1.73
CA LYS A 100 9.90 -3.41 3.20
C LYS A 100 9.60 -2.01 3.77
N LYS A 101 10.08 -0.98 3.11
CA LYS A 101 9.79 0.42 3.59
C LYS A 101 8.33 0.77 3.27
N LEU A 102 7.83 0.34 2.15
CA LEU A 102 6.40 0.64 1.80
C LEU A 102 5.47 -0.17 2.70
N ARG A 103 5.83 -1.40 3.00
CA ARG A 103 4.98 -2.26 3.89
C ARG A 103 4.78 -1.56 5.23
N PHE A 104 5.84 -1.08 5.81
CA PHE A 104 5.70 -0.38 7.14
C PHE A 104 4.95 0.94 6.95
N TYR A 105 5.22 1.65 5.89
CA TYR A 105 4.54 2.96 5.68
C TYR A 105 3.08 2.77 5.21
N MET A 106 2.77 1.68 4.56
CA MET A 106 1.37 1.47 4.11
C MET A 106 0.50 1.08 5.32
N VAL A 107 1.05 0.33 6.25
CA VAL A 107 0.27 -0.06 7.46
C VAL A 107 0.36 1.04 8.54
N HIS A 108 1.46 1.73 8.62
CA HIS A 108 1.62 2.81 9.64
C HIS A 108 0.84 4.09 9.26
N LEU A 109 0.40 4.20 8.02
CA LEU A 109 -0.36 5.43 7.60
C LEU A 109 -1.45 5.81 8.62
N ASN A 110 -2.11 4.84 9.19
CA ASN A 110 -3.20 5.13 10.18
C ASN A 110 -2.76 4.82 11.63
N ASP A 111 -1.59 4.25 11.84
CA ASP A 111 -1.13 3.95 13.23
C ASP A 111 -0.90 5.27 14.01
N LEU A 112 0.03 6.07 13.56
CA LEU A 112 0.30 7.37 14.27
C LEU A 112 1.34 8.21 13.50
N GLU A 113 0.92 8.87 12.46
CA GLU A 113 1.87 9.72 11.66
C GLU A 113 1.19 11.05 11.24
N THR A 114 0.63 11.10 10.07
CA THR A 114 -0.05 12.36 9.57
C THR A 114 -0.75 12.11 8.19
N VAL A 115 -1.03 10.87 7.86
CA VAL A 115 -1.71 10.59 6.54
C VAL A 115 -3.20 10.94 6.60
N LEU A 116 -3.93 10.33 7.50
CA LEU A 116 -5.40 10.61 7.61
C LEU A 116 -5.82 10.68 9.09
N THR A 117 -5.91 11.87 9.63
CA THR A 117 -6.29 12.03 11.07
C THR A 117 -7.77 12.45 11.21
N SER A 118 -8.40 12.04 12.28
CA SER A 118 -9.83 12.40 12.51
C SER A 118 -10.28 11.95 13.91
N ARG A 119 -11.25 12.61 14.48
CA ARG A 119 -11.73 12.19 15.84
C ARG A 119 -13.02 11.35 15.71
N PRO A 120 -13.17 10.42 16.63
CA PRO A 120 -14.37 9.52 16.61
C PRO A 120 -15.67 10.29 16.90
N PRO A 121 -16.62 10.19 15.99
CA PRO A 121 -17.92 10.88 16.15
C PRO A 121 -18.88 10.06 17.04
N GLN A 122 -18.38 9.31 17.99
CA GLN A 122 -19.27 8.50 18.88
C GLN A 122 -19.51 9.27 20.20
N PRO A 123 -20.71 9.79 20.35
CA PRO A 123 -21.03 10.57 21.57
C PRO A 123 -21.23 9.63 22.79
N ALA A 124 -22.46 9.36 23.19
CA ALA A 124 -22.70 8.46 24.37
C ALA A 124 -23.62 7.29 24.00
N SER A 125 -23.13 6.08 24.10
CA SER A 125 -23.97 4.88 23.76
C SER A 125 -23.85 3.83 24.86
N GLY A 126 -24.63 2.79 24.78
CA GLY A 126 -24.58 1.73 25.82
C GLY A 126 -23.50 0.71 25.44
N SER A 127 -23.28 0.51 24.17
CA SER A 127 -22.22 -0.45 23.72
C SER A 127 -21.81 -0.17 22.27
N ASP A 4 -8.06 -22.33 13.24
CA ASP A 4 -6.61 -22.44 13.55
C ASP A 4 -6.11 -21.12 14.19
N THR A 5 -5.93 -20.08 13.41
CA THR A 5 -5.44 -18.78 13.97
C THR A 5 -6.26 -17.61 13.39
N HIS A 6 -7.50 -17.49 13.77
CA HIS A 6 -8.36 -16.38 13.25
C HIS A 6 -9.31 -15.84 14.32
N ARG A 7 -9.91 -14.71 14.07
CA ARG A 7 -10.86 -14.10 15.06
C ARG A 7 -12.11 -13.58 14.33
N LEU A 8 -13.19 -13.37 15.05
CA LEU A 8 -14.45 -12.85 14.40
C LEU A 8 -14.17 -11.53 13.66
N THR A 9 -13.38 -10.65 14.24
CA THR A 9 -13.06 -9.35 13.56
C THR A 9 -12.22 -9.57 12.29
N ARG A 10 -11.68 -10.76 12.11
CA ARG A 10 -10.85 -11.02 10.88
C ARG A 10 -11.68 -11.74 9.81
N THR A 11 -12.97 -11.49 9.76
CA THR A 11 -13.84 -12.17 8.73
C THR A 11 -13.60 -11.58 7.32
N LEU A 12 -12.90 -10.47 7.21
CA LEU A 12 -12.62 -9.87 5.87
C LEU A 12 -11.10 -9.76 5.64
N ASN A 13 -10.61 -10.34 4.58
CA ASN A 13 -9.13 -10.28 4.27
C ASN A 13 -8.62 -8.83 4.21
N CYS A 14 -9.49 -7.87 4.03
CA CYS A 14 -9.05 -6.42 3.94
C CYS A 14 -7.96 -6.09 4.96
N SER A 15 -8.13 -6.43 6.21
CA SER A 15 -7.06 -6.14 7.23
C SER A 15 -5.99 -7.23 7.21
N SER A 16 -6.39 -8.46 6.98
CA SER A 16 -5.42 -9.59 6.95
C SER A 16 -4.38 -9.40 5.83
N ILE A 17 -4.74 -8.78 4.73
CA ILE A 17 -3.73 -8.57 3.63
C ILE A 17 -2.60 -7.67 4.11
N VAL A 18 -2.92 -6.68 4.91
CA VAL A 18 -1.85 -5.77 5.45
C VAL A 18 -0.93 -6.58 6.38
N LYS A 19 -1.51 -7.35 7.26
CA LYS A 19 -0.68 -8.20 8.17
C LYS A 19 0.03 -9.30 7.37
N GLU A 20 -0.58 -9.74 6.29
CA GLU A 20 0.07 -10.79 5.45
C GLU A 20 1.25 -10.17 4.69
N ILE A 21 1.04 -9.07 4.02
CA ILE A 21 2.16 -8.40 3.27
C ILE A 21 3.33 -8.11 4.22
N ILE A 22 3.05 -7.70 5.44
CA ILE A 22 4.17 -7.42 6.39
C ILE A 22 4.94 -8.71 6.69
N GLY A 23 4.25 -9.81 6.86
CA GLY A 23 4.95 -11.11 7.13
C GLY A 23 5.49 -11.69 5.82
N LYS A 24 4.92 -11.32 4.70
CA LYS A 24 5.38 -11.88 3.40
C LYS A 24 6.56 -11.07 2.84
N LEU A 25 6.63 -9.79 3.13
CA LEU A 25 7.76 -8.97 2.59
C LEU A 25 8.72 -8.59 3.73
N PRO A 26 9.85 -9.27 3.77
CA PRO A 26 10.85 -9.03 4.85
C PRO A 26 11.57 -7.67 4.65
N GLU A 27 12.56 -7.38 5.46
CA GLU A 27 13.28 -6.08 5.33
C GLU A 27 14.79 -6.30 5.05
N PRO A 28 15.10 -6.90 3.92
CA PRO A 28 16.52 -7.15 3.55
C PRO A 28 17.16 -5.91 2.90
N GLU A 29 18.28 -6.08 2.22
CA GLU A 29 18.97 -4.92 1.56
C GLU A 29 19.93 -5.44 0.46
N LEU A 30 19.41 -5.74 -0.69
CA LEU A 30 20.28 -6.25 -1.80
C LEU A 30 21.18 -5.14 -2.35
N LYS A 31 20.61 -4.02 -2.74
CA LYS A 31 21.42 -2.90 -3.28
C LYS A 31 20.60 -1.60 -3.32
N THR A 32 19.86 -1.33 -2.27
CA THR A 32 19.02 -0.09 -2.21
C THR A 32 18.76 0.27 -0.74
N ASP A 33 18.03 1.33 -0.49
CA ASP A 33 17.73 1.76 0.93
C ASP A 33 16.85 3.03 0.95
N ASP A 34 15.78 3.05 0.19
CA ASP A 34 14.91 4.26 0.17
C ASP A 34 13.42 3.90 0.39
N GLU A 35 12.52 4.64 -0.22
CA GLU A 35 11.06 4.40 -0.06
C GLU A 35 10.29 5.29 -1.05
N GLY A 36 9.07 4.94 -1.40
CA GLY A 36 8.30 5.79 -2.38
C GLY A 36 8.07 7.21 -1.82
N PRO A 37 8.73 8.18 -2.44
CA PRO A 37 8.59 9.60 -1.99
C PRO A 37 7.23 10.18 -2.44
N SER A 38 7.14 10.66 -3.66
CA SER A 38 5.84 11.22 -4.16
C SER A 38 4.69 10.21 -3.96
N LEU A 39 5.02 8.94 -4.00
CA LEU A 39 3.98 7.88 -3.83
C LEU A 39 3.53 7.74 -2.36
N ARG A 40 4.15 8.46 -1.44
CA ARG A 40 3.73 8.36 0.00
C ARG A 40 2.78 9.51 0.38
N ASN A 41 2.36 10.32 -0.58
CA ASN A 41 1.44 11.46 -0.28
C ASN A 41 0.27 10.97 0.57
N LYS A 42 0.09 11.55 1.72
CA LYS A 42 -1.03 11.10 2.63
C LYS A 42 -2.33 10.87 1.83
N SER A 43 -2.77 11.86 1.11
CA SER A 43 -4.03 11.75 0.31
C SER A 43 -4.13 10.44 -0.50
N PHE A 44 -3.14 10.13 -1.32
CA PHE A 44 -3.25 8.89 -2.17
C PHE A 44 -2.02 7.96 -2.03
N ARG A 45 -1.33 7.98 -0.92
CA ARG A 45 -0.13 7.07 -0.78
C ARG A 45 -0.49 5.59 -1.01
N ARG A 46 -1.74 5.22 -0.83
CA ARG A 46 -2.13 3.79 -1.07
C ARG A 46 -2.30 3.54 -2.58
N VAL A 47 -2.79 4.51 -3.31
CA VAL A 47 -2.95 4.35 -4.79
C VAL A 47 -1.57 4.34 -5.45
N ASN A 48 -0.71 5.21 -5.01
CA ASN A 48 0.67 5.25 -5.59
C ASN A 48 1.38 3.93 -5.27
N LEU A 49 1.17 3.42 -4.08
CA LEU A 49 1.81 2.13 -3.67
C LEU A 49 1.42 1.01 -4.65
N SER A 50 0.15 0.89 -4.98
CA SER A 50 -0.29 -0.19 -5.92
C SER A 50 0.33 0.05 -7.32
N LYS A 51 0.38 1.28 -7.75
CA LYS A 51 0.99 1.58 -9.09
C LYS A 51 2.52 1.47 -9.02
N PHE A 52 3.09 1.72 -7.87
CA PHE A 52 4.58 1.60 -7.72
C PHE A 52 4.97 0.12 -7.79
N VAL A 53 4.19 -0.75 -7.18
CA VAL A 53 4.50 -2.20 -7.24
C VAL A 53 4.38 -2.71 -8.68
N GLU A 54 3.35 -2.29 -9.39
CA GLU A 54 3.24 -2.73 -10.82
C GLU A 54 4.51 -2.31 -11.59
N SER A 55 5.03 -1.15 -11.30
CA SER A 55 6.29 -0.68 -11.96
C SER A 55 7.52 -1.37 -11.34
N GLN A 56 7.46 -1.66 -10.06
CA GLN A 56 8.60 -2.35 -9.38
C GLN A 56 8.93 -3.67 -10.11
N GLY A 57 7.93 -4.32 -10.65
CA GLY A 57 8.18 -5.60 -11.39
C GLY A 57 9.23 -5.41 -12.51
N GLU A 58 9.61 -4.17 -12.79
CA GLU A 58 10.63 -3.89 -13.85
C GLU A 58 12.06 -3.88 -13.26
N VAL A 59 12.20 -3.76 -11.97
CA VAL A 59 13.57 -3.74 -11.34
C VAL A 59 14.14 -5.16 -11.26
N ASP A 60 13.32 -6.12 -10.93
CA ASP A 60 13.83 -7.52 -10.83
C ASP A 60 12.71 -8.54 -11.08
N PRO A 61 13.08 -9.73 -11.47
CA PRO A 61 12.06 -10.77 -11.74
C PRO A 61 11.58 -11.46 -10.45
N GLU A 62 11.80 -10.85 -9.30
CA GLU A 62 11.33 -11.46 -8.02
C GLU A 62 9.99 -10.82 -7.56
N ASP A 63 9.62 -9.70 -8.13
CA ASP A 63 8.32 -9.05 -7.74
C ASP A 63 7.12 -9.79 -8.36
N ARG A 64 7.35 -10.95 -8.93
CA ARG A 64 6.25 -11.76 -9.54
C ARG A 64 5.07 -12.00 -8.55
N TYR A 65 5.27 -11.73 -7.28
CA TYR A 65 4.18 -11.92 -6.25
C TYR A 65 2.96 -10.99 -6.47
N VAL A 66 2.75 -10.47 -7.68
CA VAL A 66 1.59 -9.55 -8.01
C VAL A 66 0.72 -9.18 -6.80
N ILE A 67 1.29 -8.47 -5.85
CA ILE A 67 0.51 -8.03 -4.66
C ILE A 67 -0.50 -6.93 -5.05
N LYS A 68 -0.26 -6.27 -6.17
CA LYS A 68 -1.21 -5.20 -6.63
C LYS A 68 -2.65 -5.71 -6.61
N SER A 69 -2.88 -6.91 -7.09
CA SER A 69 -4.27 -7.49 -7.08
C SER A 69 -4.81 -7.51 -5.65
N ASN A 70 -4.00 -7.91 -4.69
CA ASN A 70 -4.48 -7.93 -3.27
C ASN A 70 -4.63 -6.47 -2.79
N LEU A 71 -3.74 -5.60 -3.18
CA LEU A 71 -3.85 -4.17 -2.77
C LEU A 71 -5.07 -3.55 -3.44
N GLN A 72 -5.43 -4.01 -4.63
CA GLN A 72 -6.63 -3.47 -5.33
C GLN A 72 -7.86 -3.78 -4.46
N LYS A 73 -7.99 -5.01 -4.04
CA LYS A 73 -9.14 -5.39 -3.15
C LYS A 73 -9.09 -4.51 -1.87
N LEU A 74 -7.93 -4.31 -1.33
CA LEU A 74 -7.80 -3.44 -0.11
C LEU A 74 -8.17 -1.99 -0.50
N ASN A 75 -7.74 -1.57 -1.67
CA ASN A 75 -8.05 -0.18 -2.16
C ASN A 75 -9.58 0.03 -2.22
N ALA A 76 -10.31 -0.98 -2.62
CA ALA A 76 -11.80 -0.85 -2.67
C ALA A 76 -12.36 -0.89 -1.24
N CYS A 77 -11.72 -1.65 -0.38
CA CYS A 77 -12.15 -1.74 1.05
C CYS A 77 -11.84 -0.42 1.78
N LEU A 78 -10.70 0.17 1.49
CA LEU A 78 -10.34 1.47 2.15
C LEU A 78 -10.93 2.65 1.36
N PRO A 79 -11.60 3.53 2.06
CA PRO A 79 -12.26 4.72 1.40
C PRO A 79 -11.24 5.72 0.83
N THR A 80 -10.13 5.89 1.47
CA THR A 80 -9.09 6.88 1.00
C THR A 80 -8.31 6.39 -0.24
N SER A 81 -8.72 5.31 -0.84
CA SER A 81 -7.99 4.80 -2.04
C SER A 81 -8.69 5.18 -3.35
N ALA A 82 -9.27 6.35 -3.43
CA ALA A 82 -9.96 6.75 -4.71
C ALA A 82 -9.14 7.80 -5.50
N ASN A 83 -8.01 7.38 -5.99
CA ASN A 83 -7.15 8.29 -6.80
C ASN A 83 -6.31 7.46 -7.78
N ASP A 84 -6.94 6.59 -8.52
CA ASP A 84 -6.19 5.74 -9.51
C ASP A 84 -5.70 6.57 -10.72
N SER A 85 -5.16 7.73 -10.45
CA SER A 85 -4.63 8.64 -11.51
C SER A 85 -3.63 9.61 -10.87
N ALA A 86 -2.74 9.11 -10.05
CA ALA A 86 -1.77 9.99 -9.35
C ALA A 86 -0.46 10.15 -10.16
N LEU A 87 0.67 10.17 -9.50
CA LEU A 87 1.97 10.36 -10.22
C LEU A 87 3.02 9.33 -9.76
N PRO A 88 4.05 9.18 -10.57
CA PRO A 88 5.16 8.23 -10.24
C PRO A 88 6.15 8.88 -9.25
N GLY A 89 7.38 8.43 -9.19
CA GLY A 89 8.35 9.04 -8.23
C GLY A 89 9.79 8.66 -8.60
N VAL A 90 10.24 7.55 -8.10
CA VAL A 90 11.63 7.07 -8.38
C VAL A 90 11.67 5.55 -8.52
N PHE A 91 12.75 5.00 -9.02
CA PHE A 91 12.85 3.52 -9.17
C PHE A 91 13.90 2.96 -8.19
N ILE A 92 13.70 1.77 -7.72
CA ILE A 92 14.68 1.15 -6.76
C ILE A 92 15.27 -0.13 -7.36
N ARG A 93 16.52 -0.41 -7.08
CA ARG A 93 17.15 -1.64 -7.64
C ARG A 93 16.66 -2.90 -6.90
N ASP A 94 16.65 -2.87 -5.59
CA ASP A 94 16.17 -4.07 -4.83
C ASP A 94 14.67 -3.93 -4.52
N LEU A 95 13.86 -4.74 -5.12
CA LEU A 95 12.38 -4.66 -4.87
C LEU A 95 12.07 -4.99 -3.39
N ASP A 96 12.84 -5.85 -2.78
CA ASP A 96 12.61 -6.18 -1.34
C ASP A 96 12.73 -4.91 -0.49
N ASP A 97 13.71 -4.09 -0.80
CA ASP A 97 13.89 -2.80 -0.05
C ASP A 97 12.61 -1.97 -0.16
N PHE A 98 12.07 -1.85 -1.34
CA PHE A 98 10.82 -1.09 -1.51
C PHE A 98 9.66 -1.87 -0.85
N ARG A 99 9.66 -3.17 -0.99
CA ARG A 99 8.58 -4.01 -0.36
C ARG A 99 8.52 -3.78 1.15
N LYS A 100 9.63 -3.78 1.82
CA LYS A 100 9.59 -3.58 3.30
C LYS A 100 9.23 -2.13 3.65
N LYS A 101 9.68 -1.18 2.89
CA LYS A 101 9.34 0.25 3.18
C LYS A 101 7.91 0.55 2.71
N LEU A 102 7.45 -0.10 1.68
CA LEU A 102 6.07 0.17 1.18
C LEU A 102 5.02 -0.45 2.12
N ARG A 103 5.28 -1.63 2.64
CA ARG A 103 4.30 -2.25 3.59
C ARG A 103 4.35 -1.54 4.94
N PHE A 104 5.50 -1.07 5.34
CA PHE A 104 5.61 -0.36 6.64
C PHE A 104 4.89 1.01 6.57
N TYR A 105 5.07 1.73 5.50
CA TYR A 105 4.39 3.06 5.38
C TYR A 105 2.87 2.89 5.15
N MET A 106 2.46 1.81 4.54
CA MET A 106 0.99 1.60 4.34
C MET A 106 0.33 1.32 5.70
N VAL A 107 1.02 0.61 6.56
CA VAL A 107 0.46 0.33 7.92
C VAL A 107 0.75 1.52 8.85
N HIS A 108 1.79 2.28 8.55
CA HIS A 108 2.11 3.47 9.39
C HIS A 108 0.99 4.52 9.27
N LEU A 109 0.17 4.43 8.25
CA LEU A 109 -0.97 5.39 8.09
C LEU A 109 -1.73 5.57 9.43
N ASN A 110 -1.78 4.54 10.24
CA ASN A 110 -2.47 4.65 11.58
C ASN A 110 -1.84 5.77 12.43
N ASP A 111 -0.55 5.97 12.33
CA ASP A 111 0.11 7.04 13.13
C ASP A 111 -0.32 8.44 12.63
N LEU A 112 -0.88 8.51 11.45
CA LEU A 112 -1.34 9.84 10.91
C LEU A 112 -2.72 9.69 10.23
N GLU A 113 -3.73 9.37 11.01
CA GLU A 113 -5.12 9.19 10.45
C GLU A 113 -5.51 10.34 9.50
N THR A 114 -4.93 11.51 9.66
CA THR A 114 -5.26 12.66 8.75
C THR A 114 -4.65 12.42 7.35
N VAL A 115 -5.03 11.34 6.72
CA VAL A 115 -4.49 10.98 5.36
C VAL A 115 -5.35 11.63 4.26
N LEU A 116 -6.63 11.42 4.31
CA LEU A 116 -7.54 12.01 3.27
C LEU A 116 -7.98 13.43 3.69
N THR A 117 -9.05 13.92 3.12
CA THR A 117 -9.55 15.29 3.48
C THR A 117 -10.19 15.29 4.88
N SER A 118 -10.66 16.42 5.33
CA SER A 118 -11.30 16.49 6.68
C SER A 118 -12.63 15.71 6.69
N ARG A 119 -12.59 14.47 7.13
CA ARG A 119 -13.84 13.64 7.17
C ARG A 119 -14.60 13.87 8.49
N PRO A 120 -15.87 14.19 8.37
CA PRO A 120 -16.71 14.44 9.58
C PRO A 120 -17.07 13.12 10.30
N PRO A 121 -16.48 12.94 11.47
CA PRO A 121 -16.75 11.72 12.26
C PRO A 121 -18.14 11.79 12.95
N GLN A 122 -18.50 12.94 13.45
CA GLN A 122 -19.83 13.09 14.13
C GLN A 122 -20.56 14.34 13.60
N PRO A 123 -21.43 14.14 12.64
CA PRO A 123 -22.19 15.27 12.05
C PRO A 123 -23.27 15.79 13.00
N ALA A 124 -23.85 16.92 12.69
CA ALA A 124 -24.92 17.50 13.57
C ALA A 124 -25.84 18.44 12.76
N SER A 125 -26.79 19.06 13.40
CA SER A 125 -27.72 19.99 12.67
C SER A 125 -27.43 21.46 13.03
N GLY A 126 -27.88 21.93 14.16
CA GLY A 126 -27.62 23.35 14.56
C GLY A 126 -26.92 23.42 15.92
N SER A 127 -25.87 22.64 16.10
CA SER A 127 -25.11 22.62 17.40
C SER A 127 -26.05 22.72 18.63
N ASP A 4 -12.70 -21.75 9.91
CA ASP A 4 -12.24 -22.11 8.54
C ASP A 4 -13.44 -22.51 7.65
N THR A 5 -14.31 -23.35 8.14
CA THR A 5 -15.50 -23.79 7.35
C THR A 5 -16.57 -22.69 7.34
N HIS A 6 -16.94 -22.18 8.48
CA HIS A 6 -18.00 -21.11 8.55
C HIS A 6 -17.48 -19.79 7.95
N ARG A 7 -18.38 -18.88 7.66
CA ARG A 7 -17.95 -17.57 7.07
C ARG A 7 -18.12 -16.42 8.08
N LEU A 8 -18.11 -16.71 9.36
CA LEU A 8 -18.26 -15.64 10.39
C LEU A 8 -16.92 -14.91 10.63
N THR A 9 -15.84 -15.65 10.67
CA THR A 9 -14.50 -15.01 10.90
C THR A 9 -13.61 -15.08 9.65
N ARG A 10 -13.98 -15.86 8.66
CA ARG A 10 -13.13 -15.95 7.43
C ARG A 10 -13.86 -15.37 6.19
N THR A 11 -14.40 -14.18 6.30
CA THR A 11 -15.11 -13.57 5.13
C THR A 11 -14.43 -12.27 4.70
N LEU A 12 -14.42 -11.28 5.56
CA LEU A 12 -13.77 -9.98 5.20
C LEU A 12 -12.35 -9.92 5.81
N ASN A 13 -11.39 -10.54 5.16
CA ASN A 13 -9.99 -10.55 5.68
C ASN A 13 -9.18 -9.33 5.19
N CYS A 14 -9.84 -8.25 4.85
CA CYS A 14 -9.11 -7.02 4.34
C CYS A 14 -7.93 -6.64 5.25
N SER A 15 -8.14 -6.54 6.54
CA SER A 15 -7.01 -6.17 7.45
C SER A 15 -5.94 -7.27 7.42
N SER A 16 -6.35 -8.50 7.29
CA SER A 16 -5.35 -9.63 7.24
C SER A 16 -4.57 -9.58 5.92
N ILE A 17 -5.11 -8.99 4.87
CA ILE A 17 -4.35 -8.93 3.58
C ILE A 17 -3.12 -8.02 3.77
N VAL A 18 -3.25 -6.99 4.57
CA VAL A 18 -2.10 -6.09 4.83
C VAL A 18 -1.10 -6.81 5.74
N LYS A 19 -1.58 -7.46 6.78
CA LYS A 19 -0.66 -8.22 7.69
C LYS A 19 0.12 -9.27 6.88
N GLU A 20 -0.53 -9.88 5.91
CA GLU A 20 0.18 -10.90 5.07
C GLU A 20 1.30 -10.22 4.27
N ILE A 21 0.98 -9.15 3.59
CA ILE A 21 2.04 -8.40 2.81
C ILE A 21 3.20 -8.07 3.75
N ILE A 22 2.91 -7.66 4.96
CA ILE A 22 3.99 -7.33 5.94
C ILE A 22 4.76 -8.61 6.30
N GLY A 23 4.09 -9.72 6.37
CA GLY A 23 4.77 -11.01 6.69
C GLY A 23 5.46 -11.58 5.45
N LYS A 24 5.04 -11.18 4.27
CA LYS A 24 5.67 -11.70 3.02
C LYS A 24 6.90 -10.85 2.65
N LEU A 25 6.90 -9.60 2.99
CA LEU A 25 8.08 -8.72 2.65
C LEU A 25 8.94 -8.47 3.90
N PRO A 26 10.15 -9.01 3.87
CA PRO A 26 11.10 -8.85 5.01
C PRO A 26 11.76 -7.45 4.99
N GLU A 27 12.92 -7.30 5.59
CA GLU A 27 13.59 -5.96 5.61
C GLU A 27 15.07 -6.04 5.15
N PRO A 28 15.29 -6.60 3.98
CA PRO A 28 16.69 -6.72 3.45
C PRO A 28 17.20 -5.37 2.90
N GLU A 29 18.45 -5.32 2.51
CA GLU A 29 19.02 -4.04 1.95
C GLU A 29 20.21 -4.36 1.02
N LEU A 30 19.96 -4.84 -0.17
CA LEU A 30 21.07 -5.17 -1.11
C LEU A 30 21.89 -3.92 -1.45
N LYS A 31 21.25 -2.87 -1.91
CA LYS A 31 21.99 -1.61 -2.26
C LYS A 31 21.01 -0.48 -2.62
N THR A 32 19.96 -0.31 -1.84
CA THR A 32 18.96 0.78 -2.16
C THR A 32 18.22 1.30 -0.91
N ASP A 33 17.99 0.44 0.07
CA ASP A 33 17.25 0.81 1.33
C ASP A 33 16.70 2.25 1.36
N ASP A 34 15.59 2.49 0.70
CA ASP A 34 14.97 3.84 0.68
C ASP A 34 13.42 3.71 0.74
N GLU A 35 12.69 4.56 0.07
CA GLU A 35 11.19 4.46 0.10
C GLU A 35 10.55 5.38 -0.95
N GLY A 36 9.31 5.15 -1.26
CA GLY A 36 8.61 6.02 -2.27
C GLY A 36 8.26 7.38 -1.64
N PRO A 37 8.92 8.43 -2.10
CA PRO A 37 8.68 9.81 -1.56
C PRO A 37 7.25 10.29 -1.89
N SER A 38 6.98 10.63 -3.12
CA SER A 38 5.60 11.08 -3.52
C SER A 38 4.57 10.01 -3.14
N LEU A 39 5.00 8.78 -3.06
CA LEU A 39 4.08 7.66 -2.69
C LEU A 39 3.82 7.64 -1.16
N ARG A 40 4.50 8.47 -0.40
CA ARG A 40 4.29 8.49 1.09
C ARG A 40 3.14 9.45 1.47
N ASN A 41 2.41 9.96 0.51
CA ASN A 41 1.27 10.91 0.82
C ASN A 41 0.27 10.29 1.81
N LYS A 42 -0.75 11.03 2.17
CA LYS A 42 -1.77 10.51 3.13
C LYS A 42 -2.72 9.50 2.45
N SER A 43 -3.46 9.94 1.47
CA SER A 43 -4.43 9.04 0.76
C SER A 43 -3.84 8.45 -0.53
N PHE A 44 -3.23 9.28 -1.35
CA PHE A 44 -2.67 8.78 -2.65
C PHE A 44 -1.52 7.77 -2.45
N ARG A 45 -1.05 7.60 -1.24
CA ARG A 45 0.08 6.63 -1.02
C ARG A 45 -0.27 5.21 -1.51
N ARG A 46 -1.44 4.71 -1.21
CA ARG A 46 -1.81 3.32 -1.67
C ARG A 46 -1.82 3.23 -3.20
N VAL A 47 -2.44 4.18 -3.85
CA VAL A 47 -2.46 4.16 -5.36
C VAL A 47 -1.04 4.35 -5.91
N ASN A 48 -0.28 5.24 -5.32
CA ASN A 48 1.11 5.47 -5.81
C ASN A 48 1.96 4.22 -5.57
N LEU A 49 1.84 3.60 -4.42
CA LEU A 49 2.64 2.37 -4.15
C LEU A 49 2.21 1.25 -5.12
N SER A 50 0.94 1.13 -5.33
CA SER A 50 0.43 0.08 -6.29
C SER A 50 1.08 0.28 -7.67
N LYS A 51 1.17 1.50 -8.13
CA LYS A 51 1.82 1.76 -9.45
C LYS A 51 3.34 1.58 -9.33
N PHE A 52 3.89 1.79 -8.16
CA PHE A 52 5.36 1.59 -7.98
C PHE A 52 5.65 0.08 -8.05
N VAL A 53 4.86 -0.72 -7.39
CA VAL A 53 5.09 -2.20 -7.43
C VAL A 53 5.05 -2.68 -8.89
N GLU A 54 4.07 -2.25 -9.64
CA GLU A 54 3.98 -2.67 -11.07
C GLU A 54 5.26 -2.28 -11.83
N SER A 55 5.77 -1.10 -11.57
CA SER A 55 7.01 -0.61 -12.25
C SER A 55 8.27 -1.22 -11.62
N GLN A 56 8.26 -1.51 -10.34
CA GLN A 56 9.46 -2.10 -9.70
C GLN A 56 9.73 -3.49 -10.27
N GLY A 57 8.70 -4.19 -10.72
CA GLY A 57 8.91 -5.54 -11.35
C GLY A 57 9.91 -5.45 -12.53
N GLU A 58 10.26 -4.26 -12.96
CA GLU A 58 11.24 -4.10 -14.08
C GLU A 58 12.68 -4.22 -13.55
N VAL A 59 12.89 -4.04 -12.26
CA VAL A 59 14.28 -4.15 -11.69
C VAL A 59 14.66 -5.63 -11.50
N ASP A 60 13.72 -6.46 -11.11
CA ASP A 60 14.00 -7.90 -10.90
C ASP A 60 12.69 -8.70 -11.06
N PRO A 61 12.82 -9.95 -11.44
CA PRO A 61 11.61 -10.81 -11.62
C PRO A 61 11.04 -11.30 -10.27
N GLU A 62 11.16 -10.49 -9.25
CA GLU A 62 10.61 -10.89 -7.91
C GLU A 62 9.22 -10.25 -7.69
N ASP A 63 8.85 -9.28 -8.50
CA ASP A 63 7.49 -8.63 -8.36
C ASP A 63 6.35 -9.63 -8.65
N ARG A 64 6.71 -10.77 -9.16
CA ARG A 64 5.71 -11.85 -9.49
C ARG A 64 4.72 -12.12 -8.34
N TYR A 65 4.98 -11.66 -7.14
CA TYR A 65 4.02 -11.90 -5.99
C TYR A 65 2.70 -11.12 -6.16
N VAL A 66 2.36 -10.67 -7.36
CA VAL A 66 1.09 -9.88 -7.64
C VAL A 66 0.26 -9.58 -6.37
N ILE A 67 0.79 -8.75 -5.50
CA ILE A 67 0.06 -8.37 -4.25
C ILE A 67 -0.82 -7.13 -4.49
N LYS A 68 -0.45 -6.29 -5.44
CA LYS A 68 -1.27 -5.07 -5.73
C LYS A 68 -2.76 -5.43 -5.93
N SER A 69 -3.03 -6.59 -6.49
CA SER A 69 -4.46 -7.02 -6.67
C SER A 69 -5.12 -7.16 -5.29
N ASN A 70 -4.44 -7.72 -4.33
CA ASN A 70 -5.02 -7.85 -2.96
C ASN A 70 -5.20 -6.44 -2.36
N LEU A 71 -4.26 -5.56 -2.60
CA LEU A 71 -4.40 -4.16 -2.08
C LEU A 71 -5.56 -3.47 -2.77
N GLN A 72 -5.75 -3.73 -4.04
CA GLN A 72 -6.91 -3.12 -4.76
C GLN A 72 -8.19 -3.51 -4.02
N LYS A 73 -8.32 -4.76 -3.67
CA LYS A 73 -9.51 -5.21 -2.87
C LYS A 73 -9.47 -4.51 -1.51
N LEU A 74 -8.29 -4.34 -0.96
CA LEU A 74 -8.15 -3.63 0.35
C LEU A 74 -8.66 -2.18 0.21
N ASN A 75 -8.30 -1.52 -0.88
CA ASN A 75 -8.78 -0.13 -1.12
C ASN A 75 -10.31 -0.15 -1.30
N ALA A 76 -10.84 -1.21 -1.85
CA ALA A 76 -12.32 -1.32 -2.00
C ALA A 76 -12.93 -1.60 -0.61
N CYS A 77 -12.20 -2.29 0.23
CA CYS A 77 -12.68 -2.58 1.62
C CYS A 77 -12.45 -1.36 2.52
N LEU A 78 -11.30 -0.74 2.40
CA LEU A 78 -10.99 0.49 3.20
C LEU A 78 -10.95 1.69 2.24
N PRO A 79 -11.81 2.65 2.47
CA PRO A 79 -11.87 3.83 1.56
C PRO A 79 -10.58 4.63 1.51
N THR A 80 -9.79 4.30 0.56
CA THR A 80 -8.47 5.01 0.33
C THR A 80 -8.08 4.98 -1.16
N SER A 81 -8.98 4.57 -2.01
CA SER A 81 -8.70 4.48 -3.48
C SER A 81 -8.64 5.88 -4.12
N ALA A 82 -7.67 6.67 -3.75
CA ALA A 82 -7.53 8.03 -4.33
C ALA A 82 -6.80 7.94 -5.68
N ASN A 83 -7.43 7.38 -6.65
CA ASN A 83 -6.79 7.22 -8.00
C ASN A 83 -6.75 8.54 -8.80
N ASP A 84 -6.56 9.67 -8.15
CA ASP A 84 -6.51 10.96 -8.90
C ASP A 84 -5.21 11.73 -8.60
N SER A 85 -4.16 11.01 -8.28
CA SER A 85 -2.85 11.68 -7.97
C SER A 85 -1.70 10.67 -8.09
N ALA A 86 -1.75 9.83 -9.11
CA ALA A 86 -0.67 8.81 -9.30
C ALA A 86 0.65 9.51 -9.68
N LEU A 87 1.38 9.96 -8.70
CA LEU A 87 2.68 10.67 -8.98
C LEU A 87 3.89 9.79 -8.63
N PRO A 88 4.78 9.64 -9.59
CA PRO A 88 6.01 8.82 -9.39
C PRO A 88 7.02 9.58 -8.51
N GLY A 89 8.18 9.00 -8.27
CA GLY A 89 9.20 9.70 -7.42
C GLY A 89 10.60 9.23 -7.79
N VAL A 90 11.05 8.16 -7.18
CA VAL A 90 12.41 7.62 -7.48
C VAL A 90 12.32 6.12 -7.78
N PHE A 91 13.36 5.54 -8.33
CA PHE A 91 13.33 4.09 -8.62
C PHE A 91 14.28 3.35 -7.67
N ILE A 92 13.93 2.16 -7.29
CA ILE A 92 14.79 1.39 -6.35
C ILE A 92 15.22 0.07 -6.98
N ARG A 93 16.47 -0.29 -6.84
CA ARG A 93 16.96 -1.56 -7.43
C ARG A 93 16.49 -2.76 -6.58
N ASP A 94 16.63 -2.69 -5.29
CA ASP A 94 16.17 -3.82 -4.42
C ASP A 94 14.64 -3.82 -4.33
N LEU A 95 14.02 -4.79 -4.94
CA LEU A 95 12.52 -4.87 -4.89
C LEU A 95 12.06 -4.94 -3.46
N ASP A 96 12.54 -5.96 -2.81
CA ASP A 96 12.15 -6.22 -1.42
C ASP A 96 12.28 -4.93 -0.57
N ASP A 97 13.32 -4.16 -0.76
CA ASP A 97 13.46 -2.89 0.01
C ASP A 97 12.25 -1.97 -0.24
N PHE A 98 11.86 -1.82 -1.46
CA PHE A 98 10.67 -0.96 -1.75
C PHE A 98 9.40 -1.62 -1.18
N ARG A 99 9.30 -2.93 -1.28
CA ARG A 99 8.08 -3.63 -0.74
C ARG A 99 8.07 -3.59 0.81
N LYS A 100 9.21 -3.54 1.45
CA LYS A 100 9.19 -3.49 2.94
C LYS A 100 8.87 -2.07 3.43
N LYS A 101 9.34 -1.06 2.75
CA LYS A 101 9.04 0.34 3.19
C LYS A 101 7.60 0.72 2.79
N LEU A 102 7.11 0.25 1.67
CA LEU A 102 5.71 0.59 1.26
C LEU A 102 4.70 -0.10 2.21
N ARG A 103 4.96 -1.33 2.57
CA ARG A 103 4.01 -2.05 3.49
C ARG A 103 4.04 -1.40 4.87
N PHE A 104 5.20 -0.99 5.31
CA PHE A 104 5.29 -0.34 6.65
C PHE A 104 4.65 1.05 6.61
N TYR A 105 4.88 1.81 5.57
CA TYR A 105 4.27 3.18 5.51
C TYR A 105 2.76 3.12 5.29
N MET A 106 2.25 2.10 4.66
CA MET A 106 0.76 2.02 4.47
C MET A 106 0.11 1.68 5.81
N VAL A 107 0.73 0.82 6.58
CA VAL A 107 0.16 0.45 7.92
C VAL A 107 0.59 1.49 8.97
N HIS A 108 1.75 2.08 8.82
CA HIS A 108 2.23 3.10 9.81
C HIS A 108 1.80 4.52 9.39
N LEU A 109 0.93 4.65 8.41
CA LEU A 109 0.45 6.02 7.95
C LEU A 109 0.59 7.08 9.06
N ASN A 110 -0.01 6.85 10.21
CA ASN A 110 0.12 7.84 11.34
C ASN A 110 -0.59 7.28 12.59
N ASP A 111 -1.87 7.51 12.72
CA ASP A 111 -2.65 7.01 13.90
C ASP A 111 -4.14 7.36 13.70
N LEU A 112 -4.71 6.84 12.66
CA LEU A 112 -6.14 7.12 12.35
C LEU A 112 -6.55 6.30 11.12
N GLU A 113 -7.13 5.16 11.35
CA GLU A 113 -7.57 4.24 10.23
C GLU A 113 -7.96 4.99 8.94
N THR A 114 -8.60 6.13 9.07
CA THR A 114 -9.00 6.92 7.85
C THR A 114 -7.75 7.57 7.21
N VAL A 115 -7.90 8.67 6.53
CA VAL A 115 -6.70 9.31 5.89
C VAL A 115 -6.65 10.83 6.16
N LEU A 116 -7.64 11.56 5.72
CA LEU A 116 -7.65 13.05 5.95
C LEU A 116 -9.08 13.61 5.93
N THR A 117 -9.93 13.14 6.82
CA THR A 117 -11.35 13.65 6.84
C THR A 117 -11.91 13.59 8.28
N SER A 118 -13.11 14.06 8.47
CA SER A 118 -13.74 14.04 9.84
C SER A 118 -14.83 12.97 9.91
N ARG A 119 -15.54 12.90 11.01
CA ARG A 119 -16.64 11.90 11.13
C ARG A 119 -17.90 12.42 10.43
N PRO A 120 -18.44 11.60 9.55
CA PRO A 120 -19.66 11.99 8.79
C PRO A 120 -20.91 11.96 9.70
N PRO A 121 -21.56 13.09 9.82
CA PRO A 121 -22.78 13.18 10.66
C PRO A 121 -23.95 12.42 10.01
N GLN A 122 -24.35 11.31 10.57
CA GLN A 122 -25.48 10.52 9.97
C GLN A 122 -26.76 11.37 9.88
N PRO A 123 -27.15 11.69 8.67
CA PRO A 123 -28.36 12.51 8.45
C PRO A 123 -29.63 11.63 8.44
N ALA A 124 -30.02 11.14 7.29
CA ALA A 124 -31.24 10.26 7.20
C ALA A 124 -31.20 9.40 5.92
N SER A 125 -30.07 8.82 5.60
CA SER A 125 -29.98 7.97 4.36
C SER A 125 -28.74 7.06 4.39
N GLY A 126 -28.32 6.56 3.26
CA GLY A 126 -27.13 5.67 3.21
C GLY A 126 -25.84 6.44 3.56
N SER A 127 -25.83 7.74 3.38
CA SER A 127 -24.61 8.56 3.71
C SER A 127 -24.94 10.06 3.58
N ASP A 4 -17.40 -21.57 -2.05
CA ASP A 4 -15.91 -21.64 -2.19
C ASP A 4 -15.22 -20.65 -1.24
N THR A 5 -15.49 -19.38 -1.37
CA THR A 5 -14.85 -18.36 -0.47
C THR A 5 -15.74 -18.06 0.75
N HIS A 6 -16.41 -19.07 1.28
CA HIS A 6 -17.29 -18.84 2.47
C HIS A 6 -16.68 -19.43 3.75
N ARG A 7 -15.56 -20.06 3.64
CA ARG A 7 -14.89 -20.66 4.82
C ARG A 7 -13.65 -19.84 5.22
N LEU A 8 -12.74 -20.42 5.98
CA LEU A 8 -11.51 -19.68 6.39
C LEU A 8 -10.66 -19.28 5.17
N THR A 9 -10.89 -19.90 4.03
CA THR A 9 -10.11 -19.56 2.79
C THR A 9 -10.23 -18.05 2.49
N ARG A 10 -11.35 -17.45 2.82
CA ARG A 10 -11.51 -15.99 2.57
C ARG A 10 -10.91 -15.20 3.76
N THR A 11 -9.64 -15.37 3.99
CA THR A 11 -8.96 -14.66 5.13
C THR A 11 -8.69 -13.20 4.77
N LEU A 12 -8.38 -12.93 3.53
CA LEU A 12 -8.10 -11.52 3.12
C LEU A 12 -9.40 -10.72 3.00
N ASN A 13 -9.40 -9.54 3.56
CA ASN A 13 -10.61 -8.66 3.50
C ASN A 13 -10.19 -7.19 3.66
N CYS A 14 -9.24 -6.93 4.53
CA CYS A 14 -8.76 -5.51 4.74
C CYS A 14 -7.56 -5.49 5.69
N SER A 15 -7.73 -5.96 6.89
CA SER A 15 -6.60 -5.97 7.86
C SER A 15 -5.69 -7.19 7.61
N SER A 16 -6.26 -8.29 7.21
CA SER A 16 -5.46 -9.52 6.94
C SER A 16 -4.57 -9.34 5.70
N ILE A 17 -4.96 -8.51 4.77
CA ILE A 17 -4.11 -8.31 3.54
C ILE A 17 -2.81 -7.57 3.91
N VAL A 18 -2.88 -6.67 4.86
CA VAL A 18 -1.65 -5.93 5.27
C VAL A 18 -0.75 -6.86 6.10
N LYS A 19 -1.32 -7.57 7.05
CA LYS A 19 -0.50 -8.51 7.88
C LYS A 19 0.18 -9.56 6.99
N GLU A 20 -0.44 -9.98 5.93
CA GLU A 20 0.19 -11.00 5.04
C GLU A 20 1.32 -10.32 4.24
N ILE A 21 1.05 -9.21 3.63
CA ILE A 21 2.11 -8.48 2.86
C ILE A 21 3.30 -8.16 3.77
N ILE A 22 3.07 -7.80 5.01
CA ILE A 22 4.22 -7.49 5.92
C ILE A 22 5.05 -8.77 6.15
N GLY A 23 4.40 -9.89 6.35
CA GLY A 23 5.14 -11.16 6.56
C GLY A 23 5.65 -11.72 5.21
N LYS A 24 5.10 -11.26 4.10
CA LYS A 24 5.53 -11.77 2.76
C LYS A 24 6.73 -10.99 2.20
N LEU A 25 6.97 -9.81 2.67
CA LEU A 25 8.13 -9.02 2.13
C LEU A 25 9.30 -8.97 3.14
N PRO A 26 10.31 -9.77 2.85
CA PRO A 26 11.53 -9.84 3.70
C PRO A 26 12.52 -8.69 3.38
N GLU A 27 13.81 -8.93 3.43
CA GLU A 27 14.80 -7.84 3.14
C GLU A 27 16.23 -8.41 3.04
N PRO A 28 16.69 -8.60 1.81
CA PRO A 28 18.07 -9.12 1.58
C PRO A 28 19.11 -7.99 1.75
N GLU A 29 20.29 -8.13 1.17
CA GLU A 29 21.33 -7.05 1.30
C GLU A 29 21.20 -6.06 0.13
N LEU A 30 20.01 -5.61 -0.14
CA LEU A 30 19.80 -4.64 -1.26
C LEU A 30 20.07 -3.19 -0.81
N LYS A 31 20.44 -2.99 0.43
CA LYS A 31 20.72 -1.60 1.00
C LYS A 31 20.44 -0.43 0.03
N THR A 32 19.19 -0.16 -0.23
CA THR A 32 18.80 0.99 -1.12
C THR A 32 17.74 1.89 -0.44
N ASP A 33 17.11 1.38 0.60
CA ASP A 33 16.05 2.12 1.38
C ASP A 33 15.69 3.53 0.85
N ASP A 34 14.96 3.58 -0.23
CA ASP A 34 14.51 4.90 -0.79
C ASP A 34 12.97 4.91 -0.84
N GLU A 35 12.35 4.89 0.32
CA GLU A 35 10.87 4.89 0.44
C GLU A 35 10.21 5.81 -0.57
N GLY A 36 9.15 5.33 -1.17
CA GLY A 36 8.41 6.16 -2.18
C GLY A 36 7.89 7.45 -1.53
N PRO A 37 8.46 8.58 -1.93
CA PRO A 37 8.05 9.90 -1.36
C PRO A 37 6.61 10.25 -1.73
N SER A 38 6.34 10.43 -2.99
CA SER A 38 4.95 10.75 -3.44
C SER A 38 3.96 9.70 -2.93
N LEU A 39 4.45 8.50 -2.69
CA LEU A 39 3.58 7.39 -2.18
C LEU A 39 3.40 7.45 -0.65
N ARG A 40 4.06 8.36 0.02
CA ARG A 40 3.90 8.46 1.51
C ARG A 40 2.83 9.51 1.90
N ASN A 41 2.10 10.01 0.93
CA ASN A 41 1.04 11.03 1.21
C ASN A 41 -0.05 10.47 2.15
N LYS A 42 -1.08 11.25 2.39
CA LYS A 42 -2.17 10.78 3.32
C LYS A 42 -3.09 9.74 2.64
N SER A 43 -3.78 10.13 1.60
CA SER A 43 -4.70 9.18 0.90
C SER A 43 -4.08 8.56 -0.37
N PHE A 44 -3.42 9.34 -1.18
CA PHE A 44 -2.83 8.80 -2.45
C PHE A 44 -1.76 7.72 -2.18
N ARG A 45 -1.20 7.70 -0.99
CA ARG A 45 -0.15 6.67 -0.66
C ARG A 45 -0.56 5.25 -1.08
N ARG A 46 -1.83 4.94 -1.07
CA ARG A 46 -2.27 3.56 -1.46
C ARG A 46 -2.33 3.39 -2.99
N VAL A 47 -2.92 4.32 -3.68
CA VAL A 47 -2.99 4.21 -5.17
C VAL A 47 -1.58 4.33 -5.77
N ASN A 48 -0.79 5.24 -5.24
CA ASN A 48 0.62 5.37 -5.75
C ASN A 48 1.36 4.05 -5.47
N LEU A 49 1.20 3.54 -4.28
CA LEU A 49 1.84 2.27 -3.88
C LEU A 49 1.51 1.13 -4.86
N SER A 50 0.25 1.00 -5.24
CA SER A 50 -0.13 -0.09 -6.19
C SER A 50 0.55 0.11 -7.56
N LYS A 51 0.59 1.33 -8.05
CA LYS A 51 1.26 1.58 -9.37
C LYS A 51 2.78 1.55 -9.20
N PHE A 52 3.26 1.88 -8.04
CA PHE A 52 4.73 1.86 -7.79
C PHE A 52 5.22 0.40 -7.72
N VAL A 53 4.46 -0.47 -7.12
CA VAL A 53 4.89 -1.91 -7.07
C VAL A 53 4.85 -2.48 -8.50
N GLU A 54 3.83 -2.18 -9.25
CA GLU A 54 3.78 -2.67 -10.67
C GLU A 54 5.06 -2.23 -11.41
N SER A 55 5.54 -1.05 -11.09
CA SER A 55 6.79 -0.52 -11.73
C SER A 55 8.03 -1.16 -11.07
N GLN A 56 7.96 -1.45 -9.79
CA GLN A 56 9.11 -2.07 -9.07
C GLN A 56 9.45 -3.45 -9.65
N GLY A 57 8.47 -4.16 -10.15
CA GLY A 57 8.74 -5.50 -10.77
C GLY A 57 9.73 -5.39 -11.95
N GLU A 58 10.04 -4.19 -12.38
CA GLU A 58 10.98 -4.01 -13.53
C GLU A 58 12.46 -3.99 -13.09
N VAL A 59 12.75 -3.71 -11.83
CA VAL A 59 14.19 -3.71 -11.38
C VAL A 59 14.69 -5.14 -11.18
N ASP A 60 13.86 -5.99 -10.64
CA ASP A 60 14.26 -7.41 -10.42
C ASP A 60 13.03 -8.32 -10.56
N PRO A 61 13.27 -9.55 -10.96
CA PRO A 61 12.15 -10.51 -11.13
C PRO A 61 11.67 -11.06 -9.77
N GLU A 62 11.68 -10.24 -8.76
CA GLU A 62 11.22 -10.68 -7.41
C GLU A 62 9.79 -10.18 -7.13
N ASP A 63 9.23 -9.35 -7.98
CA ASP A 63 7.84 -8.86 -7.77
C ASP A 63 6.81 -9.97 -8.07
N ARG A 64 7.30 -11.13 -8.38
CA ARG A 64 6.40 -12.31 -8.68
C ARG A 64 5.42 -12.57 -7.51
N TYR A 65 5.62 -11.94 -6.37
CA TYR A 65 4.73 -12.13 -5.17
C TYR A 65 3.26 -11.68 -5.42
N VAL A 66 2.82 -11.58 -6.66
CA VAL A 66 1.40 -11.12 -7.00
C VAL A 66 0.60 -10.65 -5.77
N ILE A 67 0.93 -9.49 -5.28
CA ILE A 67 0.21 -8.91 -4.10
C ILE A 67 -0.65 -7.71 -4.56
N LYS A 68 -0.32 -7.12 -5.69
CA LYS A 68 -1.13 -5.96 -6.21
C LYS A 68 -2.63 -6.31 -6.24
N SER A 69 -2.96 -7.49 -6.70
CA SER A 69 -4.39 -7.92 -6.73
C SER A 69 -5.00 -7.81 -5.32
N ASN A 70 -4.28 -8.25 -4.32
CA ASN A 70 -4.80 -8.14 -2.92
C ASN A 70 -4.85 -6.65 -2.52
N LEU A 71 -3.87 -5.89 -2.92
CA LEU A 71 -3.88 -4.43 -2.60
C LEU A 71 -5.11 -3.79 -3.26
N GLN A 72 -5.40 -4.19 -4.48
CA GLN A 72 -6.60 -3.67 -5.19
C GLN A 72 -7.84 -4.01 -4.35
N LYS A 73 -7.91 -5.22 -3.87
CA LYS A 73 -9.06 -5.65 -3.01
C LYS A 73 -9.04 -4.84 -1.71
N LEU A 74 -7.87 -4.64 -1.14
CA LEU A 74 -7.78 -3.83 0.10
C LEU A 74 -8.27 -2.41 -0.19
N ASN A 75 -7.83 -1.84 -1.29
CA ASN A 75 -8.29 -0.47 -1.66
C ASN A 75 -9.82 -0.47 -1.86
N ALA A 76 -10.36 -1.54 -2.39
CA ALA A 76 -11.85 -1.61 -2.58
C ALA A 76 -12.53 -1.68 -1.19
N CYS A 77 -11.82 -2.21 -0.22
CA CYS A 77 -12.39 -2.31 1.17
C CYS A 77 -12.02 -1.06 2.00
N LEU A 78 -10.86 -0.50 1.74
CA LEU A 78 -10.42 0.71 2.50
C LEU A 78 -10.93 2.00 1.82
N PRO A 79 -11.16 3.01 2.63
CA PRO A 79 -11.68 4.32 2.12
C PRO A 79 -10.63 5.06 1.28
N THR A 80 -9.38 4.74 1.48
CA THR A 80 -8.27 5.43 0.70
C THR A 80 -8.22 5.01 -0.79
N SER A 81 -9.25 4.41 -1.29
CA SER A 81 -9.27 3.97 -2.74
C SER A 81 -9.38 5.18 -3.69
N ALA A 82 -8.42 6.08 -3.63
CA ALA A 82 -8.43 7.28 -4.55
C ALA A 82 -7.66 6.93 -5.83
N ASN A 83 -8.24 6.11 -6.67
CA ASN A 83 -7.56 5.68 -7.94
C ASN A 83 -7.29 6.85 -8.94
N ASP A 84 -7.04 8.04 -8.47
CA ASP A 84 -6.75 9.18 -9.39
C ASP A 84 -5.37 9.78 -9.08
N SER A 85 -4.41 8.97 -8.75
CA SER A 85 -3.04 9.51 -8.43
C SER A 85 -1.96 8.44 -8.64
N ALA A 86 -2.03 7.70 -9.72
CA ALA A 86 -1.00 6.64 -9.97
C ALA A 86 0.35 7.27 -10.39
N LEU A 87 1.10 7.77 -9.44
CA LEU A 87 2.42 8.41 -9.77
C LEU A 87 3.57 7.68 -9.06
N PRO A 88 4.65 7.49 -9.80
CA PRO A 88 5.85 6.80 -9.24
C PRO A 88 6.68 7.75 -8.35
N GLY A 89 7.95 7.45 -8.16
CA GLY A 89 8.81 8.35 -7.31
C GLY A 89 10.29 8.09 -7.61
N VAL A 90 10.87 7.15 -6.92
CA VAL A 90 12.32 6.82 -7.14
C VAL A 90 12.51 5.32 -7.43
N PHE A 91 13.68 4.94 -7.90
CA PHE A 91 13.93 3.49 -8.22
C PHE A 91 14.94 2.87 -7.23
N ILE A 92 14.61 1.71 -6.69
CA ILE A 92 15.54 1.02 -5.73
C ILE A 92 16.20 -0.19 -6.40
N ARG A 93 17.39 -0.58 -5.96
CA ARG A 93 18.06 -1.74 -6.61
C ARG A 93 17.21 -3.02 -6.46
N ASP A 94 16.70 -3.29 -5.28
CA ASP A 94 15.84 -4.50 -5.09
C ASP A 94 14.43 -4.08 -4.65
N LEU A 95 13.44 -4.56 -5.33
CA LEU A 95 12.04 -4.21 -4.97
C LEU A 95 11.70 -4.66 -3.53
N ASP A 96 12.40 -5.64 -3.00
CA ASP A 96 12.13 -6.12 -1.61
C ASP A 96 12.08 -4.95 -0.60
N ASP A 97 13.09 -4.12 -0.56
CA ASP A 97 13.03 -2.96 0.39
C ASP A 97 11.80 -2.12 0.08
N PHE A 98 11.54 -1.89 -1.18
CA PHE A 98 10.36 -1.09 -1.57
C PHE A 98 9.06 -1.76 -1.09
N ARG A 99 8.92 -3.05 -1.29
CA ARG A 99 7.66 -3.73 -0.83
C ARG A 99 7.65 -3.85 0.70
N LYS A 100 8.80 -3.92 1.32
CA LYS A 100 8.80 -3.97 2.82
C LYS A 100 8.60 -2.55 3.37
N LYS A 101 9.12 -1.56 2.71
CA LYS A 101 8.94 -0.16 3.18
C LYS A 101 7.53 0.34 2.84
N LEU A 102 7.01 0.02 1.69
CA LEU A 102 5.65 0.50 1.33
C LEU A 102 4.58 -0.13 2.24
N ARG A 103 4.73 -1.39 2.59
CA ARG A 103 3.71 -2.02 3.51
C ARG A 103 3.87 -1.45 4.92
N PHE A 104 5.09 -1.20 5.32
CA PHE A 104 5.32 -0.63 6.68
C PHE A 104 4.95 0.87 6.70
N TYR A 105 5.24 1.58 5.64
CA TYR A 105 4.91 3.03 5.61
C TYR A 105 3.38 3.23 5.51
N MET A 106 2.68 2.36 4.82
CA MET A 106 1.19 2.52 4.74
C MET A 106 0.60 2.27 6.13
N VAL A 107 1.13 1.29 6.82
CA VAL A 107 0.64 0.97 8.21
C VAL A 107 1.19 2.01 9.22
N HIS A 108 2.39 2.49 9.00
CA HIS A 108 3.00 3.50 9.91
C HIS A 108 2.69 4.94 9.46
N LEU A 109 1.75 5.12 8.54
CA LEU A 109 1.40 6.50 8.04
C LEU A 109 1.57 7.56 9.15
N ASN A 110 0.88 7.42 10.27
CA ASN A 110 1.02 8.40 11.39
C ASN A 110 0.17 7.95 12.61
N ASP A 111 -1.10 8.27 12.62
CA ASP A 111 -2.00 7.88 13.77
C ASP A 111 -3.44 8.41 13.51
N LEU A 112 -4.15 7.81 12.59
CA LEU A 112 -5.55 8.28 12.28
C LEU A 112 -6.20 7.40 11.21
N GLU A 113 -6.84 6.33 11.62
CA GLU A 113 -7.53 5.40 10.64
C GLU A 113 -8.25 6.19 9.53
N THR A 114 -8.94 7.25 9.89
CA THR A 114 -9.66 8.07 8.87
C THR A 114 -8.66 8.84 7.99
N VAL A 115 -7.93 8.13 7.16
CA VAL A 115 -6.90 8.78 6.27
C VAL A 115 -7.49 9.93 5.43
N LEU A 116 -8.75 9.87 5.10
CA LEU A 116 -9.36 10.98 4.29
C LEU A 116 -10.83 11.21 4.68
N THR A 117 -11.39 12.32 4.29
CA THR A 117 -12.80 12.64 4.62
C THR A 117 -13.76 11.93 3.66
N SER A 118 -14.88 11.44 4.15
CA SER A 118 -15.85 10.76 3.24
C SER A 118 -16.66 11.79 2.44
N ARG A 119 -15.99 12.58 1.64
CA ARG A 119 -16.70 13.60 0.82
C ARG A 119 -16.78 13.18 -0.66
N PRO A 120 -17.95 13.34 -1.24
CA PRO A 120 -18.14 12.97 -2.68
C PRO A 120 -17.46 14.03 -3.60
N PRO A 121 -16.43 13.61 -4.28
CA PRO A 121 -15.69 14.54 -5.19
C PRO A 121 -16.41 14.74 -6.53
N GLN A 122 -17.58 14.17 -6.70
CA GLN A 122 -18.30 14.33 -8.01
C GLN A 122 -19.11 15.64 -8.08
N PRO A 123 -19.93 15.90 -7.08
CA PRO A 123 -20.76 17.14 -7.07
C PRO A 123 -19.92 18.39 -6.78
N ALA A 124 -20.53 19.55 -6.90
CA ALA A 124 -19.79 20.83 -6.63
C ALA A 124 -20.52 21.66 -5.55
N SER A 125 -20.39 21.27 -4.31
CA SER A 125 -21.06 22.04 -3.20
C SER A 125 -20.09 23.06 -2.59
N GLY A 126 -20.21 23.37 -1.33
CA GLY A 126 -19.28 24.37 -0.69
C GLY A 126 -18.08 23.66 -0.07
N SER A 127 -17.80 23.92 1.18
CA SER A 127 -16.64 23.27 1.86
C SER A 127 -17.09 22.55 3.14
N ASP A 4 -13.88 -20.15 15.13
CA ASP A 4 -14.87 -21.19 15.52
C ASP A 4 -15.77 -21.56 14.31
N THR A 5 -16.38 -20.57 13.70
CA THR A 5 -17.27 -20.85 12.53
C THR A 5 -16.57 -20.58 11.18
N HIS A 6 -15.35 -20.10 11.20
CA HIS A 6 -14.63 -19.82 9.91
C HIS A 6 -13.32 -20.61 9.81
N ARG A 7 -12.69 -20.58 8.65
CA ARG A 7 -11.41 -21.32 8.47
C ARG A 7 -10.36 -20.41 7.79
N LEU A 8 -9.15 -20.89 7.66
CA LEU A 8 -8.06 -20.05 7.02
C LEU A 8 -8.45 -19.59 5.59
N THR A 9 -9.33 -20.31 4.94
CA THR A 9 -9.75 -19.93 3.54
C THR A 9 -10.33 -18.50 3.50
N ARG A 10 -10.85 -18.01 4.60
CA ARG A 10 -11.42 -16.62 4.62
C ARG A 10 -10.47 -15.67 5.38
N THR A 11 -9.33 -15.38 4.80
CA THR A 11 -8.35 -14.47 5.47
C THR A 11 -8.36 -13.08 4.84
N LEU A 12 -8.13 -12.99 3.56
CA LEU A 12 -8.09 -11.66 2.86
C LEU A 12 -9.47 -10.97 2.84
N ASN A 13 -9.79 -10.29 3.90
CA ASN A 13 -11.08 -9.55 3.98
C ASN A 13 -10.81 -8.04 4.08
N CYS A 14 -9.82 -7.65 4.87
CA CYS A 14 -9.51 -6.18 5.01
C CYS A 14 -8.12 -5.95 5.65
N SER A 15 -7.94 -6.33 6.89
CA SER A 15 -6.61 -6.10 7.56
C SER A 15 -5.57 -7.17 7.19
N SER A 16 -5.99 -8.40 7.02
CA SER A 16 -5.00 -9.49 6.66
C SER A 16 -4.20 -9.11 5.41
N ILE A 17 -4.81 -8.39 4.49
CA ILE A 17 -4.09 -7.96 3.25
C ILE A 17 -2.76 -7.27 3.61
N VAL A 18 -2.76 -6.44 4.62
CA VAL A 18 -1.52 -5.75 5.05
C VAL A 18 -0.60 -6.72 5.80
N LYS A 19 -1.16 -7.50 6.69
CA LYS A 19 -0.33 -8.48 7.44
C LYS A 19 0.32 -9.50 6.47
N GLU A 20 -0.39 -9.86 5.43
CA GLU A 20 0.17 -10.83 4.43
C GLU A 20 1.36 -10.22 3.69
N ILE A 21 1.20 -9.05 3.14
CA ILE A 21 2.33 -8.41 2.41
C ILE A 21 3.47 -8.07 3.39
N ILE A 22 3.15 -7.74 4.62
CA ILE A 22 4.23 -7.40 5.61
C ILE A 22 4.97 -8.68 6.04
N GLY A 23 4.25 -9.76 6.22
CA GLY A 23 4.91 -11.05 6.63
C GLY A 23 5.59 -11.69 5.41
N LYS A 24 5.12 -11.40 4.22
CA LYS A 24 5.74 -11.99 3.00
C LYS A 24 6.95 -11.16 2.52
N LEU A 25 6.93 -9.87 2.74
CA LEU A 25 8.09 -9.01 2.30
C LEU A 25 9.13 -8.87 3.43
N PRO A 26 10.26 -9.53 3.27
CA PRO A 26 11.35 -9.47 4.27
C PRO A 26 12.29 -8.27 4.00
N GLU A 27 13.43 -8.23 4.65
CA GLU A 27 14.38 -7.10 4.42
C GLU A 27 15.85 -7.59 4.44
N PRO A 28 16.28 -8.10 3.29
CA PRO A 28 17.67 -8.63 3.15
C PRO A 28 18.69 -7.50 2.88
N GLU A 29 19.82 -7.83 2.29
CA GLU A 29 20.86 -6.78 1.99
C GLU A 29 20.53 -5.99 0.72
N LEU A 30 19.31 -5.56 0.58
CA LEU A 30 18.91 -4.76 -0.63
C LEU A 30 19.30 -3.27 -0.48
N LYS A 31 19.75 -2.88 0.69
CA LYS A 31 20.19 -1.45 0.99
C LYS A 31 19.99 -0.45 -0.18
N THR A 32 18.83 0.15 -0.26
CA THR A 32 18.59 1.15 -1.35
C THR A 32 18.26 2.53 -0.74
N ASP A 33 17.49 3.34 -1.43
CA ASP A 33 17.13 4.68 -0.90
C ASP A 33 16.05 4.54 0.20
N ASP A 34 15.20 5.52 0.38
CA ASP A 34 14.14 5.40 1.44
C ASP A 34 12.81 4.89 0.82
N GLU A 35 11.68 5.41 1.23
CA GLU A 35 10.38 4.94 0.66
C GLU A 35 9.95 5.80 -0.55
N GLY A 36 8.73 5.66 -0.97
CA GLY A 36 8.24 6.45 -2.14
C GLY A 36 7.93 7.90 -1.73
N PRO A 37 8.63 8.84 -2.35
CA PRO A 37 8.41 10.29 -2.06
C PRO A 37 7.00 10.74 -2.46
N SER A 38 6.74 10.87 -3.73
CA SER A 38 5.37 11.29 -4.19
C SER A 38 4.32 10.28 -3.69
N LEU A 39 4.74 9.05 -3.46
CA LEU A 39 3.81 8.00 -2.96
C LEU A 39 3.40 8.27 -1.49
N ARG A 40 4.05 9.21 -0.84
CA ARG A 40 3.69 9.53 0.58
C ARG A 40 2.42 10.40 0.67
N ASN A 41 1.71 10.58 -0.43
CA ASN A 41 0.47 11.42 -0.42
C ASN A 41 -0.53 10.96 0.67
N LYS A 42 -1.49 11.80 0.95
CA LYS A 42 -2.51 11.46 2.02
C LYS A 42 -3.51 10.40 1.54
N SER A 43 -4.29 10.69 0.54
CA SER A 43 -5.31 9.69 0.07
C SER A 43 -4.81 8.86 -1.12
N PHE A 44 -3.68 9.18 -1.69
CA PHE A 44 -3.19 8.39 -2.87
C PHE A 44 -2.04 7.44 -2.48
N ARG A 45 -1.49 7.57 -1.30
CA ARG A 45 -0.34 6.68 -0.88
C ARG A 45 -0.56 5.20 -1.24
N ARG A 46 -1.70 4.63 -0.94
CA ARG A 46 -1.92 3.18 -1.29
C ARG A 46 -2.00 3.00 -2.82
N VAL A 47 -2.55 3.95 -3.53
CA VAL A 47 -2.62 3.85 -5.02
C VAL A 47 -1.23 4.09 -5.60
N ASN A 48 -0.51 5.06 -5.07
CA ASN A 48 0.87 5.33 -5.55
C ASN A 48 1.73 4.08 -5.39
N LEU A 49 1.65 3.44 -4.25
CA LEU A 49 2.45 2.21 -4.03
C LEU A 49 2.06 1.11 -5.03
N SER A 50 0.79 1.00 -5.35
CA SER A 50 0.34 -0.03 -6.35
C SER A 50 1.04 0.20 -7.69
N LYS A 51 1.07 1.42 -8.15
CA LYS A 51 1.77 1.71 -9.45
C LYS A 51 3.30 1.59 -9.27
N PHE A 52 3.80 1.88 -8.09
CA PHE A 52 5.26 1.72 -7.85
C PHE A 52 5.61 0.23 -7.93
N VAL A 53 4.80 -0.60 -7.31
CA VAL A 53 5.06 -2.08 -7.36
C VAL A 53 5.07 -2.53 -8.83
N GLU A 54 4.12 -2.06 -9.61
CA GLU A 54 4.08 -2.43 -11.07
C GLU A 54 5.42 -2.07 -11.73
N SER A 55 5.99 -0.95 -11.37
CA SER A 55 7.30 -0.51 -11.97
C SER A 55 8.48 -1.28 -11.35
N GLN A 56 8.50 -1.44 -10.05
CA GLN A 56 9.63 -2.16 -9.39
C GLN A 56 9.81 -3.57 -9.98
N GLY A 57 8.76 -4.17 -10.45
CA GLY A 57 8.88 -5.54 -11.08
C GLY A 57 9.91 -5.51 -12.23
N GLU A 58 10.32 -4.34 -12.66
CA GLU A 58 11.33 -4.25 -13.76
C GLU A 58 12.77 -4.40 -13.18
N VAL A 59 12.93 -4.20 -11.89
CA VAL A 59 14.29 -4.33 -11.27
C VAL A 59 14.60 -5.82 -11.02
N ASP A 60 13.63 -6.57 -10.58
CA ASP A 60 13.85 -8.02 -10.29
C ASP A 60 12.55 -8.80 -10.52
N PRO A 61 12.69 -10.06 -10.86
CA PRO A 61 11.49 -10.92 -11.11
C PRO A 61 10.79 -11.36 -9.79
N GLU A 62 10.99 -10.66 -8.70
CA GLU A 62 10.32 -11.04 -7.42
C GLU A 62 8.98 -10.29 -7.29
N ASP A 63 8.66 -9.46 -8.25
CA ASP A 63 7.35 -8.72 -8.23
C ASP A 63 6.22 -9.71 -8.49
N ARG A 64 6.56 -10.88 -8.99
CA ARG A 64 5.55 -11.94 -9.29
C ARG A 64 4.58 -12.18 -8.12
N TYR A 65 4.89 -11.71 -6.94
CA TYR A 65 3.97 -11.86 -5.75
C TYR A 65 2.73 -10.93 -5.89
N VAL A 66 2.41 -10.50 -7.11
CA VAL A 66 1.25 -9.56 -7.40
C VAL A 66 0.53 -9.05 -6.13
N ILE A 67 1.19 -8.21 -5.37
CA ILE A 67 0.56 -7.63 -4.15
C ILE A 67 -0.58 -6.68 -4.58
N LYS A 68 -0.55 -6.20 -5.80
CA LYS A 68 -1.63 -5.29 -6.29
C LYS A 68 -3.00 -5.93 -6.08
N SER A 69 -3.16 -7.19 -6.44
CA SER A 69 -4.48 -7.87 -6.23
C SER A 69 -4.90 -7.74 -4.75
N ASN A 70 -3.96 -7.93 -3.86
CA ASN A 70 -4.25 -7.76 -2.40
C ASN A 70 -4.69 -6.31 -2.14
N LEU A 71 -3.94 -5.38 -2.67
CA LEU A 71 -4.29 -3.93 -2.48
C LEU A 71 -5.61 -3.59 -3.18
N GLN A 72 -5.94 -4.29 -4.24
CA GLN A 72 -7.25 -4.03 -4.93
C GLN A 72 -8.40 -4.41 -4.00
N LYS A 73 -8.29 -5.53 -3.32
CA LYS A 73 -9.36 -5.91 -2.35
C LYS A 73 -9.35 -4.92 -1.18
N LEU A 74 -8.19 -4.56 -0.72
CA LEU A 74 -8.11 -3.57 0.40
C LEU A 74 -8.59 -2.20 -0.11
N ASN A 75 -8.34 -1.88 -1.37
CA ASN A 75 -8.80 -0.58 -1.93
C ASN A 75 -10.33 -0.49 -1.83
N ALA A 76 -11.01 -1.61 -2.05
CA ALA A 76 -12.50 -1.62 -1.92
C ALA A 76 -12.89 -1.56 -0.43
N CYS A 77 -12.07 -2.17 0.40
CA CYS A 77 -12.34 -2.17 1.88
C CYS A 77 -11.92 -0.82 2.52
N LEU A 78 -10.83 -0.26 2.09
CA LEU A 78 -10.34 1.04 2.67
C LEU A 78 -10.81 2.26 1.86
N PRO A 79 -10.79 3.41 2.50
CA PRO A 79 -11.22 4.68 1.85
C PRO A 79 -10.17 5.22 0.87
N THR A 80 -8.95 4.79 1.00
CA THR A 80 -7.84 5.29 0.10
C THR A 80 -7.97 4.84 -1.37
N SER A 81 -9.11 4.38 -1.78
CA SER A 81 -9.31 3.93 -3.21
C SER A 81 -9.30 5.13 -4.19
N ALA A 82 -8.20 5.84 -4.25
CA ALA A 82 -8.09 7.00 -5.21
C ALA A 82 -7.21 6.62 -6.41
N ASN A 83 -7.71 5.78 -7.27
CA ASN A 83 -6.91 5.34 -8.47
C ASN A 83 -6.76 6.45 -9.55
N ASP A 84 -6.65 7.69 -9.17
CA ASP A 84 -6.50 8.78 -10.18
C ASP A 84 -5.23 9.61 -9.94
N SER A 85 -4.29 9.06 -9.21
CA SER A 85 -3.01 9.79 -8.95
C SER A 85 -1.83 8.82 -9.04
N ALA A 86 -1.72 8.10 -10.13
CA ALA A 86 -0.58 7.14 -10.30
C ALA A 86 0.75 7.88 -10.52
N LEU A 87 1.30 8.45 -9.47
CA LEU A 87 2.59 9.20 -9.59
C LEU A 87 3.78 8.36 -9.09
N PRO A 88 4.78 8.25 -9.94
CA PRO A 88 6.01 7.46 -9.58
C PRO A 88 6.93 8.27 -8.65
N GLY A 89 8.23 8.00 -8.66
CA GLY A 89 9.17 8.77 -7.78
C GLY A 89 10.60 8.29 -7.95
N VAL A 90 10.93 7.18 -7.34
CA VAL A 90 12.33 6.64 -7.43
C VAL A 90 12.34 5.13 -7.75
N PHE A 91 13.48 4.61 -8.09
CA PHE A 91 13.61 3.16 -8.42
C PHE A 91 14.60 2.51 -7.44
N ILE A 92 14.42 1.25 -7.13
CA ILE A 92 15.34 0.56 -6.17
C ILE A 92 15.94 -0.70 -6.79
N ARG A 93 17.13 -1.09 -6.38
CA ARG A 93 17.77 -2.31 -6.97
C ARG A 93 16.86 -3.54 -6.82
N ASP A 94 16.32 -3.76 -5.65
CA ASP A 94 15.43 -4.94 -5.45
C ASP A 94 14.04 -4.48 -4.99
N LEU A 95 13.02 -4.90 -5.69
CA LEU A 95 11.62 -4.53 -5.33
C LEU A 95 11.24 -4.97 -3.90
N ASP A 96 11.88 -5.98 -3.39
CA ASP A 96 11.55 -6.48 -2.01
C ASP A 96 11.78 -5.36 -0.97
N ASP A 97 12.93 -4.72 -1.01
CA ASP A 97 13.22 -3.60 -0.04
C ASP A 97 12.10 -2.54 -0.11
N PHE A 98 11.71 -2.16 -1.30
CA PHE A 98 10.62 -1.16 -1.46
C PHE A 98 9.31 -1.73 -0.90
N ARG A 99 9.05 -2.99 -1.12
CA ARG A 99 7.79 -3.61 -0.59
C ARG A 99 7.75 -3.54 0.94
N LYS A 100 8.86 -3.76 1.59
CA LYS A 100 8.89 -3.68 3.08
C LYS A 100 8.74 -2.22 3.54
N LYS A 101 9.39 -1.31 2.87
CA LYS A 101 9.28 0.13 3.25
C LYS A 101 7.88 0.68 2.90
N LEU A 102 7.31 0.25 1.81
CA LEU A 102 5.95 0.74 1.43
C LEU A 102 4.89 0.21 2.40
N ARG A 103 5.05 -1.00 2.86
CA ARG A 103 4.04 -1.57 3.82
C ARG A 103 4.13 -0.84 5.15
N PHE A 104 5.33 -0.58 5.62
CA PHE A 104 5.50 0.15 6.91
C PHE A 104 4.78 1.51 6.84
N TYR A 105 4.99 2.26 5.79
CA TYR A 105 4.28 3.59 5.70
C TYR A 105 2.76 3.39 5.54
N MET A 106 2.36 2.35 4.86
CA MET A 106 0.88 2.10 4.67
C MET A 106 0.24 1.69 6.01
N VAL A 107 0.97 1.00 6.84
CA VAL A 107 0.44 0.58 8.17
C VAL A 107 0.61 1.73 9.19
N HIS A 108 1.63 2.54 9.01
CA HIS A 108 1.85 3.69 9.96
C HIS A 108 0.74 4.74 9.81
N LEU A 109 -0.05 4.67 8.75
CA LEU A 109 -1.19 5.63 8.52
C LEU A 109 -1.63 6.35 9.82
N ASN A 110 -2.27 5.63 10.71
CA ASN A 110 -2.71 6.23 12.02
C ASN A 110 -3.45 5.18 12.85
N ASP A 111 -4.64 4.81 12.44
CA ASP A 111 -5.43 3.78 13.18
C ASP A 111 -6.31 2.98 12.19
N LEU A 112 -7.56 3.35 12.04
CA LEU A 112 -8.47 2.62 11.09
C LEU A 112 -9.41 3.58 10.33
N GLU A 113 -9.43 4.85 10.66
CA GLU A 113 -10.35 5.80 9.96
C GLU A 113 -9.55 6.85 9.16
N THR A 114 -8.93 7.81 9.82
CA THR A 114 -8.14 8.86 9.07
C THR A 114 -6.82 8.29 8.50
N VAL A 115 -6.28 8.96 7.52
CA VAL A 115 -4.98 8.50 6.91
C VAL A 115 -3.79 9.15 7.64
N LEU A 116 -4.00 10.30 8.24
CA LEU A 116 -2.91 11.03 8.95
C LEU A 116 -3.52 12.11 9.87
N THR A 117 -2.83 13.19 10.11
CA THR A 117 -3.40 14.28 10.98
C THR A 117 -4.57 14.98 10.28
N SER A 118 -4.73 16.28 10.46
CA SER A 118 -5.87 17.02 9.81
C SER A 118 -5.81 16.94 8.26
N ARG A 119 -6.68 17.69 7.61
CA ARG A 119 -6.70 17.67 6.11
C ARG A 119 -5.96 18.91 5.54
N PRO A 120 -5.23 18.68 4.48
CA PRO A 120 -4.47 19.78 3.83
C PRO A 120 -5.41 20.68 3.00
N PRO A 121 -5.00 21.93 2.84
CA PRO A 121 -5.82 22.90 2.05
C PRO A 121 -5.69 22.62 0.53
N GLN A 122 -6.03 21.43 0.10
CA GLN A 122 -5.93 21.09 -1.36
C GLN A 122 -6.95 20.00 -1.74
N PRO A 123 -8.22 20.33 -1.60
CA PRO A 123 -9.29 19.36 -1.93
C PRO A 123 -9.68 19.44 -3.43
N ALA A 124 -10.66 20.25 -3.77
CA ALA A 124 -11.09 20.36 -5.20
C ALA A 124 -11.82 21.70 -5.45
N SER A 125 -12.20 21.95 -6.68
CA SER A 125 -12.92 23.24 -7.01
C SER A 125 -14.42 23.10 -6.74
N GLY A 126 -15.09 24.19 -6.43
CA GLY A 126 -16.55 24.12 -6.16
C GLY A 126 -17.35 24.55 -7.40
N SER A 127 -17.63 25.82 -7.52
CA SER A 127 -18.42 26.30 -8.71
C SER A 127 -17.94 27.70 -9.16
N ASP A 4 -16.71 -24.69 8.61
CA ASP A 4 -16.86 -25.75 9.64
C ASP A 4 -16.42 -25.23 11.03
N THR A 5 -15.14 -25.17 11.28
CA THR A 5 -14.65 -24.65 12.62
C THR A 5 -14.63 -23.12 12.64
N HIS A 6 -15.64 -22.48 12.15
CA HIS A 6 -15.68 -20.97 12.15
C HIS A 6 -16.95 -20.47 12.87
N ARG A 7 -17.19 -19.18 12.81
CA ARG A 7 -18.38 -18.60 13.50
C ARG A 7 -18.89 -17.35 12.74
N LEU A 8 -19.68 -16.54 13.39
CA LEU A 8 -20.20 -15.29 12.73
C LEU A 8 -19.15 -14.17 12.68
N THR A 9 -18.02 -14.36 13.33
CA THR A 9 -16.95 -13.29 13.34
C THR A 9 -16.41 -13.03 11.92
N ARG A 10 -16.62 -13.92 10.98
CA ARG A 10 -16.12 -13.67 9.58
C ARG A 10 -16.99 -12.62 8.88
N THR A 11 -16.85 -11.37 9.27
CA THR A 11 -17.67 -10.29 8.64
C THR A 11 -16.87 -9.59 7.52
N LEU A 12 -15.63 -9.25 7.77
CA LEU A 12 -14.81 -8.57 6.73
C LEU A 12 -13.31 -8.77 7.00
N ASN A 13 -12.77 -9.89 6.60
CA ASN A 13 -11.31 -10.15 6.84
C ASN A 13 -10.44 -9.42 5.79
N CYS A 14 -10.75 -8.19 5.48
CA CYS A 14 -9.94 -7.43 4.48
C CYS A 14 -8.61 -6.94 5.07
N SER A 15 -8.57 -6.69 6.37
CA SER A 15 -7.30 -6.22 7.02
C SER A 15 -6.17 -7.23 6.77
N SER A 16 -6.50 -8.49 6.59
CA SER A 16 -5.45 -9.52 6.34
C SER A 16 -4.57 -9.13 5.14
N ILE A 17 -5.10 -8.39 4.18
CA ILE A 17 -4.26 -7.95 3.01
C ILE A 17 -2.95 -7.34 3.52
N VAL A 18 -3.05 -6.46 4.46
CA VAL A 18 -1.85 -5.80 5.02
C VAL A 18 -1.08 -6.77 5.90
N LYS A 19 -1.77 -7.52 6.74
CA LYS A 19 -1.05 -8.51 7.61
C LYS A 19 -0.26 -9.49 6.74
N GLU A 20 -0.80 -9.86 5.59
CA GLU A 20 -0.07 -10.78 4.67
C GLU A 20 1.10 -10.05 4.04
N ILE A 21 0.87 -8.85 3.55
CA ILE A 21 1.98 -8.06 2.93
C ILE A 21 3.09 -7.84 3.95
N ILE A 22 2.74 -7.57 5.19
CA ILE A 22 3.77 -7.34 6.24
C ILE A 22 4.53 -8.64 6.54
N GLY A 23 3.82 -9.75 6.61
CA GLY A 23 4.49 -11.07 6.90
C GLY A 23 5.25 -11.56 5.66
N LYS A 24 4.75 -11.22 4.50
CA LYS A 24 5.42 -11.66 3.22
C LYS A 24 6.58 -10.73 2.85
N LEU A 25 6.48 -9.47 3.18
CA LEU A 25 7.59 -8.51 2.86
C LEU A 25 8.31 -8.06 4.16
N PRO A 26 9.41 -8.73 4.46
CA PRO A 26 10.18 -8.44 5.69
C PRO A 26 11.27 -7.37 5.43
N GLU A 27 12.35 -7.39 6.19
CA GLU A 27 13.45 -6.38 5.99
C GLU A 27 14.64 -7.03 5.27
N PRO A 28 14.77 -6.73 3.99
CA PRO A 28 15.85 -7.28 3.15
C PRO A 28 17.09 -6.35 3.11
N GLU A 29 18.06 -6.67 2.28
CA GLU A 29 19.28 -5.81 2.17
C GLU A 29 20.18 -6.28 1.00
N LEU A 30 19.70 -6.22 -0.22
CA LEU A 30 20.54 -6.67 -1.37
C LEU A 30 21.47 -5.54 -1.87
N LYS A 31 20.92 -4.40 -2.22
CA LYS A 31 21.79 -3.27 -2.72
C LYS A 31 20.97 -1.98 -2.91
N THR A 32 20.10 -1.65 -2.00
CA THR A 32 19.28 -0.40 -2.13
C THR A 32 18.84 0.06 -0.74
N ASP A 33 18.17 1.18 -0.68
CA ASP A 33 17.69 1.73 0.62
C ASP A 33 16.93 3.05 0.36
N ASP A 34 15.77 2.99 -0.23
CA ASP A 34 15.00 4.24 -0.52
C ASP A 34 13.51 4.05 -0.18
N GLU A 35 12.65 4.78 -0.82
CA GLU A 35 11.18 4.69 -0.55
C GLU A 35 10.41 5.46 -1.64
N GLY A 36 9.16 5.15 -1.84
CA GLY A 36 8.36 5.87 -2.89
C GLY A 36 8.28 7.37 -2.55
N PRO A 37 8.93 8.20 -3.34
CA PRO A 37 8.91 9.68 -3.10
C PRO A 37 7.50 10.27 -3.30
N SER A 38 7.04 10.34 -4.52
CA SER A 38 5.65 10.85 -4.78
C SER A 38 4.64 10.02 -3.97
N LEU A 39 4.99 8.80 -3.66
CA LEU A 39 4.09 7.91 -2.86
C LEU A 39 4.21 8.23 -1.34
N ARG A 40 5.18 9.02 -0.94
CA ARG A 40 5.34 9.36 0.51
C ARG A 40 4.31 10.40 0.97
N ASN A 41 3.42 10.83 0.09
CA ASN A 41 2.38 11.83 0.49
C ASN A 41 1.48 11.27 1.62
N LYS A 42 0.51 12.02 2.04
CA LYS A 42 -0.39 11.51 3.14
C LYS A 42 -1.36 10.44 2.62
N SER A 43 -2.22 10.79 1.71
CA SER A 43 -3.21 9.79 1.16
C SER A 43 -2.74 9.16 -0.17
N PHE A 44 -1.97 9.88 -0.94
CA PHE A 44 -1.49 9.33 -2.26
C PHE A 44 -0.55 8.11 -2.10
N ARG A 45 -0.25 7.69 -0.90
CA ARG A 45 0.69 6.54 -0.72
C ARG A 45 0.04 5.17 -1.03
N ARG A 46 -1.27 5.02 -0.92
CA ARG A 46 -1.89 3.67 -1.18
C ARG A 46 -2.04 3.37 -2.69
N VAL A 47 -2.76 4.17 -3.42
CA VAL A 47 -2.93 3.90 -4.89
C VAL A 47 -1.57 3.99 -5.58
N ASN A 48 -0.76 4.94 -5.20
CA ASN A 48 0.59 5.04 -5.83
C ASN A 48 1.39 3.79 -5.49
N LEU A 49 1.27 3.31 -4.28
CA LEU A 49 2.00 2.06 -3.88
C LEU A 49 1.66 0.92 -4.87
N SER A 50 0.39 0.72 -5.13
CA SER A 50 0.00 -0.35 -6.11
C SER A 50 0.63 -0.08 -7.48
N LYS A 51 0.61 1.15 -7.91
CA LYS A 51 1.23 1.49 -9.24
C LYS A 51 2.76 1.42 -9.16
N PHE A 52 3.31 1.73 -8.00
CA PHE A 52 4.79 1.66 -7.83
C PHE A 52 5.23 0.20 -7.86
N VAL A 53 4.48 -0.67 -7.23
CA VAL A 53 4.83 -2.13 -7.25
C VAL A 53 4.77 -2.63 -8.70
N GLU A 54 3.77 -2.22 -9.44
CA GLU A 54 3.69 -2.64 -10.88
C GLU A 54 4.98 -2.24 -11.61
N SER A 55 5.48 -1.07 -11.32
CA SER A 55 6.74 -0.58 -11.95
C SER A 55 7.96 -1.25 -11.30
N GLN A 56 7.88 -1.57 -10.03
CA GLN A 56 9.02 -2.23 -9.34
C GLN A 56 9.31 -3.60 -9.98
N GLY A 57 8.28 -4.26 -10.47
CA GLY A 57 8.49 -5.60 -11.14
C GLY A 57 9.42 -5.45 -12.36
N GLU A 58 9.76 -4.23 -12.75
CA GLU A 58 10.65 -4.01 -13.92
C GLU A 58 12.14 -4.12 -13.48
N VAL A 59 12.41 -3.99 -12.19
CA VAL A 59 13.83 -4.08 -11.72
C VAL A 59 14.27 -5.56 -11.64
N ASP A 60 13.39 -6.42 -11.21
CA ASP A 60 13.73 -7.86 -11.11
C ASP A 60 12.45 -8.72 -11.16
N PRO A 61 12.57 -9.92 -11.66
CA PRO A 61 11.40 -10.83 -11.77
C PRO A 61 10.92 -11.29 -10.37
N GLU A 62 11.67 -11.06 -9.33
CA GLU A 62 11.23 -11.48 -7.95
C GLU A 62 9.99 -10.67 -7.52
N ASP A 63 9.78 -9.51 -8.08
CA ASP A 63 8.55 -8.71 -7.71
C ASP A 63 7.28 -9.36 -8.28
N ARG A 64 7.41 -10.50 -8.93
CA ARG A 64 6.22 -11.22 -9.51
C ARG A 64 5.07 -11.39 -8.49
N TYR A 65 5.31 -11.13 -7.22
CA TYR A 65 4.22 -11.26 -6.18
C TYR A 65 3.05 -10.25 -6.39
N VAL A 66 2.89 -9.69 -7.58
CA VAL A 66 1.79 -8.69 -7.91
C VAL A 66 0.91 -8.32 -6.70
N ILE A 67 1.46 -7.63 -5.75
CA ILE A 67 0.67 -7.21 -4.55
C ILE A 67 -0.33 -6.09 -4.92
N LYS A 68 -0.08 -5.36 -5.98
CA LYS A 68 -1.04 -4.27 -6.38
C LYS A 68 -2.47 -4.84 -6.54
N SER A 69 -2.62 -6.08 -6.93
CA SER A 69 -3.99 -6.68 -7.07
C SER A 69 -4.59 -6.91 -5.67
N ASN A 70 -3.77 -7.31 -4.73
CA ASN A 70 -4.30 -7.50 -3.34
C ASN A 70 -4.67 -6.13 -2.77
N LEU A 71 -3.89 -5.13 -3.04
CA LEU A 71 -4.22 -3.76 -2.53
C LEU A 71 -5.49 -3.24 -3.21
N GLN A 72 -5.71 -3.63 -4.44
CA GLN A 72 -6.98 -3.20 -5.13
C GLN A 72 -8.16 -3.72 -4.29
N LYS A 73 -8.15 -5.00 -3.97
CA LYS A 73 -9.22 -5.56 -3.10
C LYS A 73 -9.15 -4.88 -1.72
N LEU A 74 -7.95 -4.59 -1.26
CA LEU A 74 -7.80 -3.88 0.06
C LEU A 74 -8.56 -2.54 -0.02
N ASN A 75 -8.33 -1.80 -1.07
CA ASN A 75 -9.04 -0.48 -1.27
C ASN A 75 -10.55 -0.70 -1.34
N ALA A 76 -10.98 -1.73 -2.03
CA ALA A 76 -12.45 -2.01 -2.12
C ALA A 76 -13.00 -2.35 -0.72
N CYS A 77 -12.14 -2.81 0.15
CA CYS A 77 -12.57 -3.16 1.54
C CYS A 77 -12.18 -2.06 2.55
N LEU A 78 -11.56 -1.00 2.11
CA LEU A 78 -11.14 0.08 3.07
C LEU A 78 -11.63 1.46 2.63
N PRO A 79 -12.08 2.24 3.59
CA PRO A 79 -12.56 3.63 3.31
C PRO A 79 -11.40 4.55 2.91
N THR A 80 -10.21 4.27 3.40
CA THR A 80 -9.01 5.11 3.07
C THR A 80 -8.56 4.84 1.63
N SER A 81 -7.32 4.46 1.45
CA SER A 81 -6.70 4.17 0.09
C SER A 81 -7.66 4.47 -1.09
N ALA A 82 -7.93 5.73 -1.34
CA ALA A 82 -8.83 6.11 -2.48
C ALA A 82 -8.23 7.25 -3.31
N ASN A 83 -6.93 7.30 -3.40
CA ASN A 83 -6.28 8.37 -4.22
C ASN A 83 -5.86 7.78 -5.57
N ASP A 84 -6.81 7.33 -6.36
CA ASP A 84 -6.50 6.72 -7.71
C ASP A 84 -5.86 7.74 -8.70
N SER A 85 -5.04 8.63 -8.21
CA SER A 85 -4.36 9.64 -9.08
C SER A 85 -2.94 9.90 -8.53
N ALA A 86 -2.17 8.85 -8.35
CA ALA A 86 -0.79 9.00 -7.80
C ALA A 86 0.18 8.11 -8.61
N LEU A 87 1.30 8.65 -8.97
CA LEU A 87 2.30 7.88 -9.78
C LEU A 87 3.69 7.88 -9.12
N PRO A 88 4.49 6.89 -9.46
CA PRO A 88 5.86 6.77 -8.90
C PRO A 88 6.83 7.79 -9.53
N GLY A 89 7.95 8.04 -8.88
CA GLY A 89 8.93 9.05 -9.43
C GLY A 89 10.35 8.45 -9.53
N VAL A 90 10.71 7.56 -8.65
CA VAL A 90 12.09 6.97 -8.69
C VAL A 90 12.03 5.44 -8.78
N PHE A 91 13.14 4.83 -9.07
CA PHE A 91 13.21 3.35 -9.19
C PHE A 91 14.29 2.79 -8.24
N ILE A 92 14.10 1.60 -7.75
CA ILE A 92 15.10 0.98 -6.82
C ILE A 92 15.68 -0.31 -7.41
N ARG A 93 16.92 -0.63 -7.09
CA ARG A 93 17.54 -1.87 -7.66
C ARG A 93 17.02 -3.14 -6.95
N ASP A 94 16.97 -3.12 -5.63
CA ASP A 94 16.46 -4.31 -4.89
C ASP A 94 14.97 -4.09 -4.55
N LEU A 95 14.11 -4.76 -5.26
CA LEU A 95 12.64 -4.59 -5.01
C LEU A 95 12.30 -4.98 -3.56
N ASP A 96 13.06 -5.88 -2.98
CA ASP A 96 12.80 -6.29 -1.57
C ASP A 96 12.90 -5.04 -0.67
N ASP A 97 13.92 -4.24 -0.86
CA ASP A 97 14.07 -2.99 -0.06
C ASP A 97 12.79 -2.15 -0.18
N PHE A 98 12.31 -1.98 -1.38
CA PHE A 98 11.06 -1.20 -1.58
C PHE A 98 9.90 -1.87 -0.82
N ARG A 99 9.80 -3.18 -0.88
CA ARG A 99 8.69 -3.89 -0.15
C ARG A 99 8.75 -3.59 1.36
N LYS A 100 9.92 -3.62 1.93
CA LYS A 100 10.06 -3.33 3.39
C LYS A 100 9.66 -1.89 3.70
N LYS A 101 10.11 -0.96 2.89
CA LYS A 101 9.75 0.47 3.15
C LYS A 101 8.29 0.73 2.78
N LEU A 102 7.79 0.10 1.76
CA LEU A 102 6.37 0.30 1.37
C LEU A 102 5.43 -0.38 2.37
N ARG A 103 5.80 -1.54 2.87
CA ARG A 103 4.93 -2.23 3.87
C ARG A 103 4.83 -1.40 5.14
N PHE A 104 5.92 -0.83 5.58
CA PHE A 104 5.88 0.01 6.82
C PHE A 104 5.14 1.32 6.55
N TYR A 105 5.34 1.92 5.39
CA TYR A 105 4.62 3.20 5.10
C TYR A 105 3.14 2.96 4.82
N MET A 106 2.80 1.84 4.24
CA MET A 106 1.35 1.56 3.97
C MET A 106 0.61 1.39 5.30
N VAL A 107 1.24 0.75 6.26
CA VAL A 107 0.57 0.57 7.59
C VAL A 107 0.78 1.84 8.44
N HIS A 108 1.83 2.57 8.20
CA HIS A 108 2.10 3.83 8.97
C HIS A 108 1.06 4.91 8.60
N LEU A 109 0.26 4.71 7.57
CA LEU A 109 -0.79 5.71 7.15
C LEU A 109 -1.30 6.54 8.35
N ASN A 110 -1.78 5.89 9.40
CA ASN A 110 -2.28 6.65 10.59
C ASN A 110 -2.66 5.68 11.73
N ASP A 111 -3.78 5.01 11.63
CA ASP A 111 -4.19 4.04 12.69
C ASP A 111 -5.31 3.10 12.18
N LEU A 112 -6.55 3.53 12.23
CA LEU A 112 -7.68 2.66 11.75
C LEU A 112 -8.87 3.48 11.18
N GLU A 113 -8.73 4.79 11.07
CA GLU A 113 -9.86 5.61 10.53
C GLU A 113 -9.47 6.21 9.15
N THR A 114 -8.80 7.33 9.13
CA THR A 114 -8.42 7.96 7.82
C THR A 114 -6.96 8.45 7.87
N VAL A 115 -6.48 9.04 6.79
CA VAL A 115 -5.06 9.56 6.76
C VAL A 115 -5.03 11.05 7.13
N LEU A 116 -6.09 11.76 6.85
CA LEU A 116 -6.14 13.23 7.18
C LEU A 116 -6.99 13.45 8.45
N THR A 117 -7.53 14.62 8.63
CA THR A 117 -8.39 14.88 9.84
C THR A 117 -9.66 14.02 9.78
N SER A 118 -10.37 13.90 10.87
CA SER A 118 -11.63 13.06 10.86
C SER A 118 -12.76 13.80 10.13
N ARG A 119 -12.51 14.26 8.93
CA ARG A 119 -13.56 14.98 8.16
C ARG A 119 -14.10 14.06 7.06
N PRO A 120 -15.41 13.92 7.01
CA PRO A 120 -16.05 13.04 5.99
C PRO A 120 -15.90 13.63 4.57
N PRO A 121 -15.10 12.96 3.77
CA PRO A 121 -14.86 13.40 2.37
C PRO A 121 -16.00 12.93 1.45
N GLN A 122 -16.38 11.68 1.52
CA GLN A 122 -17.48 11.16 0.66
C GLN A 122 -18.64 10.67 1.54
N PRO A 123 -19.70 11.45 1.58
CA PRO A 123 -20.88 11.09 2.40
C PRO A 123 -21.72 9.98 1.74
N ALA A 124 -22.80 9.60 2.36
CA ALA A 124 -23.68 8.53 1.78
C ALA A 124 -24.49 9.07 0.59
N SER A 125 -23.81 9.51 -0.45
CA SER A 125 -24.53 10.05 -1.65
C SER A 125 -23.69 9.85 -2.91
N GLY A 126 -23.92 8.78 -3.62
CA GLY A 126 -23.13 8.52 -4.87
C GLY A 126 -23.59 7.20 -5.51
N SER A 127 -23.04 6.86 -6.65
CA SER A 127 -23.43 5.59 -7.35
C SER A 127 -24.92 5.57 -7.72
N ASP A 4 -18.13 -18.33 -2.26
CA ASP A 4 -17.48 -19.67 -2.04
C ASP A 4 -16.09 -19.71 -2.73
N THR A 5 -15.95 -19.05 -3.85
CA THR A 5 -14.62 -19.05 -4.57
C THR A 5 -13.58 -18.19 -3.84
N HIS A 6 -14.00 -17.30 -2.98
CA HIS A 6 -13.03 -16.43 -2.25
C HIS A 6 -12.65 -17.08 -0.90
N ARG A 7 -12.39 -16.29 0.11
CA ARG A 7 -12.02 -16.88 1.44
C ARG A 7 -13.29 -17.28 2.22
N LEU A 8 -13.19 -18.23 3.11
CA LEU A 8 -14.40 -18.67 3.89
C LEU A 8 -15.04 -17.50 4.66
N THR A 9 -14.31 -16.86 5.54
CA THR A 9 -14.88 -15.70 6.32
C THR A 9 -13.74 -14.96 7.06
N ARG A 10 -13.21 -15.54 8.10
CA ARG A 10 -12.11 -14.87 8.86
C ARG A 10 -10.76 -15.18 8.18
N THR A 11 -10.57 -14.68 6.98
CA THR A 11 -9.28 -14.95 6.25
C THR A 11 -8.84 -13.71 5.46
N LEU A 12 -9.75 -13.03 4.83
CA LEU A 12 -9.39 -11.81 4.04
C LEU A 12 -10.52 -10.78 4.10
N ASN A 13 -10.64 -10.09 5.21
CA ASN A 13 -11.70 -9.06 5.36
C ASN A 13 -11.12 -7.67 5.07
N CYS A 14 -9.94 -7.39 5.56
CA CYS A 14 -9.29 -6.05 5.33
C CYS A 14 -7.94 -5.98 6.05
N SER A 15 -7.87 -6.47 7.27
CA SER A 15 -6.56 -6.43 8.01
C SER A 15 -5.66 -7.59 7.56
N SER A 16 -6.25 -8.66 7.10
CA SER A 16 -5.44 -9.84 6.62
C SER A 16 -4.59 -9.47 5.40
N ILE A 17 -5.08 -8.60 4.55
CA ILE A 17 -4.27 -8.18 3.35
C ILE A 17 -3.02 -7.42 3.80
N VAL A 18 -3.14 -6.65 4.86
CA VAL A 18 -1.96 -5.88 5.37
C VAL A 18 -0.99 -6.83 6.07
N LYS A 19 -1.50 -7.66 6.95
CA LYS A 19 -0.62 -8.63 7.67
C LYS A 19 0.10 -9.56 6.68
N GLU A 20 -0.54 -9.91 5.58
CA GLU A 20 0.12 -10.80 4.58
C GLU A 20 1.27 -10.05 3.90
N ILE A 21 1.03 -8.85 3.41
CA ILE A 21 2.13 -8.07 2.77
C ILE A 21 3.29 -7.89 3.77
N ILE A 22 2.98 -7.66 5.02
CA ILE A 22 4.05 -7.49 6.05
C ILE A 22 4.83 -8.79 6.21
N GLY A 23 4.15 -9.92 6.20
CA GLY A 23 4.85 -11.24 6.33
C GLY A 23 5.54 -11.58 5.01
N LYS A 24 4.99 -11.14 3.90
CA LYS A 24 5.62 -11.44 2.58
C LYS A 24 6.88 -10.57 2.40
N LEU A 25 6.89 -9.40 2.95
CA LEU A 25 8.08 -8.50 2.85
C LEU A 25 8.72 -8.29 4.24
N PRO A 26 9.71 -9.11 4.53
CA PRO A 26 10.44 -9.02 5.83
C PRO A 26 11.38 -7.79 5.84
N GLU A 27 12.49 -7.84 6.53
CA GLU A 27 13.40 -6.65 6.52
C GLU A 27 14.86 -7.01 6.15
N PRO A 28 15.02 -7.73 5.05
CA PRO A 28 16.39 -8.09 4.58
C PRO A 28 17.15 -6.84 4.10
N GLU A 29 18.43 -6.96 3.85
CA GLU A 29 19.22 -5.77 3.40
C GLU A 29 20.06 -6.10 2.15
N LEU A 30 19.42 -6.38 1.05
CA LEU A 30 20.20 -6.71 -0.20
C LEU A 30 21.14 -5.53 -0.55
N LYS A 31 20.60 -4.34 -0.71
CA LYS A 31 21.46 -3.13 -1.04
C LYS A 31 20.60 -1.86 -1.25
N THR A 32 19.51 -1.71 -0.53
CA THR A 32 18.66 -0.50 -0.70
C THR A 32 18.05 -0.11 0.65
N ASP A 33 17.50 1.06 0.73
CA ASP A 33 16.85 1.53 2.00
C ASP A 33 16.10 2.85 1.76
N ASP A 34 15.16 2.86 0.84
CA ASP A 34 14.41 4.11 0.55
C ASP A 34 13.08 3.80 -0.17
N GLU A 35 12.00 4.39 0.27
CA GLU A 35 10.68 4.15 -0.38
C GLU A 35 10.35 5.30 -1.35
N GLY A 36 9.13 5.42 -1.75
CA GLY A 36 8.75 6.51 -2.70
C GLY A 36 8.48 7.81 -1.91
N PRO A 37 9.09 8.89 -2.36
CA PRO A 37 8.89 10.21 -1.69
C PRO A 37 7.44 10.68 -1.88
N SER A 38 7.03 10.87 -3.09
CA SER A 38 5.61 11.29 -3.37
C SER A 38 4.66 10.19 -2.90
N LEU A 39 5.11 8.95 -2.94
CA LEU A 39 4.25 7.80 -2.50
C LEU A 39 4.02 7.85 -0.97
N ARG A 40 4.80 8.62 -0.24
CA ARG A 40 4.59 8.70 1.24
C ARG A 40 3.37 9.60 1.59
N ASN A 41 2.69 10.14 0.61
CA ASN A 41 1.51 11.00 0.90
C ASN A 41 0.54 10.27 1.84
N LYS A 42 0.09 10.93 2.87
CA LYS A 42 -0.85 10.29 3.86
C LYS A 42 -1.95 9.46 3.18
N SER A 43 -2.70 10.04 2.27
CA SER A 43 -3.80 9.27 1.61
C SER A 43 -3.38 8.67 0.25
N PHE A 44 -2.65 9.40 -0.57
CA PHE A 44 -2.23 8.83 -1.90
C PHE A 44 -1.29 7.62 -1.74
N ARG A 45 -0.77 7.41 -0.55
CA ARG A 45 0.17 6.26 -0.29
C ARG A 45 -0.30 4.92 -0.92
N ARG A 46 -1.59 4.69 -0.96
CA ARG A 46 -2.07 3.37 -1.49
C ARG A 46 -1.98 3.28 -3.03
N VAL A 47 -2.62 4.16 -3.74
CA VAL A 47 -2.54 4.10 -5.23
C VAL A 47 -1.10 4.33 -5.70
N ASN A 48 -0.38 5.20 -5.03
CA ASN A 48 1.03 5.46 -5.43
C ASN A 48 1.89 4.20 -5.31
N LEU A 49 1.77 3.47 -4.24
CA LEU A 49 2.59 2.21 -4.11
C LEU A 49 2.12 1.19 -5.15
N SER A 50 0.85 1.15 -5.39
CA SER A 50 0.29 0.19 -6.41
C SER A 50 0.96 0.41 -7.78
N LYS A 51 1.07 1.64 -8.23
CA LYS A 51 1.73 1.89 -9.56
C LYS A 51 3.25 1.72 -9.42
N PHE A 52 3.79 2.00 -8.26
CA PHE A 52 5.25 1.82 -8.06
C PHE A 52 5.59 0.32 -8.08
N VAL A 53 4.75 -0.50 -7.50
CA VAL A 53 5.01 -1.97 -7.52
C VAL A 53 4.97 -2.46 -8.98
N GLU A 54 4.00 -2.00 -9.73
CA GLU A 54 3.89 -2.40 -11.17
C GLU A 54 5.23 -2.11 -11.89
N SER A 55 5.82 -0.97 -11.63
CA SER A 55 7.13 -0.61 -12.28
C SER A 55 8.32 -1.31 -11.58
N GLN A 56 8.29 -1.42 -10.28
CA GLN A 56 9.42 -2.09 -9.53
C GLN A 56 9.69 -3.49 -10.08
N GLY A 57 8.67 -4.15 -10.57
CA GLY A 57 8.86 -5.53 -11.16
C GLY A 57 9.90 -5.51 -12.30
N GLU A 58 10.32 -4.33 -12.73
CA GLU A 58 11.33 -4.23 -13.83
C GLU A 58 12.77 -4.26 -13.28
N VAL A 59 12.97 -4.00 -11.99
CA VAL A 59 14.37 -4.01 -11.45
C VAL A 59 14.84 -5.46 -11.25
N ASP A 60 13.97 -6.34 -10.83
CA ASP A 60 14.37 -7.76 -10.62
C ASP A 60 13.12 -8.67 -10.66
N PRO A 61 13.34 -9.93 -10.98
CA PRO A 61 12.21 -10.90 -11.07
C PRO A 61 11.71 -11.34 -9.67
N GLU A 62 11.91 -10.56 -8.65
CA GLU A 62 11.41 -10.94 -7.29
C GLU A 62 10.05 -10.26 -6.99
N ASP A 63 9.64 -9.31 -7.81
CA ASP A 63 8.33 -8.63 -7.57
C ASP A 63 7.16 -9.56 -7.92
N ARG A 64 7.44 -10.74 -8.39
CA ARG A 64 6.36 -11.73 -8.76
C ARG A 64 5.30 -11.92 -7.65
N TYR A 65 5.57 -11.47 -6.44
CA TYR A 65 4.57 -11.61 -5.31
C TYR A 65 3.30 -10.74 -5.53
N VAL A 66 3.00 -10.34 -6.77
CA VAL A 66 1.78 -9.50 -7.12
C VAL A 66 0.92 -9.09 -5.91
N ILE A 67 1.44 -8.25 -5.05
CA ILE A 67 0.65 -7.77 -3.87
C ILE A 67 -0.45 -6.80 -4.34
N LYS A 68 -0.27 -6.18 -5.50
CA LYS A 68 -1.30 -5.21 -6.02
C LYS A 68 -2.71 -5.83 -5.95
N SER A 69 -2.87 -7.06 -6.35
CA SER A 69 -4.21 -7.71 -6.30
C SER A 69 -4.78 -7.66 -4.87
N ASN A 70 -3.96 -7.88 -3.87
CA ASN A 70 -4.45 -7.79 -2.47
C ASN A 70 -4.70 -6.32 -2.11
N LEU A 71 -3.82 -5.45 -2.55
CA LEU A 71 -4.01 -3.98 -2.27
C LEU A 71 -5.32 -3.51 -2.93
N GLN A 72 -5.60 -4.01 -4.10
CA GLN A 72 -6.89 -3.64 -4.80
C GLN A 72 -8.06 -4.03 -3.89
N LYS A 73 -8.02 -5.24 -3.39
CA LYS A 73 -9.10 -5.70 -2.45
C LYS A 73 -9.13 -4.78 -1.21
N LEU A 74 -7.98 -4.43 -0.70
CA LEU A 74 -7.92 -3.52 0.49
C LEU A 74 -8.50 -2.13 0.10
N ASN A 75 -8.15 -1.63 -1.05
CA ASN A 75 -8.69 -0.30 -1.50
C ASN A 75 -10.22 -0.36 -1.62
N ALA A 76 -10.75 -1.51 -1.95
CA ALA A 76 -12.23 -1.67 -2.08
C ALA A 76 -12.87 -1.82 -0.69
N CYS A 77 -12.18 -2.44 0.23
CA CYS A 77 -12.74 -2.61 1.63
C CYS A 77 -12.33 -1.44 2.53
N LEU A 78 -11.12 -0.98 2.42
CA LEU A 78 -10.66 0.15 3.26
C LEU A 78 -10.73 1.47 2.45
N PRO A 79 -11.69 2.30 2.80
CA PRO A 79 -11.88 3.59 2.08
C PRO A 79 -10.82 4.62 2.45
N THR A 80 -10.13 5.11 1.46
CA THR A 80 -9.09 6.18 1.68
C THR A 80 -9.26 7.29 0.65
N SER A 81 -8.23 8.05 0.39
CA SER A 81 -8.34 9.14 -0.64
C SER A 81 -7.09 9.14 -1.53
N ALA A 82 -6.92 8.11 -2.31
CA ALA A 82 -5.72 8.04 -3.19
C ALA A 82 -6.11 7.85 -4.67
N ASN A 83 -6.76 8.80 -5.28
CA ASN A 83 -7.15 8.63 -6.72
C ASN A 83 -6.92 9.90 -7.54
N ASP A 84 -6.09 10.80 -7.06
CA ASP A 84 -5.80 12.05 -7.82
C ASP A 84 -4.30 12.34 -7.83
N SER A 85 -3.50 11.32 -7.63
CA SER A 85 -2.01 11.52 -7.64
C SER A 85 -1.31 10.17 -7.85
N ALA A 86 -1.88 9.31 -8.65
CA ALA A 86 -1.25 7.97 -8.90
C ALA A 86 0.04 8.13 -9.74
N LEU A 87 1.09 8.62 -9.15
CA LEU A 87 2.37 8.83 -9.90
C LEU A 87 3.51 8.00 -9.27
N PRO A 88 4.49 7.69 -10.09
CA PRO A 88 5.66 6.90 -9.61
C PRO A 88 6.58 7.78 -8.73
N GLY A 89 7.56 7.18 -8.10
CA GLY A 89 8.50 7.97 -7.23
C GLY A 89 9.94 7.70 -7.64
N VAL A 90 10.55 6.71 -7.05
CA VAL A 90 11.97 6.38 -7.39
C VAL A 90 12.11 4.88 -7.73
N PHE A 91 13.22 4.49 -8.30
CA PHE A 91 13.43 3.06 -8.65
C PHE A 91 14.49 2.45 -7.71
N ILE A 92 14.24 1.29 -7.18
CA ILE A 92 15.23 0.65 -6.25
C ILE A 92 15.88 -0.58 -6.90
N ARG A 93 17.12 -0.85 -6.57
CA ARG A 93 17.82 -2.04 -7.16
C ARG A 93 17.15 -3.34 -6.69
N ASP A 94 16.88 -3.46 -5.41
CA ASP A 94 16.21 -4.67 -4.88
C ASP A 94 14.75 -4.31 -4.52
N LEU A 95 13.83 -4.66 -5.37
CA LEU A 95 12.40 -4.32 -5.13
C LEU A 95 11.91 -4.76 -3.74
N ASP A 96 12.50 -5.80 -3.19
CA ASP A 96 12.06 -6.26 -1.84
C ASP A 96 12.19 -5.13 -0.82
N ASP A 97 13.34 -4.47 -0.75
CA ASP A 97 13.49 -3.35 0.22
C ASP A 97 12.36 -2.34 0.05
N PHE A 98 12.07 -1.96 -1.16
CA PHE A 98 10.94 -1.00 -1.39
C PHE A 98 9.62 -1.64 -0.95
N ARG A 99 9.43 -2.90 -1.25
CA ARG A 99 8.18 -3.61 -0.85
C ARG A 99 8.02 -3.63 0.68
N LYS A 100 9.10 -3.78 1.41
CA LYS A 100 9.00 -3.79 2.90
C LYS A 100 8.77 -2.38 3.43
N LYS A 101 9.38 -1.39 2.81
CA LYS A 101 9.16 0.01 3.26
C LYS A 101 7.74 0.47 2.86
N LEU A 102 7.31 0.10 1.68
CA LEU A 102 5.94 0.52 1.23
C LEU A 102 4.84 -0.12 2.11
N ARG A 103 4.98 -1.36 2.49
CA ARG A 103 3.93 -2.00 3.36
C ARG A 103 3.93 -1.36 4.75
N PHE A 104 5.10 -1.05 5.27
CA PHE A 104 5.15 -0.38 6.62
C PHE A 104 4.59 1.04 6.50
N TYR A 105 4.92 1.73 5.44
CA TYR A 105 4.39 3.12 5.25
C TYR A 105 2.88 3.11 5.01
N MET A 106 2.37 2.15 4.29
CA MET A 106 0.90 2.07 4.05
C MET A 106 0.20 1.53 5.31
N VAL A 107 0.87 0.70 6.05
CA VAL A 107 0.28 0.14 7.32
C VAL A 107 0.25 1.23 8.41
N HIS A 108 1.10 2.23 8.29
CA HIS A 108 1.10 3.33 9.30
C HIS A 108 -0.22 4.13 9.25
N LEU A 109 -1.03 3.93 8.23
CA LEU A 109 -2.34 4.67 8.13
C LEU A 109 -3.07 4.69 9.49
N ASN A 110 -3.27 3.53 10.09
CA ASN A 110 -3.97 3.47 11.43
C ASN A 110 -3.19 4.29 12.48
N ASP A 111 -1.89 4.25 12.42
CA ASP A 111 -1.05 5.03 13.40
C ASP A 111 -0.85 6.49 12.93
N LEU A 112 -1.56 6.92 11.91
CA LEU A 112 -1.40 8.32 11.41
C LEU A 112 -2.75 8.90 10.95
N GLU A 113 -3.62 9.16 11.90
CA GLU A 113 -4.98 9.72 11.60
C GLU A 113 -4.95 10.78 10.46
N THR A 114 -3.87 11.54 10.36
CA THR A 114 -3.75 12.60 9.31
C THR A 114 -4.24 12.13 7.91
N VAL A 115 -4.17 10.86 7.61
CA VAL A 115 -4.62 10.36 6.26
C VAL A 115 -6.11 10.69 6.03
N LEU A 116 -6.91 10.65 7.05
CA LEU A 116 -8.38 10.95 6.90
C LEU A 116 -8.90 11.68 8.15
N THR A 117 -9.58 12.79 7.97
CA THR A 117 -10.10 13.55 9.16
C THR A 117 -11.28 12.82 9.82
N SER A 118 -11.38 12.92 11.12
CA SER A 118 -12.50 12.24 11.85
C SER A 118 -12.75 12.93 13.21
N ARG A 119 -13.85 12.63 13.85
CA ARG A 119 -14.14 13.27 15.18
C ARG A 119 -13.91 12.27 16.32
N PRO A 120 -13.09 12.67 17.28
CA PRO A 120 -12.79 11.80 18.46
C PRO A 120 -13.99 11.62 19.43
N PRO A 121 -14.86 12.62 19.58
CA PRO A 121 -16.02 12.47 20.51
C PRO A 121 -17.05 11.48 19.95
N GLN A 122 -17.17 10.32 20.56
CA GLN A 122 -18.13 9.27 20.11
C GLN A 122 -19.46 9.88 19.59
N PRO A 123 -19.78 9.55 18.35
CA PRO A 123 -21.03 10.07 17.72
C PRO A 123 -22.25 9.25 18.18
N ALA A 124 -23.41 9.56 17.65
CA ALA A 124 -24.66 8.82 18.03
C ALA A 124 -24.82 7.55 17.15
N SER A 125 -23.81 6.71 17.10
CA SER A 125 -23.92 5.47 16.26
C SER A 125 -22.84 4.46 16.67
N GLY A 126 -23.12 3.63 17.64
CA GLY A 126 -22.11 2.60 18.08
C GLY A 126 -22.43 1.27 17.41
N SER A 127 -23.59 0.74 17.65
CA SER A 127 -23.99 -0.56 17.02
C SER A 127 -25.47 -0.51 16.63
N ASP A 4 -13.78 -14.16 22.47
CA ASP A 4 -14.07 -12.93 21.67
C ASP A 4 -13.79 -13.18 20.18
N THR A 5 -14.26 -14.28 19.64
CA THR A 5 -14.02 -14.59 18.19
C THR A 5 -15.15 -14.05 17.30
N HIS A 6 -16.14 -13.40 17.87
CA HIS A 6 -17.26 -12.85 17.04
C HIS A 6 -17.17 -11.31 16.97
N ARG A 7 -18.27 -10.65 16.69
CA ARG A 7 -18.24 -9.15 16.60
C ARG A 7 -19.58 -8.55 17.06
N LEU A 8 -19.57 -7.33 17.54
CA LEU A 8 -20.84 -6.68 18.01
C LEU A 8 -21.89 -6.65 16.89
N THR A 9 -21.59 -6.04 15.78
CA THR A 9 -22.56 -6.00 14.64
C THR A 9 -21.87 -6.39 13.32
N ARG A 10 -21.21 -5.47 12.68
CA ARG A 10 -20.49 -5.78 11.41
C ARG A 10 -19.26 -4.86 11.25
N THR A 11 -18.10 -5.42 11.21
CA THR A 11 -16.86 -4.59 11.06
C THR A 11 -16.28 -4.78 9.65
N LEU A 12 -15.08 -5.28 9.54
CA LEU A 12 -14.46 -5.49 8.19
C LEU A 12 -13.19 -6.36 8.32
N ASN A 13 -13.23 -7.55 7.78
CA ASN A 13 -12.03 -8.46 7.86
C ASN A 13 -10.97 -8.05 6.81
N CYS A 14 -10.78 -6.77 6.59
CA CYS A 14 -9.77 -6.31 5.57
C CYS A 14 -8.37 -6.16 6.19
N SER A 15 -8.20 -6.46 7.44
CA SER A 15 -6.84 -6.31 8.06
C SER A 15 -5.93 -7.53 7.76
N SER A 16 -6.50 -8.68 7.55
CA SER A 16 -5.66 -9.90 7.25
C SER A 16 -4.87 -9.72 5.95
N ILE A 17 -5.41 -9.01 5.00
CA ILE A 17 -4.69 -8.80 3.70
C ILE A 17 -3.44 -7.93 3.92
N VAL A 18 -3.50 -6.99 4.83
CA VAL A 18 -2.31 -6.13 5.09
C VAL A 18 -1.27 -6.94 5.89
N LYS A 19 -1.71 -7.65 6.90
CA LYS A 19 -0.76 -8.48 7.71
C LYS A 19 -0.07 -9.52 6.80
N GLU A 20 -0.77 -10.03 5.81
CA GLU A 20 -0.15 -11.03 4.89
C GLU A 20 0.94 -10.34 4.05
N ILE A 21 0.63 -9.22 3.46
CA ILE A 21 1.68 -8.48 2.66
C ILE A 21 2.90 -8.18 3.55
N ILE A 22 2.66 -7.83 4.80
CA ILE A 22 3.77 -7.53 5.74
C ILE A 22 4.60 -8.80 6.02
N GLY A 23 3.93 -9.92 6.18
CA GLY A 23 4.66 -11.20 6.46
C GLY A 23 5.37 -11.69 5.18
N LYS A 24 4.88 -11.31 4.02
CA LYS A 24 5.53 -11.75 2.75
C LYS A 24 6.83 -10.96 2.47
N LEU A 25 6.89 -9.73 2.89
CA LEU A 25 8.13 -8.92 2.68
C LEU A 25 8.84 -8.66 4.03
N PRO A 26 9.91 -9.39 4.25
CA PRO A 26 10.69 -9.28 5.51
C PRO A 26 11.55 -8.00 5.55
N GLU A 27 12.68 -8.02 6.21
CA GLU A 27 13.56 -6.81 6.28
C GLU A 27 14.83 -7.02 5.44
N PRO A 28 14.66 -6.92 4.14
CA PRO A 28 15.81 -7.10 3.20
C PRO A 28 16.83 -5.96 3.32
N GLU A 29 17.95 -6.11 2.65
CA GLU A 29 19.03 -5.06 2.69
C GLU A 29 20.12 -5.38 1.66
N LEU A 30 19.80 -5.28 0.38
CA LEU A 30 20.84 -5.59 -0.67
C LEU A 30 21.75 -4.38 -0.92
N LYS A 31 21.18 -3.23 -1.24
CA LYS A 31 22.02 -2.00 -1.48
C LYS A 31 21.11 -0.78 -1.77
N THR A 32 20.03 -0.66 -1.05
CA THR A 32 19.09 0.48 -1.26
C THR A 32 18.92 1.24 0.06
N ASP A 33 18.38 2.43 -0.01
CA ASP A 33 18.20 3.25 1.25
C ASP A 33 17.23 4.44 1.03
N ASP A 34 16.35 4.36 0.08
CA ASP A 34 15.38 5.47 -0.17
C ASP A 34 14.26 4.99 -1.10
N GLU A 35 13.15 4.59 -0.53
CA GLU A 35 12.03 4.05 -1.37
C GLU A 35 11.14 5.20 -1.93
N GLY A 36 9.83 5.03 -1.96
CA GLY A 36 8.94 6.10 -2.52
C GLY A 36 8.82 7.30 -1.57
N PRO A 37 9.39 8.41 -1.96
CA PRO A 37 9.33 9.66 -1.14
C PRO A 37 7.90 10.23 -1.14
N SER A 38 7.45 10.77 -2.24
CA SER A 38 6.05 11.33 -2.31
C SER A 38 5.04 10.23 -1.92
N LEU A 39 5.40 8.98 -2.12
CA LEU A 39 4.51 7.84 -1.78
C LEU A 39 4.38 7.64 -0.25
N ARG A 40 5.06 8.43 0.56
CA ARG A 40 4.96 8.27 2.03
C ARG A 40 3.60 8.81 2.54
N ASN A 41 3.02 9.75 1.83
CA ASN A 41 1.68 10.28 2.25
C ASN A 41 0.59 9.23 1.93
N LYS A 42 0.64 8.13 2.61
CA LYS A 42 -0.30 6.97 2.39
C LYS A 42 -1.77 7.38 2.20
N SER A 43 -2.24 8.47 2.77
CA SER A 43 -3.68 8.88 2.59
C SER A 43 -4.11 8.71 1.13
N PHE A 44 -3.36 9.29 0.22
CA PHE A 44 -3.68 9.16 -1.24
C PHE A 44 -2.56 8.40 -1.97
N ARG A 45 -1.45 8.18 -1.32
CA ARG A 45 -0.29 7.47 -1.97
C ARG A 45 -0.52 5.95 -2.08
N ARG A 46 -1.40 5.37 -1.30
CA ARG A 46 -1.61 3.88 -1.43
C ARG A 46 -1.82 3.50 -2.91
N VAL A 47 -2.50 4.33 -3.67
CA VAL A 47 -2.68 4.06 -5.13
C VAL A 47 -1.32 4.28 -5.83
N ASN A 48 -0.64 5.34 -5.44
CA ASN A 48 0.71 5.62 -6.01
C ASN A 48 1.60 4.38 -5.80
N LEU A 49 1.45 3.75 -4.66
CA LEU A 49 2.24 2.52 -4.37
C LEU A 49 1.85 1.42 -5.36
N SER A 50 0.57 1.24 -5.60
CA SER A 50 0.12 0.20 -6.59
C SER A 50 0.80 0.44 -7.95
N LYS A 51 0.80 1.68 -8.40
CA LYS A 51 1.46 2.00 -9.70
C LYS A 51 2.99 1.87 -9.57
N PHE A 52 3.52 2.17 -8.42
CA PHE A 52 5.00 2.04 -8.21
C PHE A 52 5.37 0.55 -8.25
N VAL A 53 4.58 -0.29 -7.63
CA VAL A 53 4.85 -1.76 -7.65
C VAL A 53 4.76 -2.27 -9.10
N GLU A 54 3.78 -1.81 -9.84
CA GLU A 54 3.66 -2.26 -11.26
C GLU A 54 4.97 -1.98 -12.01
N SER A 55 5.55 -0.84 -11.79
CA SER A 55 6.86 -0.49 -12.45
C SER A 55 8.01 -1.20 -11.70
N GLN A 56 7.87 -1.37 -10.41
CA GLN A 56 8.95 -2.07 -9.61
C GLN A 56 9.30 -3.41 -10.26
N GLY A 57 8.32 -4.06 -10.85
CA GLY A 57 8.57 -5.37 -11.55
C GLY A 57 9.68 -5.24 -12.61
N GLU A 58 10.13 -4.04 -12.91
CA GLU A 58 11.20 -3.85 -13.93
C GLU A 58 12.61 -3.96 -13.29
N VAL A 59 12.71 -3.84 -11.99
CA VAL A 59 14.05 -3.94 -11.34
C VAL A 59 14.50 -5.40 -11.23
N ASP A 60 13.59 -6.29 -10.94
CA ASP A 60 13.96 -7.73 -10.80
C ASP A 60 12.75 -8.65 -11.03
N PRO A 61 13.02 -9.84 -11.51
CA PRO A 61 11.92 -10.81 -11.76
C PRO A 61 11.30 -11.30 -10.44
N GLU A 62 11.93 -11.01 -9.32
CA GLU A 62 11.37 -11.44 -8.00
C GLU A 62 10.05 -10.68 -7.73
N ASP A 63 9.82 -9.58 -8.42
CA ASP A 63 8.55 -8.83 -8.24
C ASP A 63 7.36 -9.63 -8.79
N ARG A 64 7.61 -10.81 -9.32
CA ARG A 64 6.52 -11.69 -9.86
C ARG A 64 5.40 -11.96 -8.81
N TYR A 65 5.62 -11.58 -7.56
CA TYR A 65 4.60 -11.79 -6.47
C TYR A 65 3.27 -11.00 -6.72
N VAL A 66 2.97 -10.58 -7.94
CA VAL A 66 1.71 -9.79 -8.26
C VAL A 66 0.88 -9.39 -7.02
N ILE A 67 1.41 -8.48 -6.24
CA ILE A 67 0.70 -8.01 -5.02
C ILE A 67 -0.37 -6.96 -5.38
N LYS A 68 -0.21 -6.28 -6.49
CA LYS A 68 -1.22 -5.24 -6.91
C LYS A 68 -2.64 -5.81 -6.81
N SER A 69 -2.83 -7.02 -7.26
CA SER A 69 -4.20 -7.65 -7.19
C SER A 69 -4.65 -7.75 -5.73
N ASN A 70 -3.75 -8.11 -4.85
CA ASN A 70 -4.11 -8.20 -3.39
C ASN A 70 -4.33 -6.78 -2.85
N LEU A 71 -3.50 -5.85 -3.23
CA LEU A 71 -3.69 -4.45 -2.75
C LEU A 71 -4.97 -3.86 -3.34
N GLN A 72 -5.32 -4.24 -4.54
CA GLN A 72 -6.60 -3.74 -5.14
C GLN A 72 -7.74 -4.15 -4.20
N LYS A 73 -7.74 -5.39 -3.80
CA LYS A 73 -8.78 -5.87 -2.83
C LYS A 73 -8.73 -4.97 -1.59
N LEU A 74 -7.54 -4.70 -1.10
CA LEU A 74 -7.41 -3.79 0.09
C LEU A 74 -7.94 -2.38 -0.26
N ASN A 75 -7.67 -1.91 -1.45
CA ASN A 75 -8.17 -0.56 -1.89
C ASN A 75 -9.71 -0.53 -1.77
N ALA A 76 -10.36 -1.61 -2.10
CA ALA A 76 -11.85 -1.65 -1.98
C ALA A 76 -12.24 -1.96 -0.52
N CYS A 77 -11.39 -2.63 0.21
CA CYS A 77 -11.69 -2.97 1.64
C CYS A 77 -11.25 -1.85 2.59
N LEU A 78 -10.51 -0.87 2.12
CA LEU A 78 -10.05 0.24 3.01
C LEU A 78 -10.14 1.60 2.28
N PRO A 79 -10.10 2.67 3.02
CA PRO A 79 -10.19 4.02 2.40
C PRO A 79 -8.92 4.35 1.58
N THR A 80 -9.09 4.73 0.35
CA THR A 80 -7.93 5.08 -0.54
C THR A 80 -8.35 6.07 -1.65
N SER A 81 -7.95 5.85 -2.88
CA SER A 81 -8.32 6.78 -3.99
C SER A 81 -7.94 6.17 -5.35
N ALA A 82 -8.89 6.04 -6.22
CA ALA A 82 -8.62 5.44 -7.59
C ALA A 82 -7.77 6.36 -8.47
N ASN A 83 -6.64 6.80 -7.96
CA ASN A 83 -5.74 7.67 -8.77
C ASN A 83 -4.71 6.78 -9.50
N ASP A 84 -5.17 5.90 -10.34
CA ASP A 84 -4.26 4.96 -11.10
C ASP A 84 -3.32 5.72 -12.10
N SER A 85 -2.84 6.85 -11.70
CA SER A 85 -1.90 7.66 -12.54
C SER A 85 -1.29 8.75 -11.65
N ALA A 86 -0.84 8.36 -10.48
CA ALA A 86 -0.26 9.32 -9.51
C ALA A 86 1.12 9.82 -9.96
N LEU A 87 2.09 9.84 -9.08
CA LEU A 87 3.45 10.36 -9.47
C LEU A 87 4.58 9.38 -9.07
N PRO A 88 5.47 9.14 -10.01
CA PRO A 88 6.61 8.23 -9.75
C PRO A 88 7.73 8.98 -8.98
N GLY A 89 8.59 8.27 -8.32
CA GLY A 89 9.69 8.95 -7.55
C GLY A 89 11.05 8.44 -8.03
N VAL A 90 11.55 7.41 -7.39
CA VAL A 90 12.88 6.85 -7.78
C VAL A 90 12.77 5.33 -8.01
N PHE A 91 13.77 4.73 -8.61
CA PHE A 91 13.73 3.26 -8.86
C PHE A 91 14.71 2.55 -7.90
N ILE A 92 14.40 1.35 -7.52
CA ILE A 92 15.29 0.59 -6.57
C ILE A 92 15.67 -0.77 -7.17
N ARG A 93 16.89 -1.21 -6.97
CA ARG A 93 17.30 -2.53 -7.52
C ARG A 93 16.67 -3.67 -6.70
N ASP A 94 16.73 -3.60 -5.40
CA ASP A 94 16.11 -4.68 -4.57
C ASP A 94 14.65 -4.35 -4.28
N LEU A 95 13.76 -5.02 -4.95
CA LEU A 95 12.30 -4.75 -4.73
C LEU A 95 11.92 -5.05 -3.28
N ASP A 96 12.62 -5.97 -2.65
CA ASP A 96 12.30 -6.31 -1.23
C ASP A 96 12.51 -5.08 -0.34
N ASP A 97 13.61 -4.38 -0.52
CA ASP A 97 13.88 -3.16 0.30
C ASP A 97 12.73 -2.17 0.15
N PHE A 98 12.33 -1.91 -1.06
CA PHE A 98 11.19 -0.97 -1.29
C PHE A 98 9.90 -1.53 -0.68
N ARG A 99 9.64 -2.80 -0.86
CA ARG A 99 8.40 -3.39 -0.27
C ARG A 99 8.44 -3.31 1.26
N LYS A 100 9.59 -3.53 1.83
CA LYS A 100 9.69 -3.45 3.32
C LYS A 100 9.35 -2.03 3.80
N LYS A 101 9.91 -1.02 3.17
CA LYS A 101 9.58 0.38 3.59
C LYS A 101 8.15 0.73 3.18
N LEU A 102 7.71 0.28 2.03
CA LEU A 102 6.31 0.59 1.58
C LEU A 102 5.29 -0.15 2.47
N ARG A 103 5.60 -1.37 2.87
CA ARG A 103 4.66 -2.15 3.73
C ARG A 103 4.49 -1.47 5.10
N PHE A 104 5.55 -1.00 5.67
CA PHE A 104 5.45 -0.32 7.00
C PHE A 104 4.71 1.01 6.87
N TYR A 105 4.97 1.75 5.82
CA TYR A 105 4.27 3.06 5.63
C TYR A 105 2.79 2.86 5.27
N MET A 106 2.48 1.81 4.53
CA MET A 106 1.05 1.57 4.16
C MET A 106 0.24 1.13 5.38
N VAL A 107 0.85 0.43 6.30
CA VAL A 107 0.11 -0.01 7.53
C VAL A 107 0.11 1.11 8.59
N HIS A 108 1.08 1.98 8.56
CA HIS A 108 1.12 3.10 9.56
C HIS A 108 -0.03 4.10 9.30
N LEU A 109 -0.63 4.09 8.13
CA LEU A 109 -1.78 5.02 7.84
C LEU A 109 -2.81 4.99 8.98
N ASN A 110 -3.12 3.82 9.50
CA ASN A 110 -4.13 3.71 10.60
C ASN A 110 -3.51 4.12 11.97
N ASP A 111 -2.22 3.94 12.12
CA ASP A 111 -1.55 4.30 13.41
C ASP A 111 -1.48 5.84 13.60
N LEU A 112 -1.58 6.58 12.52
CA LEU A 112 -1.53 8.07 12.62
C LEU A 112 -2.33 8.70 11.46
N GLU A 113 -3.63 8.70 11.58
CA GLU A 113 -4.54 9.28 10.50
C GLU A 113 -3.89 10.49 9.80
N THR A 114 -3.23 11.35 10.54
CA THR A 114 -2.57 12.54 9.92
C THR A 114 -1.35 12.09 9.07
N VAL A 115 -1.60 11.42 7.98
CA VAL A 115 -0.49 10.92 7.09
C VAL A 115 0.09 12.07 6.23
N LEU A 116 -0.64 13.15 6.09
CA LEU A 116 -0.14 14.29 5.26
C LEU A 116 0.59 15.35 6.12
N THR A 117 1.31 16.24 5.49
CA THR A 117 2.06 17.30 6.25
C THR A 117 1.19 18.55 6.43
N SER A 118 1.47 19.35 7.43
CA SER A 118 0.65 20.59 7.65
C SER A 118 1.20 21.76 6.81
N ARG A 119 1.11 21.66 5.51
CA ARG A 119 1.61 22.76 4.64
C ARG A 119 0.45 23.71 4.30
N PRO A 120 0.65 24.99 4.55
CA PRO A 120 -0.40 26.01 4.26
C PRO A 120 -0.58 26.21 2.75
N PRO A 121 -1.73 25.81 2.25
CA PRO A 121 -2.02 25.96 0.81
C PRO A 121 -2.32 27.44 0.45
N GLN A 122 -3.32 28.03 1.05
CA GLN A 122 -3.66 29.46 0.76
C GLN A 122 -4.81 29.96 1.67
N PRO A 123 -5.92 29.23 1.67
CA PRO A 123 -7.07 29.62 2.51
C PRO A 123 -6.96 29.01 3.93
N ALA A 124 -8.03 29.03 4.68
CA ALA A 124 -8.00 28.46 6.08
C ALA A 124 -9.13 27.44 6.27
N SER A 125 -9.43 27.09 7.50
CA SER A 125 -10.53 26.10 7.76
C SER A 125 -11.89 26.81 7.82
N GLY A 126 -12.78 26.51 6.90
CA GLY A 126 -14.11 27.18 6.89
C GLY A 126 -15.16 26.30 7.59
N SER A 127 -15.89 26.87 8.51
CA SER A 127 -16.96 26.09 9.23
C SER A 127 -18.11 27.02 9.67
N ASP A 4 -24.21 -14.95 14.81
CA ASP A 4 -25.62 -15.45 14.88
C ASP A 4 -26.38 -15.05 13.60
N THR A 5 -26.91 -13.86 13.52
CA THR A 5 -27.67 -13.44 12.29
C THR A 5 -26.88 -12.41 11.46
N HIS A 6 -25.95 -11.72 12.07
CA HIS A 6 -25.17 -10.69 11.29
C HIS A 6 -23.69 -11.12 11.16
N ARG A 7 -22.87 -10.25 10.63
CA ARG A 7 -21.41 -10.57 10.48
C ARG A 7 -20.55 -9.28 10.50
N LEU A 8 -20.95 -8.31 11.26
CA LEU A 8 -20.16 -7.03 11.34
C LEU A 8 -19.01 -7.15 12.35
N THR A 9 -19.10 -8.07 13.29
CA THR A 9 -18.03 -8.22 14.32
C THR A 9 -16.77 -8.86 13.74
N ARG A 10 -16.85 -10.08 13.29
CA ARG A 10 -15.64 -10.76 12.73
C ARG A 10 -15.94 -11.43 11.38
N THR A 11 -15.84 -10.69 10.31
CA THR A 11 -16.10 -11.28 8.94
C THR A 11 -15.30 -10.51 7.88
N LEU A 12 -15.62 -9.26 7.67
CA LEU A 12 -14.86 -8.45 6.66
C LEU A 12 -13.52 -7.99 7.25
N ASN A 13 -12.61 -8.91 7.41
CA ASN A 13 -11.27 -8.56 7.97
C ASN A 13 -10.38 -7.91 6.88
N CYS A 14 -10.88 -6.89 6.22
CA CYS A 14 -10.10 -6.18 5.14
C CYS A 14 -8.63 -5.98 5.53
N SER A 15 -8.34 -5.76 6.80
CA SER A 15 -6.91 -5.54 7.24
C SER A 15 -6.03 -6.76 6.91
N SER A 16 -6.61 -7.93 6.73
CA SER A 16 -5.79 -9.14 6.40
C SER A 16 -4.89 -8.87 5.19
N ILE A 17 -5.39 -8.15 4.21
CA ILE A 17 -4.56 -7.82 2.99
C ILE A 17 -3.22 -7.19 3.41
N VAL A 18 -3.22 -6.36 4.41
CA VAL A 18 -1.95 -5.72 4.88
C VAL A 18 -1.11 -6.75 5.65
N LYS A 19 -1.71 -7.50 6.53
CA LYS A 19 -0.94 -8.53 7.30
C LYS A 19 -0.27 -9.51 6.33
N GLU A 20 -0.92 -9.85 5.25
CA GLU A 20 -0.31 -10.79 4.25
C GLU A 20 0.86 -10.08 3.53
N ILE A 21 0.62 -8.88 3.07
CA ILE A 21 1.72 -8.10 2.40
C ILE A 21 2.88 -7.90 3.38
N ILE A 22 2.58 -7.68 4.64
CA ILE A 22 3.66 -7.47 5.66
C ILE A 22 4.43 -8.78 5.91
N GLY A 23 3.74 -9.89 5.93
CA GLY A 23 4.43 -11.21 6.18
C GLY A 23 5.26 -11.62 4.96
N LYS A 24 4.83 -11.26 3.77
CA LYS A 24 5.59 -11.64 2.55
C LYS A 24 6.84 -10.76 2.37
N LEU A 25 6.80 -9.54 2.83
CA LEU A 25 8.01 -8.65 2.67
C LEU A 25 8.71 -8.46 4.03
N PRO A 26 9.79 -9.19 4.22
CA PRO A 26 10.58 -9.10 5.49
C PRO A 26 11.41 -7.80 5.49
N GLU A 27 12.54 -7.79 6.18
CA GLU A 27 13.37 -6.55 6.20
C GLU A 27 14.77 -6.83 5.59
N PRO A 28 14.78 -7.23 4.32
CA PRO A 28 16.07 -7.52 3.63
C PRO A 28 16.82 -6.22 3.28
N GLU A 29 17.97 -6.34 2.68
CA GLU A 29 18.76 -5.12 2.30
C GLU A 29 19.76 -5.47 1.19
N LEU A 30 19.30 -5.57 -0.03
CA LEU A 30 20.23 -5.91 -1.15
C LEU A 30 21.19 -4.74 -1.42
N LYS A 31 20.65 -3.55 -1.65
CA LYS A 31 21.52 -2.35 -1.91
C LYS A 31 20.67 -1.09 -2.16
N THR A 32 19.73 -0.81 -1.28
CA THR A 32 18.87 0.39 -1.45
C THR A 32 18.53 1.00 -0.10
N ASP A 33 18.07 2.21 -0.09
CA ASP A 33 17.70 2.86 1.21
C ASP A 33 16.75 4.05 0.97
N ASP A 34 15.99 4.02 -0.11
CA ASP A 34 15.05 5.14 -0.41
C ASP A 34 13.60 4.65 -0.24
N GLU A 35 12.66 5.28 -0.92
CA GLU A 35 11.23 4.87 -0.83
C GLU A 35 10.37 5.75 -1.75
N GLY A 36 9.07 5.62 -1.69
CA GLY A 36 8.19 6.46 -2.58
C GLY A 36 7.96 7.85 -1.95
N PRO A 37 8.50 8.88 -2.58
CA PRO A 37 8.34 10.28 -2.07
C PRO A 37 6.87 10.73 -2.20
N SER A 38 6.45 11.18 -3.36
CA SER A 38 5.01 11.61 -3.53
C SER A 38 4.07 10.47 -3.13
N LEU A 39 4.54 9.25 -3.21
CA LEU A 39 3.72 8.06 -2.81
C LEU A 39 3.59 7.96 -1.28
N ARG A 40 4.24 8.83 -0.55
CA ARG A 40 4.15 8.79 0.95
C ARG A 40 2.96 9.64 1.45
N ASN A 41 2.10 10.10 0.55
CA ASN A 41 0.93 10.92 0.96
C ASN A 41 0.05 10.16 1.97
N LYS A 42 -0.99 10.79 2.45
CA LYS A 42 -1.88 10.11 3.47
C LYS A 42 -2.79 9.06 2.81
N SER A 43 -3.68 9.47 1.94
CA SER A 43 -4.61 8.47 1.30
C SER A 43 -4.12 8.01 -0.08
N PHE A 44 -3.59 8.90 -0.87
CA PHE A 44 -3.12 8.51 -2.25
C PHE A 44 -1.95 7.52 -2.19
N ARG A 45 -1.23 7.47 -1.09
CA ARG A 45 -0.06 6.53 -0.99
C ARG A 45 -0.47 5.07 -1.23
N ARG A 46 -1.63 4.66 -0.79
CA ARG A 46 -2.04 3.22 -1.00
C ARG A 46 -2.16 2.92 -2.50
N VAL A 47 -2.83 3.75 -3.25
CA VAL A 47 -2.92 3.51 -4.72
C VAL A 47 -1.56 3.80 -5.36
N ASN A 48 -0.87 4.80 -4.85
CA ASN A 48 0.48 5.15 -5.41
C ASN A 48 1.44 3.97 -5.22
N LEU A 49 1.45 3.36 -4.06
CA LEU A 49 2.37 2.20 -3.83
C LEU A 49 1.97 1.03 -4.74
N SER A 50 0.68 0.85 -4.97
CA SER A 50 0.23 -0.26 -5.87
C SER A 50 0.79 -0.02 -7.28
N LYS A 51 0.71 1.19 -7.77
CA LYS A 51 1.25 1.51 -9.14
C LYS A 51 2.79 1.46 -9.09
N PHE A 52 3.38 1.85 -8.00
CA PHE A 52 4.88 1.78 -7.89
C PHE A 52 5.28 0.31 -7.96
N VAL A 53 4.57 -0.54 -7.25
CA VAL A 53 4.87 -2.00 -7.29
C VAL A 53 4.77 -2.51 -8.74
N GLU A 54 3.74 -2.10 -9.45
CA GLU A 54 3.60 -2.54 -10.89
C GLU A 54 4.89 -2.20 -11.65
N SER A 55 5.45 -1.05 -11.39
CA SER A 55 6.74 -0.64 -12.07
C SER A 55 7.95 -1.32 -11.40
N GLN A 56 7.91 -1.49 -10.11
CA GLN A 56 9.05 -2.14 -9.37
C GLN A 56 9.44 -3.46 -10.03
N GLY A 57 8.46 -4.18 -10.52
CA GLY A 57 8.75 -5.50 -11.21
C GLY A 57 9.75 -5.34 -12.38
N GLU A 58 10.08 -4.13 -12.76
CA GLU A 58 11.06 -3.91 -13.88
C GLU A 58 12.52 -3.94 -13.39
N VAL A 59 12.75 -3.78 -12.12
CA VAL A 59 14.17 -3.78 -11.61
C VAL A 59 14.71 -5.21 -11.55
N ASP A 60 13.90 -6.15 -11.16
CA ASP A 60 14.38 -7.55 -11.05
C ASP A 60 13.21 -8.53 -11.19
N PRO A 61 13.52 -9.75 -11.58
CA PRO A 61 12.46 -10.79 -11.75
C PRO A 61 12.00 -11.38 -10.40
N GLU A 62 12.23 -10.69 -9.30
CA GLU A 62 11.78 -11.21 -7.97
C GLU A 62 10.43 -10.58 -7.58
N ASP A 63 9.98 -9.58 -8.31
CA ASP A 63 8.66 -8.95 -7.99
C ASP A 63 7.49 -9.87 -8.38
N ARG A 64 7.79 -11.07 -8.81
CA ARG A 64 6.72 -12.06 -9.20
C ARG A 64 5.68 -12.25 -8.07
N TYR A 65 5.95 -11.76 -6.87
CA TYR A 65 4.98 -11.91 -5.73
C TYR A 65 3.65 -11.13 -5.96
N VAL A 66 3.31 -10.81 -7.20
CA VAL A 66 2.05 -10.04 -7.56
C VAL A 66 1.24 -9.56 -6.33
N ILE A 67 1.77 -8.61 -5.61
CA ILE A 67 1.04 -8.06 -4.42
C ILE A 67 -0.04 -7.06 -4.87
N LYS A 68 0.08 -6.50 -6.04
CA LYS A 68 -0.95 -5.54 -6.54
C LYS A 68 -2.35 -6.12 -6.36
N SER A 69 -2.53 -7.37 -6.72
CA SER A 69 -3.87 -8.02 -6.56
C SER A 69 -4.37 -7.86 -5.12
N ASN A 70 -3.53 -8.12 -4.15
CA ASN A 70 -3.94 -7.94 -2.73
C ASN A 70 -4.34 -6.48 -2.50
N LEU A 71 -3.54 -5.57 -2.97
CA LEU A 71 -3.86 -4.11 -2.81
C LEU A 71 -5.16 -3.77 -3.54
N GLN A 72 -5.41 -4.39 -4.66
CA GLN A 72 -6.69 -4.11 -5.40
C GLN A 72 -7.86 -4.51 -4.50
N LYS A 73 -7.73 -5.62 -3.82
CA LYS A 73 -8.81 -6.05 -2.87
C LYS A 73 -8.88 -5.03 -1.72
N LEU A 74 -7.74 -4.62 -1.23
CA LEU A 74 -7.71 -3.58 -0.14
C LEU A 74 -8.37 -2.29 -0.64
N ASN A 75 -8.05 -1.88 -1.84
CA ASN A 75 -8.67 -0.64 -2.43
C ASN A 75 -10.21 -0.73 -2.38
N ALA A 76 -10.74 -1.90 -2.63
CA ALA A 76 -12.23 -2.07 -2.57
C ALA A 76 -12.68 -2.34 -1.12
N CYS A 77 -11.78 -2.81 -0.29
CA CYS A 77 -12.12 -3.09 1.15
C CYS A 77 -11.94 -1.84 2.01
N LEU A 78 -11.03 -0.96 1.65
CA LEU A 78 -10.80 0.27 2.47
C LEU A 78 -11.39 1.52 1.78
N PRO A 79 -11.54 2.57 2.55
CA PRO A 79 -12.10 3.85 2.02
C PRO A 79 -11.07 4.61 1.17
N THR A 80 -9.81 4.47 1.49
CA THR A 80 -8.74 5.19 0.72
C THR A 80 -8.86 4.92 -0.79
N SER A 81 -8.56 5.91 -1.59
CA SER A 81 -8.64 5.72 -3.09
C SER A 81 -8.16 6.98 -3.83
N ALA A 82 -9.08 7.86 -4.22
CA ALA A 82 -8.75 9.13 -4.97
C ALA A 82 -7.26 9.31 -5.30
N ASN A 83 -6.74 8.45 -6.13
CA ASN A 83 -5.29 8.55 -6.51
C ASN A 83 -5.08 9.60 -7.61
N ASP A 84 -5.62 10.79 -7.43
CA ASP A 84 -5.44 11.85 -8.47
C ASP A 84 -4.64 13.05 -7.93
N SER A 85 -3.72 12.82 -7.02
CA SER A 85 -2.91 13.98 -6.48
C SER A 85 -1.48 13.55 -6.11
N ALA A 86 -0.94 12.56 -6.79
CA ALA A 86 0.46 12.10 -6.47
C ALA A 86 0.91 10.99 -7.45
N LEU A 87 2.09 11.13 -8.01
CA LEU A 87 2.61 10.09 -8.97
C LEU A 87 4.02 9.63 -8.56
N PRO A 88 4.39 8.43 -8.95
CA PRO A 88 5.73 7.88 -8.61
C PRO A 88 6.79 8.31 -9.64
N GLY A 89 7.92 8.80 -9.18
CA GLY A 89 9.00 9.24 -10.12
C GLY A 89 10.38 8.75 -9.66
N VAL A 90 10.44 7.75 -8.83
CA VAL A 90 11.76 7.24 -8.35
C VAL A 90 11.86 5.71 -8.52
N PHE A 91 13.03 5.20 -8.80
CA PHE A 91 13.21 3.74 -8.98
C PHE A 91 14.23 3.18 -7.98
N ILE A 92 13.89 2.13 -7.28
CA ILE A 92 14.84 1.54 -6.28
C ILE A 92 15.56 0.31 -6.88
N ARG A 93 16.78 0.05 -6.47
CA ARG A 93 17.54 -1.13 -7.03
C ARG A 93 16.91 -2.47 -6.58
N ASP A 94 16.62 -2.63 -5.31
CA ASP A 94 15.99 -3.90 -4.85
C ASP A 94 14.49 -3.72 -4.65
N LEU A 95 13.69 -4.44 -5.39
CA LEU A 95 12.21 -4.31 -5.25
C LEU A 95 11.74 -4.69 -3.84
N ASP A 96 12.40 -5.62 -3.20
CA ASP A 96 11.98 -6.02 -1.82
C ASP A 96 12.29 -4.87 -0.84
N ASP A 97 13.42 -4.23 -0.98
CA ASP A 97 13.77 -3.07 -0.09
C ASP A 97 12.65 -2.01 -0.16
N PHE A 98 12.14 -1.78 -1.32
CA PHE A 98 11.02 -0.80 -1.46
C PHE A 98 9.73 -1.39 -0.87
N ARG A 99 9.50 -2.67 -1.08
CA ARG A 99 8.26 -3.32 -0.53
C ARG A 99 8.30 -3.37 1.01
N LYS A 100 9.43 -3.64 1.59
CA LYS A 100 9.49 -3.68 3.09
C LYS A 100 9.29 -2.26 3.65
N LYS A 101 9.85 -1.26 3.01
CA LYS A 101 9.68 0.14 3.50
C LYS A 101 8.25 0.64 3.19
N LEU A 102 7.72 0.27 2.05
CA LEU A 102 6.32 0.72 1.71
C LEU A 102 5.31 0.02 2.62
N ARG A 103 5.52 -1.24 2.91
CA ARG A 103 4.57 -1.98 3.81
C ARG A 103 4.56 -1.34 5.21
N PHE A 104 5.71 -1.00 5.72
CA PHE A 104 5.76 -0.36 7.06
C PHE A 104 5.17 1.06 6.99
N TYR A 105 5.46 1.78 5.94
CA TYR A 105 4.92 3.17 5.81
C TYR A 105 3.41 3.16 5.50
N MET A 106 2.91 2.14 4.84
CA MET A 106 1.44 2.12 4.55
C MET A 106 0.66 1.73 5.82
N VAL A 107 1.25 0.94 6.68
CA VAL A 107 0.56 0.55 7.95
C VAL A 107 0.78 1.65 9.02
N HIS A 108 1.95 2.25 9.04
CA HIS A 108 2.24 3.34 10.03
C HIS A 108 1.51 4.65 9.66
N LEU A 109 0.82 4.67 8.53
CA LEU A 109 0.06 5.89 8.06
C LEU A 109 -0.44 6.75 9.24
N ASN A 110 -1.19 6.19 10.15
CA ASN A 110 -1.70 6.97 11.31
C ASN A 110 -2.26 6.02 12.40
N ASP A 111 -3.50 5.63 12.30
CA ASP A 111 -4.06 4.69 13.33
C ASP A 111 -4.56 3.40 12.63
N LEU A 112 -5.69 3.47 11.97
CA LEU A 112 -6.22 2.27 11.25
C LEU A 112 -7.33 2.67 10.26
N GLU A 113 -8.25 3.50 10.70
CA GLU A 113 -9.36 3.95 9.79
C GLU A 113 -9.09 5.36 9.25
N THR A 114 -9.12 6.36 10.11
CA THR A 114 -8.88 7.77 9.65
C THR A 114 -7.42 7.97 9.21
N VAL A 115 -7.22 8.59 8.07
CA VAL A 115 -5.81 8.83 7.59
C VAL A 115 -5.34 10.24 7.98
N LEU A 116 -6.18 11.23 7.81
CA LEU A 116 -5.79 12.64 8.15
C LEU A 116 -6.90 13.35 8.95
N THR A 117 -6.79 14.65 9.11
CA THR A 117 -7.81 15.43 9.88
C THR A 117 -8.96 15.90 8.96
N SER A 118 -9.60 17.01 9.28
CA SER A 118 -10.72 17.51 8.40
C SER A 118 -10.18 18.04 7.07
N ARG A 119 -10.88 17.76 5.98
CA ARG A 119 -10.41 18.24 4.63
C ARG A 119 -10.48 19.78 4.55
N PRO A 120 -9.40 20.37 4.09
CA PRO A 120 -9.33 21.85 3.96
C PRO A 120 -10.18 22.33 2.77
N PRO A 121 -10.83 23.46 2.95
CA PRO A 121 -11.68 24.05 1.88
C PRO A 121 -10.82 24.66 0.75
N GLN A 122 -11.44 25.32 -0.20
CA GLN A 122 -10.68 25.94 -1.33
C GLN A 122 -10.16 27.33 -0.95
N PRO A 123 -8.85 27.46 -0.87
CA PRO A 123 -8.24 28.77 -0.50
C PRO A 123 -8.23 29.72 -1.71
N ALA A 124 -7.12 29.85 -2.39
CA ALA A 124 -7.04 30.76 -3.58
C ALA A 124 -5.92 30.31 -4.54
N SER A 125 -6.17 29.28 -5.30
CA SER A 125 -5.14 28.78 -6.26
C SER A 125 -5.72 28.69 -7.68
N GLY A 126 -5.05 29.30 -8.64
CA GLY A 126 -5.56 29.25 -10.06
C GLY A 126 -5.18 27.90 -10.70
N SER A 127 -5.77 26.83 -10.25
CA SER A 127 -5.46 25.48 -10.82
C SER A 127 -6.70 24.58 -10.76
N ASP A 4 -5.66 -17.73 14.10
CA ASP A 4 -6.10 -17.57 12.69
C ASP A 4 -5.35 -18.55 11.77
N THR A 5 -6.03 -19.55 11.26
CA THR A 5 -5.37 -20.55 10.35
C THR A 5 -6.35 -21.15 9.35
N HIS A 6 -7.60 -21.37 9.73
CA HIS A 6 -8.60 -21.96 8.77
C HIS A 6 -9.45 -20.85 8.12
N ARG A 7 -10.47 -21.22 7.39
CA ARG A 7 -11.33 -20.19 6.72
C ARG A 7 -12.76 -20.74 6.47
N LEU A 8 -13.76 -19.92 6.70
CA LEU A 8 -15.18 -20.38 6.47
C LEU A 8 -15.57 -20.24 4.99
N THR A 9 -15.35 -19.08 4.41
CA THR A 9 -15.70 -18.87 2.96
C THR A 9 -14.86 -17.73 2.38
N ARG A 10 -15.10 -16.51 2.79
CA ARG A 10 -14.31 -15.36 2.26
C ARG A 10 -14.01 -14.36 3.39
N THR A 11 -12.75 -14.08 3.64
CA THR A 11 -12.40 -13.12 4.75
C THR A 11 -11.45 -12.01 4.28
N LEU A 12 -10.63 -12.26 3.28
CA LEU A 12 -9.68 -11.19 2.82
C LEU A 12 -10.43 -9.97 2.27
N ASN A 13 -10.49 -8.92 3.04
CA ASN A 13 -11.18 -7.69 2.58
C ASN A 13 -10.27 -6.46 2.79
N CYS A 14 -9.49 -6.42 3.84
CA CYS A 14 -8.59 -5.24 4.08
C CYS A 14 -7.57 -5.48 5.20
N SER A 15 -7.91 -6.21 6.23
CA SER A 15 -6.92 -6.42 7.34
C SER A 15 -5.90 -7.53 7.01
N SER A 16 -6.38 -8.71 6.70
CA SER A 16 -5.46 -9.86 6.37
C SER A 16 -4.50 -9.52 5.23
N ILE A 17 -4.88 -8.64 4.34
CA ILE A 17 -3.97 -8.26 3.21
C ILE A 17 -2.75 -7.48 3.72
N VAL A 18 -2.92 -6.67 4.74
CA VAL A 18 -1.76 -5.91 5.29
C VAL A 18 -0.83 -6.85 6.09
N LYS A 19 -1.40 -7.68 6.93
CA LYS A 19 -0.56 -8.63 7.73
C LYS A 19 0.17 -9.61 6.80
N GLU A 20 -0.42 -9.96 5.68
CA GLU A 20 0.27 -10.90 4.74
C GLU A 20 1.44 -10.18 4.07
N ILE A 21 1.21 -9.00 3.54
CA ILE A 21 2.32 -8.24 2.89
C ILE A 21 3.49 -8.05 3.87
N ILE A 22 3.19 -7.77 5.12
CA ILE A 22 4.28 -7.58 6.13
C ILE A 22 5.08 -8.87 6.30
N GLY A 23 4.40 -10.00 6.35
CA GLY A 23 5.12 -11.31 6.50
C GLY A 23 5.69 -11.77 5.16
N LYS A 24 5.21 -11.24 4.06
CA LYS A 24 5.72 -11.67 2.73
C LYS A 24 6.84 -10.72 2.21
N LEU A 25 6.89 -9.51 2.69
CA LEU A 25 7.95 -8.55 2.22
C LEU A 25 8.97 -8.25 3.35
N PRO A 26 9.99 -9.08 3.43
CA PRO A 26 11.05 -8.93 4.46
C PRO A 26 12.18 -7.99 3.98
N GLU A 27 13.42 -8.25 4.35
CA GLU A 27 14.54 -7.36 3.91
C GLU A 27 15.84 -8.17 3.64
N PRO A 28 16.26 -8.19 2.40
CA PRO A 28 17.48 -8.92 1.98
C PRO A 28 18.71 -8.00 2.00
N GLU A 29 19.82 -8.43 1.44
CA GLU A 29 21.04 -7.56 1.41
C GLU A 29 21.20 -6.89 0.02
N LEU A 30 20.13 -6.41 -0.54
CA LEU A 30 20.23 -5.74 -1.88
C LEU A 30 20.10 -4.20 -1.76
N LYS A 31 19.98 -3.69 -0.55
CA LYS A 31 19.82 -2.23 -0.21
C LYS A 31 19.75 -1.25 -1.40
N THR A 32 18.81 -0.37 -1.30
CA THR A 32 18.66 0.71 -2.32
C THR A 32 18.55 2.08 -1.62
N ASP A 33 17.38 2.45 -1.18
CA ASP A 33 17.20 3.76 -0.48
C ASP A 33 16.00 3.71 0.49
N ASP A 34 15.27 4.78 0.65
CA ASP A 34 14.11 4.76 1.61
C ASP A 34 12.81 4.29 0.92
N GLU A 35 11.95 5.18 0.51
CA GLU A 35 10.65 4.77 -0.13
C GLU A 35 10.06 5.90 -0.98
N GLY A 36 8.78 5.85 -1.25
CA GLY A 36 8.13 6.93 -2.07
C GLY A 36 7.71 8.12 -1.18
N PRO A 37 8.31 9.26 -1.42
CA PRO A 37 7.97 10.49 -0.63
C PRO A 37 6.52 10.93 -0.88
N SER A 38 6.20 11.40 -2.06
CA SER A 38 4.78 11.81 -2.36
C SER A 38 3.85 10.60 -2.16
N LEU A 39 4.39 9.41 -2.29
CA LEU A 39 3.59 8.16 -2.10
C LEU A 39 3.08 8.04 -0.65
N ARG A 40 3.66 8.77 0.27
CA ARG A 40 3.21 8.72 1.71
C ARG A 40 1.88 9.48 1.94
N ASN A 41 1.21 9.91 0.88
CA ASN A 41 -0.07 10.66 1.04
C ASN A 41 -1.07 9.92 1.96
N LYS A 42 -2.13 10.57 2.34
CA LYS A 42 -3.14 9.93 3.24
C LYS A 42 -4.01 8.91 2.48
N SER A 43 -4.71 9.34 1.47
CA SER A 43 -5.59 8.40 0.69
C SER A 43 -4.88 7.87 -0.58
N PHE A 44 -4.25 8.74 -1.33
CA PHE A 44 -3.57 8.30 -2.60
C PHE A 44 -2.37 7.37 -2.32
N ARG A 45 -1.98 7.19 -1.08
CA ARG A 45 -0.80 6.30 -0.78
C ARG A 45 -1.01 4.85 -1.25
N ARG A 46 -2.21 4.30 -1.11
CA ARG A 46 -2.42 2.88 -1.53
C ARG A 46 -2.41 2.73 -3.07
N VAL A 47 -3.21 3.50 -3.76
CA VAL A 47 -3.26 3.38 -5.27
C VAL A 47 -1.89 3.67 -5.89
N ASN A 48 -1.15 4.62 -5.38
CA ASN A 48 0.20 4.89 -5.96
C ASN A 48 1.11 3.70 -5.65
N LEU A 49 0.96 3.11 -4.49
CA LEU A 49 1.80 1.93 -4.13
C LEU A 49 1.56 0.78 -5.13
N SER A 50 0.32 0.50 -5.45
CA SER A 50 0.04 -0.59 -6.45
C SER A 50 0.69 -0.23 -7.79
N LYS A 51 0.63 1.02 -8.18
CA LYS A 51 1.27 1.44 -9.47
C LYS A 51 2.80 1.44 -9.32
N PHE A 52 3.31 1.77 -8.16
CA PHE A 52 4.79 1.76 -7.97
C PHE A 52 5.28 0.31 -7.96
N VAL A 53 4.57 -0.57 -7.29
CA VAL A 53 4.97 -2.01 -7.27
C VAL A 53 4.97 -2.56 -8.71
N GLU A 54 3.98 -2.22 -9.49
CA GLU A 54 3.94 -2.70 -10.91
C GLU A 54 5.22 -2.26 -11.65
N SER A 55 5.65 -1.04 -11.43
CA SER A 55 6.90 -0.54 -12.10
C SER A 55 8.16 -1.10 -11.42
N GLN A 56 8.11 -1.33 -10.13
CA GLN A 56 9.30 -1.89 -9.42
C GLN A 56 9.60 -3.31 -9.93
N GLY A 57 8.58 -4.03 -10.35
CA GLY A 57 8.79 -5.43 -10.87
C GLY A 57 9.75 -5.44 -12.09
N GLU A 58 10.10 -4.28 -12.61
CA GLU A 58 11.02 -4.22 -13.78
C GLU A 58 12.50 -4.29 -13.32
N VAL A 59 12.76 -4.05 -12.05
CA VAL A 59 14.19 -4.10 -11.56
C VAL A 59 14.64 -5.56 -11.43
N ASP A 60 13.75 -6.45 -11.07
CA ASP A 60 14.12 -7.88 -10.93
C ASP A 60 12.86 -8.76 -10.97
N PRO A 61 13.04 -10.02 -11.29
CA PRO A 61 11.88 -10.96 -11.34
C PRO A 61 11.49 -11.41 -9.93
N GLU A 62 11.63 -10.55 -8.95
CA GLU A 62 11.26 -10.90 -7.55
C GLU A 62 9.90 -10.29 -7.18
N ASP A 63 9.44 -9.31 -7.91
CA ASP A 63 8.12 -8.67 -7.57
C ASP A 63 6.95 -9.47 -8.15
N ARG A 64 7.18 -10.69 -8.53
CA ARG A 64 6.08 -11.57 -9.08
C ARG A 64 4.92 -11.71 -8.05
N TYR A 65 5.11 -11.28 -6.81
CA TYR A 65 4.04 -11.39 -5.75
C TYR A 65 2.78 -10.53 -6.06
N VAL A 66 2.55 -10.15 -7.31
CA VAL A 66 1.34 -9.30 -7.70
C VAL A 66 0.50 -8.82 -6.48
N ILE A 67 1.09 -7.98 -5.65
CA ILE A 67 0.36 -7.47 -4.45
C ILE A 67 -0.70 -6.43 -4.86
N LYS A 68 -0.57 -5.83 -6.02
CA LYS A 68 -1.58 -4.82 -6.46
C LYS A 68 -3.01 -5.40 -6.40
N SER A 69 -3.16 -6.69 -6.66
CA SER A 69 -4.52 -7.31 -6.58
C SER A 69 -4.99 -7.33 -5.12
N ASN A 70 -4.11 -7.69 -4.22
CA ASN A 70 -4.47 -7.71 -2.77
C ASN A 70 -4.75 -6.27 -2.30
N LEU A 71 -3.94 -5.33 -2.74
CA LEU A 71 -4.16 -3.90 -2.34
C LEU A 71 -5.49 -3.40 -2.93
N GLN A 72 -5.83 -3.83 -4.12
CA GLN A 72 -7.14 -3.42 -4.73
C GLN A 72 -8.27 -3.85 -3.80
N LYS A 73 -8.24 -5.08 -3.36
CA LYS A 73 -9.28 -5.58 -2.42
C LYS A 73 -9.21 -4.78 -1.11
N LEU A 74 -8.01 -4.51 -0.65
CA LEU A 74 -7.84 -3.70 0.60
C LEU A 74 -8.49 -2.33 0.41
N ASN A 75 -8.21 -1.69 -0.70
CA ASN A 75 -8.82 -0.36 -1.00
C ASN A 75 -10.32 -0.51 -1.24
N ALA A 76 -10.75 -1.67 -1.70
CA ALA A 76 -12.21 -1.90 -1.92
C ALA A 76 -12.92 -1.93 -0.55
N CYS A 77 -12.20 -2.36 0.48
CA CYS A 77 -12.78 -2.42 1.86
C CYS A 77 -12.45 -1.15 2.66
N LEU A 78 -11.30 -0.57 2.43
CA LEU A 78 -10.91 0.65 3.21
C LEU A 78 -11.31 1.96 2.50
N PRO A 79 -11.37 3.02 3.27
CA PRO A 79 -11.73 4.37 2.73
C PRO A 79 -10.60 4.96 1.86
N THR A 80 -9.40 4.49 2.06
CA THR A 80 -8.22 5.02 1.27
C THR A 80 -8.29 4.67 -0.24
N SER A 81 -9.42 4.20 -0.70
CA SER A 81 -9.57 3.84 -2.16
C SER A 81 -9.55 5.10 -3.05
N ALA A 82 -8.46 5.82 -3.05
CA ALA A 82 -8.35 7.06 -3.88
C ALA A 82 -7.60 6.77 -5.20
N ASN A 83 -8.23 6.03 -6.08
CA ASN A 83 -7.57 5.69 -7.39
C ASN A 83 -7.57 6.88 -8.37
N ASP A 84 -7.30 8.08 -7.91
CA ASP A 84 -7.27 9.25 -8.84
C ASP A 84 -6.08 10.18 -8.56
N SER A 85 -5.04 9.65 -7.98
CA SER A 85 -3.82 10.49 -7.71
C SER A 85 -2.63 9.59 -7.39
N ALA A 86 -2.46 8.55 -8.17
CA ALA A 86 -1.32 7.60 -7.94
C ALA A 86 -0.14 7.95 -8.86
N LEU A 87 0.75 8.79 -8.41
CA LEU A 87 1.93 9.18 -9.25
C LEU A 87 3.22 8.47 -8.77
N PRO A 88 4.06 8.12 -9.71
CA PRO A 88 5.35 7.44 -9.38
C PRO A 88 6.39 8.44 -8.85
N GLY A 89 7.63 8.04 -8.73
CA GLY A 89 8.68 8.97 -8.21
C GLY A 89 10.08 8.47 -8.62
N VAL A 90 10.64 7.61 -7.83
CA VAL A 90 12.01 7.07 -8.12
C VAL A 90 11.98 5.54 -8.26
N PHE A 91 13.04 4.97 -8.77
CA PHE A 91 13.11 3.48 -8.93
C PHE A 91 14.11 2.89 -7.90
N ILE A 92 13.87 1.70 -7.44
CA ILE A 92 14.78 1.08 -6.43
C ILE A 92 15.45 -0.20 -6.96
N ARG A 93 16.65 -0.48 -6.50
CA ARG A 93 17.38 -1.70 -6.96
C ARG A 93 16.91 -2.93 -6.17
N ASP A 94 16.66 -2.78 -4.90
CA ASP A 94 16.21 -3.92 -4.07
C ASP A 94 14.67 -3.92 -3.98
N LEU A 95 14.06 -4.82 -4.68
CA LEU A 95 12.55 -4.89 -4.66
C LEU A 95 12.07 -5.00 -3.24
N ASP A 96 12.57 -5.98 -2.58
CA ASP A 96 12.15 -6.24 -1.19
C ASP A 96 12.35 -4.97 -0.34
N ASP A 97 13.42 -4.24 -0.58
CA ASP A 97 13.65 -2.97 0.19
C ASP A 97 12.45 -2.03 0.01
N PHE A 98 12.02 -1.84 -1.21
CA PHE A 98 10.84 -0.95 -1.41
C PHE A 98 9.57 -1.63 -0.85
N ARG A 99 9.47 -2.93 -1.01
CA ARG A 99 8.28 -3.67 -0.48
C ARG A 99 8.22 -3.62 1.05
N LYS A 100 9.32 -3.75 1.72
CA LYS A 100 9.30 -3.71 3.20
C LYS A 100 9.08 -2.28 3.71
N LYS A 101 9.62 -1.30 3.01
CA LYS A 101 9.42 0.11 3.44
C LYS A 101 8.00 0.56 3.05
N LEU A 102 7.51 0.14 1.91
CA LEU A 102 6.14 0.55 1.49
C LEU A 102 5.06 -0.12 2.38
N ARG A 103 5.24 -1.36 2.76
CA ARG A 103 4.21 -2.01 3.65
C ARG A 103 4.27 -1.41 5.05
N PHE A 104 5.43 -1.03 5.49
CA PHE A 104 5.55 -0.39 6.84
C PHE A 104 4.97 1.02 6.77
N TYR A 105 5.26 1.74 5.70
CA TYR A 105 4.73 3.14 5.57
C TYR A 105 3.20 3.13 5.42
N MET A 106 2.64 2.18 4.72
CA MET A 106 1.15 2.16 4.57
C MET A 106 0.50 1.85 5.93
N VAL A 107 1.13 1.02 6.71
CA VAL A 107 0.58 0.67 8.07
C VAL A 107 1.03 1.70 9.13
N HIS A 108 2.19 2.28 8.97
CA HIS A 108 2.70 3.29 9.95
C HIS A 108 2.57 4.73 9.42
N LEU A 109 1.84 4.93 8.34
CA LEU A 109 1.67 6.31 7.74
C LEU A 109 1.98 7.45 8.74
N ASN A 110 1.27 7.52 9.84
CA ASN A 110 1.54 8.59 10.86
C ASN A 110 1.11 8.13 12.26
N ASP A 111 -0.12 8.41 12.65
CA ASP A 111 -0.61 8.00 14.01
C ASP A 111 -2.15 7.92 14.02
N LEU A 112 -2.70 7.05 13.21
CA LEU A 112 -4.19 6.90 13.13
C LEU A 112 -4.56 5.81 12.11
N GLU A 113 -4.64 4.57 12.56
CA GLU A 113 -4.99 3.43 11.65
C GLU A 113 -6.14 3.82 10.69
N THR A 114 -7.20 4.39 11.21
CA THR A 114 -8.35 4.80 10.33
C THR A 114 -7.97 6.07 9.54
N VAL A 115 -7.24 5.91 8.46
CA VAL A 115 -6.80 7.09 7.61
C VAL A 115 -8.00 7.97 7.22
N LEU A 116 -9.17 7.41 7.09
CA LEU A 116 -10.37 8.23 6.72
C LEU A 116 -11.59 7.83 7.58
N THR A 117 -12.13 8.76 8.32
CA THR A 117 -13.31 8.43 9.20
C THR A 117 -14.64 8.72 8.46
N SER A 118 -15.72 8.14 8.92
CA SER A 118 -17.05 8.37 8.25
C SER A 118 -17.44 9.85 8.30
N ARG A 119 -18.31 10.28 7.42
CA ARG A 119 -18.75 11.72 7.41
C ARG A 119 -19.56 12.06 8.68
N PRO A 120 -19.17 13.11 9.35
CA PRO A 120 -19.88 13.54 10.59
C PRO A 120 -21.32 14.07 10.36
N PRO A 121 -21.58 14.76 9.26
CA PRO A 121 -22.96 15.28 9.02
C PRO A 121 -23.94 14.13 8.69
N GLN A 122 -25.18 14.46 8.43
CA GLN A 122 -26.19 13.40 8.09
C GLN A 122 -26.42 13.33 6.57
N PRO A 123 -25.85 12.31 5.95
CA PRO A 123 -26.01 12.14 4.48
C PRO A 123 -27.41 11.64 4.11
N ALA A 124 -27.66 11.41 2.86
CA ALA A 124 -29.01 10.92 2.41
C ALA A 124 -28.91 9.49 1.85
N SER A 125 -29.04 8.51 2.70
CA SER A 125 -28.96 7.09 2.22
C SER A 125 -29.86 6.18 3.08
N GLY A 126 -30.74 5.43 2.47
CA GLY A 126 -31.65 4.55 3.26
C GLY A 126 -31.76 3.16 2.61
N SER A 127 -32.41 2.24 3.28
CA SER A 127 -32.56 0.85 2.72
C SER A 127 -33.58 0.04 3.54
N ASP A 4 -13.81 -26.86 16.29
CA ASP A 4 -14.12 -26.21 14.98
C ASP A 4 -13.05 -25.16 14.62
N THR A 5 -12.90 -24.88 13.35
CA THR A 5 -11.89 -23.86 12.91
C THR A 5 -12.28 -23.26 11.54
N HIS A 6 -13.55 -23.20 11.24
CA HIS A 6 -13.97 -22.63 9.91
C HIS A 6 -15.13 -21.62 10.09
N ARG A 7 -15.85 -21.37 9.03
CA ARG A 7 -17.00 -20.41 9.08
C ARG A 7 -18.07 -20.82 8.07
N LEU A 8 -19.26 -20.27 8.16
CA LEU A 8 -20.33 -20.64 7.17
C LEU A 8 -19.88 -20.39 5.72
N THR A 9 -19.09 -19.36 5.50
CA THR A 9 -18.61 -19.07 4.11
C THR A 9 -17.18 -18.50 4.13
N ARG A 10 -17.02 -17.29 4.63
CA ARG A 10 -15.67 -16.66 4.68
C ARG A 10 -15.68 -15.45 5.61
N THR A 11 -14.57 -14.81 5.77
CA THR A 11 -14.49 -13.59 6.65
C THR A 11 -14.19 -12.35 5.78
N LEU A 12 -12.98 -11.83 5.81
CA LEU A 12 -12.66 -10.64 4.96
C LEU A 12 -11.14 -10.38 4.96
N ASN A 13 -10.55 -10.21 3.80
CA ASN A 13 -9.08 -9.96 3.73
C ASN A 13 -8.74 -8.47 3.96
N CYS A 14 -9.73 -7.64 4.23
CA CYS A 14 -9.45 -6.16 4.45
C CYS A 14 -8.24 -5.97 5.38
N SER A 15 -8.24 -6.61 6.52
CA SER A 15 -7.07 -6.46 7.45
C SER A 15 -5.92 -7.40 7.05
N SER A 16 -6.25 -8.61 6.68
CA SER A 16 -5.19 -9.61 6.28
C SER A 16 -4.36 -9.09 5.11
N ILE A 17 -4.93 -8.32 4.24
CA ILE A 17 -4.17 -7.77 3.06
C ILE A 17 -2.90 -7.05 3.55
N VAL A 18 -3.00 -6.28 4.60
CA VAL A 18 -1.81 -5.55 5.12
C VAL A 18 -0.91 -6.53 5.89
N LYS A 19 -1.47 -7.32 6.77
CA LYS A 19 -0.64 -8.31 7.53
C LYS A 19 0.06 -9.29 6.57
N GLU A 20 -0.56 -9.62 5.46
CA GLU A 20 0.08 -10.55 4.47
C GLU A 20 1.29 -9.86 3.83
N ILE A 21 1.11 -8.67 3.31
CA ILE A 21 2.25 -7.95 2.69
C ILE A 21 3.42 -7.87 3.68
N ILE A 22 3.15 -7.61 4.93
CA ILE A 22 4.26 -7.55 5.95
C ILE A 22 4.77 -8.95 6.28
N GLY A 23 3.92 -9.95 6.20
CA GLY A 23 4.36 -11.35 6.50
C GLY A 23 5.18 -11.92 5.33
N LYS A 24 4.83 -11.58 4.11
CA LYS A 24 5.58 -12.10 2.94
C LYS A 24 6.77 -11.20 2.57
N LEU A 25 6.65 -9.92 2.79
CA LEU A 25 7.79 -8.99 2.44
C LEU A 25 8.65 -8.74 3.69
N PRO A 26 9.83 -9.35 3.70
CA PRO A 26 10.76 -9.23 4.85
C PRO A 26 11.44 -7.85 4.90
N GLU A 27 12.53 -7.73 5.62
CA GLU A 27 13.23 -6.42 5.73
C GLU A 27 14.72 -6.54 5.35
N PRO A 28 14.97 -6.75 4.08
CA PRO A 28 16.38 -6.89 3.60
C PRO A 28 16.97 -5.51 3.26
N GLU A 29 18.05 -5.48 2.51
CA GLU A 29 18.70 -4.19 2.10
C GLU A 29 19.84 -4.44 1.10
N LEU A 30 19.52 -4.56 -0.17
CA LEU A 30 20.60 -4.82 -1.20
C LEU A 30 21.37 -3.52 -1.52
N LYS A 31 20.66 -2.45 -1.79
CA LYS A 31 21.32 -1.13 -2.11
C LYS A 31 20.24 -0.08 -2.44
N THR A 32 19.35 0.19 -1.53
CA THR A 32 18.26 1.16 -1.83
C THR A 32 18.12 2.21 -0.71
N ASP A 33 17.14 3.06 -0.83
CA ASP A 33 16.93 4.14 0.18
C ASP A 33 15.62 3.92 0.98
N ASP A 34 14.80 4.93 1.09
CA ASP A 34 13.53 4.78 1.86
C ASP A 34 12.35 4.36 0.94
N GLU A 35 11.17 4.89 1.15
CA GLU A 35 10.00 4.52 0.31
C GLU A 35 9.83 5.49 -0.87
N GLY A 36 8.67 5.51 -1.46
CA GLY A 36 8.42 6.44 -2.62
C GLY A 36 8.22 7.88 -2.11
N PRO A 37 8.90 8.81 -2.75
CA PRO A 37 8.78 10.25 -2.36
C PRO A 37 7.36 10.78 -2.67
N SER A 38 7.06 11.00 -3.93
CA SER A 38 5.69 11.50 -4.30
C SER A 38 4.62 10.48 -3.87
N LEU A 39 5.00 9.23 -3.75
CA LEU A 39 4.02 8.17 -3.33
C LEU A 39 3.71 8.26 -1.82
N ARG A 40 4.41 9.12 -1.10
CA ARG A 40 4.14 9.27 0.37
C ARG A 40 2.84 10.07 0.63
N ASN A 41 2.08 10.37 -0.40
CA ASN A 41 0.80 11.13 -0.21
C ASN A 41 -0.01 10.57 0.97
N LYS A 42 -0.40 11.43 1.86
CA LYS A 42 -1.18 11.01 3.08
C LYS A 42 -2.29 9.99 2.73
N SER A 43 -3.24 10.37 1.92
CA SER A 43 -4.35 9.44 1.56
C SER A 43 -4.00 8.50 0.39
N PHE A 44 -3.60 9.06 -0.72
CA PHE A 44 -3.28 8.22 -1.93
C PHE A 44 -2.04 7.31 -1.73
N ARG A 45 -1.39 7.38 -0.60
CA ARG A 45 -0.18 6.50 -0.37
C ARG A 45 -0.43 5.07 -0.86
N ARG A 46 -1.47 4.42 -0.36
CA ARG A 46 -1.77 3.01 -0.81
C ARG A 46 -1.95 2.93 -2.34
N VAL A 47 -2.58 3.90 -2.94
CA VAL A 47 -2.74 3.88 -4.43
C VAL A 47 -1.37 4.08 -5.09
N ASN A 48 -0.57 4.97 -4.57
CA ASN A 48 0.78 5.19 -5.15
C ASN A 48 1.58 3.89 -5.07
N LEU A 49 1.50 3.21 -3.96
CA LEU A 49 2.25 1.92 -3.80
C LEU A 49 1.74 0.90 -4.81
N SER A 50 0.45 0.82 -4.98
CA SER A 50 -0.12 -0.16 -5.97
C SER A 50 0.44 0.10 -7.39
N LYS A 51 0.49 1.33 -7.81
CA LYS A 51 1.05 1.62 -9.17
C LYS A 51 2.57 1.47 -9.15
N PHE A 52 3.19 1.73 -8.03
CA PHE A 52 4.67 1.56 -7.93
C PHE A 52 5.00 0.07 -7.98
N VAL A 53 4.26 -0.74 -7.28
CA VAL A 53 4.52 -2.22 -7.31
C VAL A 53 4.39 -2.73 -8.76
N GLU A 54 3.39 -2.29 -9.48
CA GLU A 54 3.26 -2.71 -10.92
C GLU A 54 4.53 -2.31 -11.68
N SER A 55 5.08 -1.17 -11.37
CA SER A 55 6.34 -0.71 -12.05
C SER A 55 7.56 -1.44 -11.46
N GLN A 56 7.56 -1.73 -10.19
CA GLN A 56 8.72 -2.44 -9.56
C GLN A 56 8.97 -3.79 -10.25
N GLY A 57 7.91 -4.43 -10.69
CA GLY A 57 8.07 -5.75 -11.40
C GLY A 57 9.08 -5.61 -12.56
N GLU A 58 9.43 -4.40 -12.94
CA GLU A 58 10.42 -4.18 -14.04
C GLU A 58 11.86 -4.12 -13.49
N VAL A 59 12.04 -3.92 -12.20
CA VAL A 59 13.44 -3.87 -11.62
C VAL A 59 14.00 -5.29 -11.48
N ASP A 60 13.19 -6.24 -11.09
CA ASP A 60 13.69 -7.63 -10.92
C ASP A 60 12.54 -8.64 -11.08
N PRO A 61 12.87 -9.83 -11.56
CA PRO A 61 11.83 -10.88 -11.75
C PRO A 61 11.34 -11.45 -10.39
N GLU A 62 11.87 -10.99 -9.29
CA GLU A 62 11.41 -11.49 -7.95
C GLU A 62 10.07 -10.83 -7.59
N ASP A 63 9.70 -9.76 -8.27
CA ASP A 63 8.39 -9.09 -7.99
C ASP A 63 7.21 -9.99 -8.42
N ARG A 64 7.48 -11.17 -8.92
CA ARG A 64 6.39 -12.11 -9.34
C ARG A 64 5.34 -12.33 -8.21
N TYR A 65 5.63 -11.90 -7.00
CA TYR A 65 4.67 -12.05 -5.84
C TYR A 65 3.36 -11.23 -6.03
N VAL A 66 3.01 -10.85 -7.25
CA VAL A 66 1.76 -10.05 -7.57
C VAL A 66 0.95 -9.61 -6.33
N ILE A 67 1.51 -8.74 -5.52
CA ILE A 67 0.78 -8.24 -4.32
C ILE A 67 -0.30 -7.23 -4.75
N LYS A 68 -0.11 -6.60 -5.90
CA LYS A 68 -1.11 -5.61 -6.40
C LYS A 68 -2.55 -6.17 -6.26
N SER A 69 -2.75 -7.42 -6.57
CA SER A 69 -4.13 -8.01 -6.44
C SER A 69 -4.62 -7.89 -4.99
N ASN A 70 -3.76 -8.12 -4.03
CA ASN A 70 -4.16 -7.98 -2.60
C ASN A 70 -4.32 -6.48 -2.29
N LEU A 71 -3.43 -5.66 -2.79
CA LEU A 71 -3.55 -4.18 -2.55
C LEU A 71 -4.85 -3.66 -3.19
N GLN A 72 -5.21 -4.20 -4.34
CA GLN A 72 -6.47 -3.79 -5.02
C GLN A 72 -7.65 -4.05 -4.08
N LYS A 73 -7.70 -5.23 -3.50
CA LYS A 73 -8.81 -5.56 -2.53
C LYS A 73 -8.78 -4.53 -1.39
N LEU A 74 -7.62 -4.21 -0.89
CA LEU A 74 -7.52 -3.17 0.19
C LEU A 74 -7.97 -1.82 -0.35
N ASN A 75 -7.59 -1.50 -1.57
CA ASN A 75 -8.01 -0.20 -2.21
C ASN A 75 -9.55 -0.11 -2.26
N ALA A 76 -10.21 -1.21 -2.53
CA ALA A 76 -11.70 -1.21 -2.58
C ALA A 76 -12.27 -1.24 -1.14
N CYS A 77 -11.54 -1.80 -0.23
CA CYS A 77 -12.00 -1.87 1.20
C CYS A 77 -11.69 -0.55 1.93
N LEU A 78 -10.63 0.12 1.55
CA LEU A 78 -10.27 1.40 2.25
C LEU A 78 -10.85 2.62 1.49
N PRO A 79 -11.53 3.46 2.23
CA PRO A 79 -12.15 4.70 1.63
C PRO A 79 -11.07 5.68 1.17
N THR A 80 -9.95 5.69 1.82
CA THR A 80 -8.83 6.63 1.46
C THR A 80 -8.00 6.10 0.29
N SER A 81 -8.49 5.12 -0.42
CA SER A 81 -7.73 4.54 -1.57
C SER A 81 -8.29 5.01 -2.91
N ALA A 82 -9.29 4.32 -3.46
CA ALA A 82 -9.92 4.68 -4.80
C ALA A 82 -9.27 5.89 -5.50
N ASN A 83 -8.05 5.75 -5.90
CA ASN A 83 -7.34 6.85 -6.62
C ASN A 83 -6.42 6.24 -7.69
N ASP A 84 -6.96 5.41 -8.56
CA ASP A 84 -6.12 4.75 -9.62
C ASP A 84 -5.56 5.76 -10.66
N SER A 85 -5.37 6.99 -10.30
CA SER A 85 -4.80 8.01 -11.25
C SER A 85 -3.93 8.99 -10.47
N ALA A 86 -3.05 8.48 -9.64
CA ALA A 86 -2.17 9.37 -8.83
C ALA A 86 -0.86 9.68 -9.56
N LEU A 87 0.24 9.71 -8.85
CA LEU A 87 1.56 10.03 -9.48
C LEU A 87 2.65 9.01 -9.09
N PRO A 88 3.60 8.82 -9.97
CA PRO A 88 4.72 7.88 -9.71
C PRO A 88 5.82 8.54 -8.85
N GLY A 89 6.97 7.94 -8.76
CA GLY A 89 8.08 8.52 -7.94
C GLY A 89 9.43 8.13 -8.53
N VAL A 90 9.97 7.03 -8.07
CA VAL A 90 11.31 6.56 -8.57
C VAL A 90 11.36 5.02 -8.62
N PHE A 91 12.35 4.47 -9.29
CA PHE A 91 12.48 2.98 -9.38
C PHE A 91 13.56 2.50 -8.40
N ILE A 92 13.28 1.49 -7.62
CA ILE A 92 14.29 0.97 -6.63
C ILE A 92 14.98 -0.30 -7.18
N ARG A 93 16.22 -0.52 -6.81
CA ARG A 93 16.93 -1.74 -7.31
C ARG A 93 16.41 -3.00 -6.60
N ASP A 94 16.28 -2.97 -5.31
CA ASP A 94 15.76 -4.16 -4.57
C ASP A 94 14.25 -4.01 -4.35
N LEU A 95 13.48 -4.78 -5.06
CA LEU A 95 11.99 -4.70 -4.91
C LEU A 95 11.56 -5.03 -3.47
N ASP A 96 12.33 -5.82 -2.77
CA ASP A 96 11.97 -6.17 -1.37
C ASP A 96 12.23 -4.95 -0.45
N ASP A 97 13.29 -4.21 -0.70
CA ASP A 97 13.57 -3.01 0.13
C ASP A 97 12.37 -2.05 0.06
N PHE A 98 11.91 -1.76 -1.13
CA PHE A 98 10.71 -0.87 -1.26
C PHE A 98 9.50 -1.60 -0.64
N ARG A 99 9.39 -2.88 -0.85
CA ARG A 99 8.25 -3.67 -0.26
C ARG A 99 8.24 -3.53 1.27
N LYS A 100 9.37 -3.59 1.89
CA LYS A 100 9.42 -3.46 3.38
C LYS A 100 9.10 -2.00 3.78
N LYS A 101 9.60 -1.05 3.06
CA LYS A 101 9.31 0.37 3.41
C LYS A 101 7.86 0.72 3.03
N LEU A 102 7.38 0.20 1.93
CA LEU A 102 5.99 0.51 1.51
C LEU A 102 4.96 -0.15 2.45
N ARG A 103 5.22 -1.35 2.90
CA ARG A 103 4.23 -2.00 3.84
C ARG A 103 4.27 -1.28 5.20
N PHE A 104 5.41 -0.79 5.60
CA PHE A 104 5.50 -0.05 6.89
C PHE A 104 4.86 1.34 6.77
N TYR A 105 5.08 2.02 5.67
CA TYR A 105 4.46 3.37 5.52
C TYR A 105 2.95 3.28 5.27
N MET A 106 2.49 2.26 4.58
CA MET A 106 1.01 2.14 4.37
C MET A 106 0.34 1.81 5.71
N VAL A 107 1.00 1.05 6.55
CA VAL A 107 0.42 0.72 7.90
C VAL A 107 0.60 1.93 8.84
N HIS A 108 1.58 2.76 8.57
CA HIS A 108 1.80 3.96 9.43
C HIS A 108 0.63 4.97 9.26
N LEU A 109 -0.22 4.76 8.28
CA LEU A 109 -1.39 5.68 8.08
C LEU A 109 -2.20 5.85 9.38
N ASN A 110 -2.45 4.77 10.08
CA ASN A 110 -3.24 4.83 11.35
C ASN A 110 -2.31 4.67 12.56
N ASP A 111 -1.26 5.45 12.62
CA ASP A 111 -0.29 5.35 13.76
C ASP A 111 -0.95 5.77 15.09
N LEU A 112 -1.67 6.86 15.12
CA LEU A 112 -2.33 7.29 16.40
C LEU A 112 -3.60 8.15 16.18
N GLU A 113 -3.64 8.94 15.14
CA GLU A 113 -4.87 9.80 14.91
C GLU A 113 -5.64 9.34 13.66
N THR A 114 -5.36 9.92 12.50
CA THR A 114 -6.09 9.53 11.25
C THR A 114 -5.47 10.21 10.01
N VAL A 115 -5.46 9.54 8.89
CA VAL A 115 -4.88 10.14 7.65
C VAL A 115 -5.96 10.86 6.83
N LEU A 116 -7.21 10.43 6.96
CA LEU A 116 -8.33 11.08 6.19
C LEU A 116 -8.45 12.57 6.56
N THR A 117 -8.10 13.46 5.66
CA THR A 117 -8.18 14.93 5.96
C THR A 117 -9.64 15.40 5.96
N SER A 118 -9.90 16.59 6.46
CA SER A 118 -11.30 17.11 6.51
C SER A 118 -11.79 17.50 5.11
N ARG A 119 -12.12 16.54 4.28
CA ARG A 119 -12.63 16.85 2.91
C ARG A 119 -14.15 16.63 2.87
N PRO A 120 -14.86 17.61 2.33
CA PRO A 120 -16.35 17.52 2.24
C PRO A 120 -16.78 16.43 1.24
N PRO A 121 -17.38 15.38 1.76
CA PRO A 121 -17.84 14.24 0.91
C PRO A 121 -19.11 14.63 0.12
N GLN A 122 -18.99 15.60 -0.76
CA GLN A 122 -20.18 16.03 -1.57
C GLN A 122 -19.75 16.34 -3.02
N PRO A 123 -19.34 15.31 -3.72
CA PRO A 123 -18.90 15.48 -5.13
C PRO A 123 -20.12 15.55 -6.09
N ALA A 124 -20.55 14.43 -6.61
CA ALA A 124 -21.72 14.43 -7.54
C ALA A 124 -22.25 13.00 -7.74
N SER A 125 -23.24 12.82 -8.60
CA SER A 125 -23.79 11.46 -8.85
C SER A 125 -24.12 11.29 -10.34
N GLY A 126 -23.20 11.66 -11.20
CA GLY A 126 -23.43 11.53 -12.67
C GLY A 126 -22.21 12.05 -13.44
N SER A 127 -22.26 11.99 -14.76
CA SER A 127 -21.12 12.46 -15.61
C SER A 127 -19.84 11.63 -15.37
N ASP A 4 -20.82 -17.24 -1.76
CA ASP A 4 -21.41 -18.31 -2.60
C ASP A 4 -20.32 -18.97 -3.48
N THR A 5 -19.76 -18.21 -4.40
CA THR A 5 -18.68 -18.78 -5.28
C THR A 5 -17.29 -18.53 -4.70
N HIS A 6 -17.13 -17.47 -3.94
CA HIS A 6 -15.79 -17.16 -3.32
C HIS A 6 -15.82 -17.30 -1.80
N ARG A 7 -14.74 -16.97 -1.14
CA ARG A 7 -14.68 -17.07 0.35
C ARG A 7 -13.63 -16.10 0.92
N LEU A 8 -13.59 -14.89 0.43
CA LEU A 8 -12.59 -13.89 0.92
C LEU A 8 -12.69 -13.67 2.45
N THR A 9 -13.88 -13.79 3.00
CA THR A 9 -14.05 -13.58 4.49
C THR A 9 -13.04 -14.43 5.28
N ARG A 10 -12.83 -15.65 4.86
CA ARG A 10 -11.84 -16.53 5.58
C ARG A 10 -10.50 -16.54 4.84
N THR A 11 -10.11 -15.44 4.25
CA THR A 11 -8.79 -15.40 3.52
C THR A 11 -8.16 -14.00 3.62
N LEU A 12 -8.90 -12.97 3.28
CA LEU A 12 -8.33 -11.59 3.38
C LEU A 12 -9.44 -10.55 3.61
N ASN A 13 -10.29 -10.77 4.60
CA ASN A 13 -11.39 -9.80 4.91
C ASN A 13 -10.90 -8.35 4.73
N CYS A 14 -9.81 -7.99 5.37
CA CYS A 14 -9.26 -6.59 5.21
C CYS A 14 -8.01 -6.38 6.06
N SER A 15 -8.03 -6.77 7.31
CA SER A 15 -6.81 -6.57 8.17
C SER A 15 -5.77 -7.67 7.93
N SER A 16 -6.18 -8.91 7.90
CA SER A 16 -5.21 -10.03 7.68
C SER A 16 -4.44 -9.87 6.36
N ILE A 17 -5.02 -9.24 5.36
CA ILE A 17 -4.28 -9.08 4.06
C ILE A 17 -3.04 -8.20 4.28
N VAL A 18 -3.12 -7.20 5.11
CA VAL A 18 -1.94 -6.30 5.35
C VAL A 18 -0.91 -7.04 6.22
N LYS A 19 -1.34 -7.69 7.26
CA LYS A 19 -0.36 -8.44 8.13
C LYS A 19 0.27 -9.59 7.34
N GLU A 20 -0.44 -10.19 6.42
CA GLU A 20 0.15 -11.29 5.61
C GLU A 20 1.09 -10.71 4.56
N ILE A 21 0.63 -9.74 3.81
CA ILE A 21 1.52 -9.11 2.79
C ILE A 21 2.81 -8.61 3.47
N ILE A 22 2.69 -8.02 4.64
CA ILE A 22 3.91 -7.54 5.35
C ILE A 22 4.82 -8.74 5.71
N GLY A 23 4.24 -9.82 6.17
CA GLY A 23 5.05 -11.02 6.52
C GLY A 23 5.58 -11.68 5.24
N LYS A 24 4.92 -11.50 4.12
CA LYS A 24 5.37 -12.12 2.85
C LYS A 24 6.60 -11.40 2.28
N LEU A 25 6.73 -10.13 2.52
CA LEU A 25 7.92 -9.36 2.02
C LEU A 25 8.80 -8.95 3.22
N PRO A 26 9.91 -9.63 3.39
CA PRO A 26 10.83 -9.33 4.52
C PRO A 26 11.66 -8.05 4.25
N GLU A 27 12.76 -7.88 4.95
CA GLU A 27 13.61 -6.66 4.74
C GLU A 27 15.10 -7.06 4.60
N PRO A 28 15.49 -7.36 3.38
CA PRO A 28 16.90 -7.77 3.09
C PRO A 28 17.86 -6.56 3.17
N GLU A 29 19.11 -6.78 2.85
CA GLU A 29 20.12 -5.67 2.90
C GLU A 29 21.28 -5.97 1.92
N LEU A 30 21.08 -5.74 0.66
CA LEU A 30 22.16 -6.00 -0.34
C LEU A 30 22.80 -4.69 -0.86
N LYS A 31 21.99 -3.69 -1.15
CA LYS A 31 22.55 -2.39 -1.65
C LYS A 31 21.43 -1.33 -1.87
N THR A 32 20.44 -1.32 -1.02
CA THR A 32 19.33 -0.34 -1.13
C THR A 32 18.78 -0.01 0.26
N ASP A 33 18.08 1.07 0.38
CA ASP A 33 17.49 1.46 1.71
C ASP A 33 16.70 2.79 1.62
N ASP A 34 15.76 2.86 0.73
CA ASP A 34 14.95 4.11 0.60
C ASP A 34 13.48 3.73 0.32
N GLU A 35 12.71 4.63 -0.25
CA GLU A 35 11.28 4.32 -0.53
C GLU A 35 10.71 5.33 -1.54
N GLY A 36 9.41 5.32 -1.73
CA GLY A 36 8.78 6.26 -2.71
C GLY A 36 8.48 7.61 -2.05
N PRO A 37 9.22 8.63 -2.45
CA PRO A 37 9.00 10.00 -1.90
C PRO A 37 7.61 10.53 -2.25
N SER A 38 7.31 10.63 -3.52
CA SER A 38 5.95 11.11 -3.94
C SER A 38 4.88 10.15 -3.39
N LEU A 39 5.25 8.91 -3.14
CA LEU A 39 4.28 7.91 -2.59
C LEU A 39 3.95 8.24 -1.11
N ARG A 40 4.72 9.08 -0.48
CA ARG A 40 4.44 9.46 0.95
C ARG A 40 3.27 10.47 1.03
N ASN A 41 2.61 10.73 -0.08
CA ASN A 41 1.47 11.71 -0.10
C ASN A 41 0.42 11.39 0.99
N LYS A 42 -0.50 12.28 1.19
CA LYS A 42 -1.56 12.05 2.22
C LYS A 42 -2.60 11.02 1.75
N SER A 43 -3.27 11.30 0.67
CA SER A 43 -4.34 10.38 0.15
C SER A 43 -3.83 9.44 -0.96
N PHE A 44 -3.23 9.97 -1.99
CA PHE A 44 -2.76 9.13 -3.14
C PHE A 44 -1.64 8.13 -2.74
N ARG A 45 -1.04 8.28 -1.58
CA ARG A 45 0.06 7.33 -1.16
C ARG A 45 -0.28 5.86 -1.45
N ARG A 46 -1.52 5.46 -1.31
CA ARG A 46 -1.88 4.04 -1.60
C ARG A 46 -1.92 3.79 -3.12
N VAL A 47 -2.50 4.68 -3.86
CA VAL A 47 -2.54 4.51 -5.34
C VAL A 47 -1.12 4.65 -5.92
N ASN A 48 -0.35 5.57 -5.40
CA ASN A 48 1.05 5.75 -5.90
C ASN A 48 1.87 4.46 -5.65
N LEU A 49 1.69 3.84 -4.52
CA LEU A 49 2.45 2.58 -4.23
C LEU A 49 2.01 1.47 -5.19
N SER A 50 0.73 1.37 -5.50
CA SER A 50 0.28 0.30 -6.46
C SER A 50 0.97 0.51 -7.81
N LYS A 51 1.00 1.74 -8.30
CA LYS A 51 1.69 2.03 -9.60
C LYS A 51 3.19 1.81 -9.42
N PHE A 52 3.73 2.18 -8.29
CA PHE A 52 5.19 1.95 -8.05
C PHE A 52 5.47 0.45 -8.13
N VAL A 53 4.66 -0.36 -7.52
CA VAL A 53 4.87 -1.85 -7.59
C VAL A 53 4.74 -2.32 -9.05
N GLU A 54 3.84 -1.75 -9.81
CA GLU A 54 3.73 -2.15 -11.26
C GLU A 54 5.09 -1.95 -11.95
N SER A 55 5.73 -0.83 -11.67
CA SER A 55 7.09 -0.56 -12.25
C SER A 55 8.16 -1.36 -11.48
N GLN A 56 7.95 -1.58 -10.20
CA GLN A 56 8.95 -2.36 -9.39
C GLN A 56 9.28 -3.68 -10.09
N GLY A 57 8.31 -4.27 -10.74
CA GLY A 57 8.56 -5.56 -11.48
C GLY A 57 9.66 -5.38 -12.55
N GLU A 58 10.07 -4.15 -12.81
CA GLU A 58 11.14 -3.90 -13.83
C GLU A 58 12.55 -3.97 -13.19
N VAL A 59 12.65 -3.83 -11.88
CA VAL A 59 14.01 -3.88 -11.24
C VAL A 59 14.48 -5.34 -11.11
N ASP A 60 13.59 -6.24 -10.81
CA ASP A 60 13.97 -7.67 -10.66
C ASP A 60 12.75 -8.57 -10.96
N PRO A 61 13.02 -9.80 -11.34
CA PRO A 61 11.91 -10.73 -11.67
C PRO A 61 11.29 -11.34 -10.38
N GLU A 62 11.31 -10.64 -9.29
CA GLU A 62 10.69 -11.17 -8.02
C GLU A 62 9.29 -10.57 -7.79
N ASP A 63 8.87 -9.60 -8.59
CA ASP A 63 7.49 -9.03 -8.42
C ASP A 63 6.42 -10.07 -8.84
N ARG A 64 6.86 -11.21 -9.30
CA ARG A 64 5.91 -12.30 -9.72
C ARG A 64 4.95 -12.69 -8.59
N TYR A 65 5.20 -12.28 -7.36
CA TYR A 65 4.29 -12.61 -6.21
C TYR A 65 2.87 -11.98 -6.35
N VAL A 66 2.45 -11.63 -7.55
CA VAL A 66 1.10 -10.98 -7.80
C VAL A 66 0.33 -10.67 -6.51
N ILE A 67 0.77 -9.65 -5.82
CA ILE A 67 0.09 -9.22 -4.56
C ILE A 67 -0.64 -7.88 -4.80
N LYS A 68 -0.35 -7.22 -5.90
CA LYS A 68 -1.03 -5.93 -6.22
C LYS A 68 -2.56 -6.13 -6.22
N SER A 69 -3.01 -7.27 -6.71
CA SER A 69 -4.47 -7.58 -6.73
C SER A 69 -5.03 -7.50 -5.30
N ASN A 70 -4.36 -8.13 -4.35
CA ASN A 70 -4.83 -8.08 -2.94
C ASN A 70 -4.86 -6.63 -2.46
N LEU A 71 -3.84 -5.87 -2.79
CA LEU A 71 -3.81 -4.42 -2.39
C LEU A 71 -5.00 -3.69 -3.02
N GLN A 72 -5.29 -3.98 -4.26
CA GLN A 72 -6.46 -3.34 -4.93
C GLN A 72 -7.72 -3.62 -4.12
N LYS A 73 -7.93 -4.85 -3.73
CA LYS A 73 -9.11 -5.19 -2.90
C LYS A 73 -8.99 -4.51 -1.53
N LEU A 74 -7.78 -4.38 -1.02
CA LEU A 74 -7.58 -3.69 0.29
C LEU A 74 -8.09 -2.25 0.18
N ASN A 75 -7.71 -1.56 -0.87
CA ASN A 75 -8.19 -0.16 -1.08
C ASN A 75 -9.71 -0.17 -1.32
N ALA A 76 -10.20 -1.19 -1.98
CA ALA A 76 -11.68 -1.30 -2.22
C ALA A 76 -12.40 -1.59 -0.89
N CYS A 77 -11.73 -2.30 -0.01
CA CYS A 77 -12.32 -2.61 1.33
C CYS A 77 -12.21 -1.39 2.25
N LEU A 78 -11.14 -0.64 2.13
CA LEU A 78 -10.96 0.57 2.98
C LEU A 78 -11.69 1.80 2.40
N PRO A 79 -11.84 2.81 3.23
CA PRO A 79 -12.53 4.07 2.81
C PRO A 79 -11.69 4.86 1.81
N THR A 80 -10.38 4.80 1.93
CA THR A 80 -9.48 5.56 1.00
C THR A 80 -9.65 5.09 -0.45
N SER A 81 -9.49 5.97 -1.40
CA SER A 81 -9.62 5.59 -2.84
C SER A 81 -9.34 6.79 -3.75
N ALA A 82 -8.25 6.75 -4.47
CA ALA A 82 -7.90 7.88 -5.40
C ALA A 82 -7.08 7.32 -6.57
N ASN A 83 -7.64 6.41 -7.31
CA ASN A 83 -6.90 5.79 -8.47
C ASN A 83 -6.73 6.77 -9.66
N ASP A 84 -6.52 8.04 -9.42
CA ASP A 84 -6.34 9.00 -10.55
C ASP A 84 -5.09 9.88 -10.32
N SER A 85 -4.15 9.38 -9.54
CA SER A 85 -2.90 10.15 -9.28
C SER A 85 -1.76 9.19 -8.90
N ALA A 86 -1.69 8.05 -9.54
CA ALA A 86 -0.61 7.06 -9.21
C ALA A 86 0.76 7.59 -9.64
N LEU A 87 1.36 8.40 -8.81
CA LEU A 87 2.70 8.99 -9.15
C LEU A 87 3.83 8.23 -8.43
N PRO A 88 4.81 7.81 -9.21
CA PRO A 88 5.98 7.07 -8.65
C PRO A 88 6.98 8.06 -8.04
N GLY A 89 8.23 7.66 -7.91
CA GLY A 89 9.26 8.57 -7.32
C GLY A 89 10.66 8.13 -7.75
N VAL A 90 11.24 7.24 -7.01
CA VAL A 90 12.60 6.73 -7.37
C VAL A 90 12.57 5.21 -7.55
N PHE A 91 13.60 4.63 -8.11
CA PHE A 91 13.62 3.16 -8.31
C PHE A 91 14.61 2.51 -7.33
N ILE A 92 14.17 1.52 -6.61
CA ILE A 92 15.08 0.84 -5.62
C ILE A 92 15.78 -0.35 -6.30
N ARG A 93 17.03 -0.58 -5.97
CA ARG A 93 17.76 -1.73 -6.58
C ARG A 93 17.09 -3.06 -6.21
N ASP A 94 16.75 -3.25 -4.97
CA ASP A 94 16.07 -4.52 -4.55
C ASP A 94 14.60 -4.24 -4.17
N LEU A 95 13.70 -4.71 -4.98
CA LEU A 95 12.24 -4.47 -4.72
C LEU A 95 11.81 -4.94 -3.31
N ASP A 96 12.46 -5.94 -2.76
CA ASP A 96 12.10 -6.43 -1.40
C ASP A 96 12.19 -5.27 -0.39
N ASP A 97 13.28 -4.55 -0.38
CA ASP A 97 13.42 -3.38 0.55
C ASP A 97 12.27 -2.39 0.30
N PHE A 98 11.99 -2.11 -0.94
CA PHE A 98 10.86 -1.18 -1.26
C PHE A 98 9.54 -1.77 -0.77
N ARG A 99 9.32 -3.05 -0.96
CA ARG A 99 8.06 -3.68 -0.48
C ARG A 99 7.96 -3.63 1.05
N LYS A 100 9.07 -3.64 1.74
CA LYS A 100 8.99 -3.56 3.23
C LYS A 100 8.76 -2.10 3.64
N LYS A 101 9.33 -1.16 2.92
CA LYS A 101 9.12 0.29 3.25
C LYS A 101 7.73 0.76 2.79
N LEU A 102 7.25 0.29 1.67
CA LEU A 102 5.90 0.73 1.19
C LEU A 102 4.80 0.14 2.07
N ARG A 103 4.95 -1.07 2.54
CA ARG A 103 3.90 -1.68 3.42
C ARG A 103 3.92 -0.98 4.78
N PHE A 104 5.08 -0.71 5.28
CA PHE A 104 5.19 0.00 6.60
C PHE A 104 4.52 1.38 6.47
N TYR A 105 4.81 2.09 5.41
CA TYR A 105 4.19 3.44 5.21
C TYR A 105 2.67 3.33 5.00
N MET A 106 2.21 2.26 4.39
CA MET A 106 0.73 2.11 4.18
C MET A 106 0.05 1.79 5.52
N VAL A 107 0.72 1.05 6.36
CA VAL A 107 0.14 0.73 7.71
C VAL A 107 0.44 1.87 8.69
N HIS A 108 1.57 2.51 8.54
CA HIS A 108 1.93 3.65 9.44
C HIS A 108 1.28 4.97 8.96
N LEU A 109 0.43 4.90 7.95
CA LEU A 109 -0.26 6.14 7.43
C LEU A 109 -0.45 7.19 8.54
N ASN A 110 -1.27 6.89 9.53
CA ASN A 110 -1.50 7.85 10.66
C ASN A 110 -2.53 7.25 11.64
N ASP A 111 -3.77 7.11 11.20
CA ASP A 111 -4.83 6.52 12.08
C ASP A 111 -6.12 6.29 11.24
N LEU A 112 -7.04 7.23 11.25
CA LEU A 112 -8.31 7.07 10.47
C LEU A 112 -8.71 8.39 9.79
N GLU A 113 -9.26 9.31 10.54
CA GLU A 113 -9.69 10.64 9.95
C GLU A 113 -8.55 11.30 9.16
N THR A 114 -7.33 11.15 9.63
CA THR A 114 -6.14 11.76 8.93
C THR A 114 -6.18 11.56 7.41
N VAL A 115 -6.68 10.43 6.94
CA VAL A 115 -6.75 10.19 5.46
C VAL A 115 -8.20 10.02 5.01
N LEU A 116 -8.89 9.03 5.54
CA LEU A 116 -10.31 8.79 5.16
C LEU A 116 -10.92 7.71 6.07
N THR A 117 -12.14 7.90 6.50
CA THR A 117 -12.80 6.88 7.39
C THR A 117 -14.19 6.51 6.88
N SER A 118 -15.03 6.06 7.77
CA SER A 118 -16.43 5.67 7.38
C SER A 118 -17.41 6.81 7.66
N ARG A 119 -16.96 8.03 7.61
CA ARG A 119 -17.88 9.19 7.85
C ARG A 119 -18.23 9.89 6.53
N PRO A 120 -19.42 10.44 6.46
CA PRO A 120 -19.87 11.13 5.22
C PRO A 120 -19.15 12.47 5.03
N PRO A 121 -18.79 12.77 3.81
CA PRO A 121 -18.10 14.05 3.49
C PRO A 121 -19.08 15.23 3.59
N GLN A 122 -18.74 16.24 4.35
CA GLN A 122 -19.66 17.42 4.49
C GLN A 122 -19.68 18.25 3.20
N PRO A 123 -20.82 18.27 2.55
CA PRO A 123 -20.99 19.04 1.28
C PRO A 123 -21.06 20.56 1.57
N ALA A 124 -22.24 21.08 1.80
CA ALA A 124 -22.39 22.55 2.09
C ALA A 124 -21.63 22.90 3.37
N SER A 125 -20.40 23.33 3.24
CA SER A 125 -19.57 23.68 4.44
C SER A 125 -19.11 25.15 4.38
N GLY A 126 -19.47 25.93 5.36
CA GLY A 126 -19.05 27.38 5.37
C GLY A 126 -18.40 27.74 6.71
N SER A 127 -17.70 26.83 7.32
CA SER A 127 -17.05 27.15 8.65
C SER A 127 -15.75 26.34 8.79
N ASP A 4 -8.43 -21.52 3.07
CA ASP A 4 -9.27 -21.86 4.25
C ASP A 4 -10.77 -21.90 3.86
N THR A 5 -11.61 -22.31 4.77
CA THR A 5 -13.08 -22.37 4.46
C THR A 5 -13.87 -21.34 5.28
N HIS A 6 -13.22 -20.51 6.05
CA HIS A 6 -13.95 -19.48 6.85
C HIS A 6 -13.12 -18.18 6.98
N ARG A 7 -13.38 -17.38 7.98
CA ARG A 7 -12.63 -16.10 8.14
C ARG A 7 -11.80 -16.10 9.44
N LEU A 8 -10.94 -15.13 9.61
CA LEU A 8 -10.10 -15.05 10.85
C LEU A 8 -10.97 -14.77 12.09
N THR A 9 -11.87 -13.83 11.99
CA THR A 9 -12.75 -13.48 13.15
C THR A 9 -14.17 -13.11 12.65
N ARG A 10 -14.44 -11.86 12.39
CA ARG A 10 -15.80 -11.44 11.91
C ARG A 10 -15.72 -10.10 11.16
N THR A 11 -14.71 -9.91 10.36
CA THR A 11 -14.56 -8.62 9.62
C THR A 11 -14.43 -8.88 8.10
N LEU A 12 -13.30 -8.57 7.51
CA LEU A 12 -13.13 -8.79 6.04
C LEU A 12 -11.69 -9.22 5.71
N ASN A 13 -11.53 -10.09 4.75
CA ASN A 13 -10.16 -10.56 4.36
C ASN A 13 -9.27 -9.35 3.96
N CYS A 14 -9.84 -8.21 3.69
CA CYS A 14 -9.00 -7.02 3.32
C CYS A 14 -8.02 -6.64 4.44
N SER A 15 -8.26 -7.06 5.64
CA SER A 15 -7.28 -6.74 6.74
C SER A 15 -6.12 -7.74 6.71
N SER A 16 -6.43 -9.00 6.44
CA SER A 16 -5.36 -10.05 6.38
C SER A 16 -4.29 -9.71 5.32
N ILE A 17 -4.67 -9.05 4.24
CA ILE A 17 -3.64 -8.70 3.20
C ILE A 17 -2.60 -7.74 3.79
N VAL A 18 -3.01 -6.84 4.66
CA VAL A 18 -2.02 -5.91 5.29
C VAL A 18 -1.08 -6.73 6.17
N LYS A 19 -1.62 -7.63 6.95
CA LYS A 19 -0.75 -8.50 7.82
C LYS A 19 0.04 -9.47 6.92
N GLU A 20 -0.53 -9.88 5.80
CA GLU A 20 0.20 -10.81 4.88
C GLU A 20 1.37 -10.07 4.24
N ILE A 21 1.14 -8.90 3.71
CA ILE A 21 2.26 -8.11 3.10
C ILE A 21 3.37 -7.95 4.15
N ILE A 22 3.01 -7.67 5.38
CA ILE A 22 4.05 -7.52 6.46
C ILE A 22 4.82 -8.83 6.63
N GLY A 23 4.13 -9.94 6.61
CA GLY A 23 4.82 -11.26 6.76
C GLY A 23 5.57 -11.64 5.47
N LYS A 24 5.17 -11.09 4.34
CA LYS A 24 5.87 -11.43 3.05
C LYS A 24 7.03 -10.47 2.79
N LEU A 25 6.92 -9.26 3.28
CA LEU A 25 8.00 -8.26 3.07
C LEU A 25 8.73 -7.96 4.40
N PRO A 26 9.86 -8.63 4.59
CA PRO A 26 10.68 -8.46 5.83
C PRO A 26 11.37 -7.08 5.85
N GLU A 27 12.49 -6.95 6.53
CA GLU A 27 13.19 -5.62 6.57
C GLU A 27 14.65 -5.76 6.10
N PRO A 28 14.82 -6.01 4.82
CA PRO A 28 16.18 -6.15 4.23
C PRO A 28 16.89 -4.79 4.14
N GLU A 29 18.01 -4.73 3.45
CA GLU A 29 18.77 -3.44 3.29
C GLU A 29 20.04 -3.69 2.45
N LEU A 30 19.94 -3.59 1.15
CA LEU A 30 21.15 -3.85 0.29
C LEU A 30 21.86 -2.53 -0.07
N LYS A 31 21.15 -1.60 -0.66
CA LYS A 31 21.74 -0.28 -1.07
C LYS A 31 20.66 0.58 -1.75
N THR A 32 19.56 0.81 -1.07
CA THR A 32 18.45 1.60 -1.66
C THR A 32 18.02 2.73 -0.71
N ASP A 33 16.92 3.35 -1.01
CA ASP A 33 16.41 4.47 -0.15
C ASP A 33 15.26 3.96 0.76
N ASP A 34 14.35 4.82 1.12
CA ASP A 34 13.22 4.39 1.98
C ASP A 34 12.09 3.80 1.11
N GLU A 35 11.29 4.65 0.50
CA GLU A 35 10.18 4.15 -0.37
C GLU A 35 9.87 5.18 -1.48
N GLY A 36 8.63 5.34 -1.87
CA GLY A 36 8.31 6.32 -2.96
C GLY A 36 8.29 7.74 -2.38
N PRO A 37 9.19 8.58 -2.85
CA PRO A 37 9.26 9.99 -2.36
C PRO A 37 7.96 10.74 -2.68
N SER A 38 7.67 10.96 -3.93
CA SER A 38 6.39 11.65 -4.31
C SER A 38 5.21 10.69 -4.07
N LEU A 39 5.47 9.40 -4.09
CA LEU A 39 4.39 8.38 -3.87
C LEU A 39 4.00 8.31 -2.38
N ARG A 40 4.68 9.02 -1.51
CA ARG A 40 4.31 8.96 -0.05
C ARG A 40 3.22 10.00 0.28
N ASN A 41 2.64 10.65 -0.69
CA ASN A 41 1.57 11.68 -0.40
C ASN A 41 0.47 11.07 0.48
N LYS A 42 0.34 11.57 1.67
CA LYS A 42 -0.69 11.04 2.63
C LYS A 42 -2.07 10.83 1.96
N SER A 43 -2.52 11.76 1.17
CA SER A 43 -3.87 11.62 0.53
C SER A 43 -3.99 10.40 -0.40
N PHE A 44 -3.11 10.25 -1.36
CA PHE A 44 -3.24 9.08 -2.32
C PHE A 44 -1.94 8.27 -2.47
N ARG A 45 -1.08 8.26 -1.49
CA ARG A 45 0.20 7.47 -1.63
C ARG A 45 -0.07 5.98 -1.91
N ARG A 46 -1.20 5.47 -1.48
CA ARG A 46 -1.51 4.01 -1.76
C ARG A 46 -1.75 3.79 -3.26
N VAL A 47 -2.42 4.70 -3.92
CA VAL A 47 -2.65 4.54 -5.40
C VAL A 47 -1.31 4.63 -6.13
N ASN A 48 -0.47 5.57 -5.76
CA ASN A 48 0.86 5.67 -6.41
C ASN A 48 1.66 4.40 -6.08
N LEU A 49 1.50 3.90 -4.89
CA LEU A 49 2.20 2.66 -4.48
C LEU A 49 1.75 1.47 -5.36
N SER A 50 0.47 1.34 -5.59
CA SER A 50 -0.02 0.21 -6.46
C SER A 50 0.65 0.30 -7.84
N LYS A 51 0.70 1.48 -8.41
CA LYS A 51 1.36 1.64 -9.74
C LYS A 51 2.87 1.48 -9.59
N PHE A 52 3.42 1.85 -8.45
CA PHE A 52 4.88 1.67 -8.22
C PHE A 52 5.18 0.17 -8.19
N VAL A 53 4.37 -0.58 -7.49
CA VAL A 53 4.58 -2.07 -7.43
C VAL A 53 4.53 -2.64 -8.85
N GLU A 54 3.59 -2.21 -9.65
CA GLU A 54 3.52 -2.70 -11.08
C GLU A 54 4.88 -2.50 -11.76
N SER A 55 5.50 -1.37 -11.51
CA SER A 55 6.84 -1.07 -12.12
C SER A 55 7.97 -1.79 -11.35
N GLN A 56 7.81 -1.96 -10.06
CA GLN A 56 8.87 -2.65 -9.25
C GLN A 56 9.13 -4.05 -9.80
N GLY A 57 8.11 -4.69 -10.31
CA GLY A 57 8.28 -6.08 -10.90
C GLY A 57 9.29 -6.06 -12.07
N GLU A 58 9.74 -4.90 -12.50
CA GLU A 58 10.72 -4.81 -13.62
C GLU A 58 12.18 -4.84 -13.09
N VAL A 59 12.40 -4.58 -11.82
CA VAL A 59 13.80 -4.61 -11.28
C VAL A 59 14.26 -6.05 -11.04
N ASP A 60 13.37 -6.90 -10.60
CA ASP A 60 13.73 -8.31 -10.32
C ASP A 60 12.47 -9.19 -10.21
N PRO A 61 12.61 -10.47 -10.44
CA PRO A 61 11.45 -11.39 -10.36
C PRO A 61 10.93 -11.57 -8.92
N GLU A 62 11.61 -11.02 -7.94
CA GLU A 62 11.12 -11.15 -6.52
C GLU A 62 9.78 -10.42 -6.35
N ASP A 63 9.44 -9.53 -7.25
CA ASP A 63 8.13 -8.81 -7.14
C ASP A 63 6.97 -9.76 -7.53
N ARG A 64 7.27 -10.98 -7.87
CA ARG A 64 6.20 -11.98 -8.24
C ARG A 64 5.11 -12.11 -7.14
N TYR A 65 5.36 -11.61 -5.95
CA TYR A 65 4.34 -11.68 -4.83
C TYR A 65 3.05 -10.87 -5.14
N VAL A 66 2.75 -10.59 -6.40
CA VAL A 66 1.52 -9.80 -6.83
C VAL A 66 0.68 -9.23 -5.68
N ILE A 67 1.21 -8.27 -4.98
CA ILE A 67 0.45 -7.62 -3.87
C ILE A 67 -0.59 -6.64 -4.44
N LYS A 68 -0.37 -6.15 -5.65
CA LYS A 68 -1.33 -5.19 -6.30
C LYS A 68 -2.78 -5.68 -6.17
N SER A 69 -3.03 -6.90 -6.59
CA SER A 69 -4.43 -7.45 -6.49
C SER A 69 -4.92 -7.40 -5.04
N ASN A 70 -4.07 -7.74 -4.10
CA ASN A 70 -4.50 -7.67 -2.67
C ASN A 70 -4.66 -6.21 -2.25
N LEU A 71 -3.80 -5.34 -2.71
CA LEU A 71 -3.94 -3.88 -2.38
C LEU A 71 -5.23 -3.34 -2.99
N GLN A 72 -5.57 -3.79 -4.18
CA GLN A 72 -6.85 -3.34 -4.83
C GLN A 72 -8.01 -3.65 -3.88
N LYS A 73 -8.07 -4.87 -3.40
CA LYS A 73 -9.15 -5.25 -2.43
C LYS A 73 -8.97 -4.44 -1.14
N LEU A 74 -7.74 -4.13 -0.80
CA LEU A 74 -7.46 -3.32 0.43
C LEU A 74 -8.10 -1.93 0.29
N ASN A 75 -7.88 -1.29 -0.83
CA ASN A 75 -8.48 0.07 -1.06
C ASN A 75 -10.01 -0.02 -1.11
N ALA A 76 -10.54 -1.06 -1.72
CA ALA A 76 -12.03 -1.22 -1.80
C ALA A 76 -12.61 -1.42 -0.38
N CYS A 77 -11.86 -2.04 0.49
CA CYS A 77 -12.35 -2.27 1.89
C CYS A 77 -12.05 -1.03 2.77
N LEU A 78 -11.02 -0.29 2.45
CA LEU A 78 -10.69 0.93 3.26
C LEU A 78 -11.50 2.16 2.80
N PRO A 79 -11.52 3.16 3.65
CA PRO A 79 -12.28 4.41 3.34
C PRO A 79 -11.59 5.25 2.24
N THR A 80 -10.27 5.24 2.21
CA THR A 80 -9.54 6.05 1.17
C THR A 80 -9.81 5.56 -0.25
N SER A 81 -9.20 6.19 -1.23
CA SER A 81 -9.41 5.80 -2.66
C SER A 81 -8.60 6.69 -3.61
N ALA A 82 -8.83 7.99 -3.53
CA ALA A 82 -8.12 9.00 -4.42
C ALA A 82 -7.18 8.39 -5.47
N ASN A 83 -7.71 7.57 -6.35
CA ASN A 83 -6.87 6.94 -7.40
C ASN A 83 -6.73 7.86 -8.63
N ASP A 84 -6.43 9.12 -8.42
CA ASP A 84 -6.28 10.07 -9.57
C ASP A 84 -5.03 10.96 -9.41
N SER A 85 -4.06 10.51 -8.66
CA SER A 85 -2.80 11.31 -8.49
C SER A 85 -1.60 10.37 -8.34
N ALA A 86 -1.50 9.37 -9.18
CA ALA A 86 -0.35 8.42 -9.09
C ALA A 86 0.83 8.90 -9.95
N LEU A 87 1.59 9.85 -9.46
CA LEU A 87 2.75 10.37 -10.24
C LEU A 87 4.06 9.73 -9.76
N PRO A 88 4.80 9.17 -10.70
CA PRO A 88 6.10 8.50 -10.36
C PRO A 88 7.21 9.53 -10.10
N GLY A 89 8.26 9.11 -9.42
CA GLY A 89 9.40 10.03 -9.12
C GLY A 89 10.74 9.31 -9.33
N VAL A 90 11.24 8.66 -8.30
CA VAL A 90 12.53 7.93 -8.41
C VAL A 90 12.30 6.41 -8.44
N PHE A 91 13.30 5.65 -8.80
CA PHE A 91 13.16 4.17 -8.86
C PHE A 91 14.14 3.48 -7.89
N ILE A 92 13.77 2.34 -7.36
CA ILE A 92 14.67 1.61 -6.40
C ILE A 92 15.27 0.38 -7.07
N ARG A 93 16.54 0.11 -6.83
CA ARG A 93 17.19 -1.07 -7.47
C ARG A 93 16.57 -2.40 -7.01
N ASP A 94 16.38 -2.58 -5.73
CA ASP A 94 15.78 -3.86 -5.25
C ASP A 94 14.32 -3.65 -4.80
N LEU A 95 13.43 -4.40 -5.37
CA LEU A 95 11.98 -4.25 -5.02
C LEU A 95 11.70 -4.63 -3.55
N ASP A 96 12.47 -5.53 -3.00
CA ASP A 96 12.22 -5.94 -1.58
C ASP A 96 12.39 -4.75 -0.63
N ASP A 97 13.44 -3.96 -0.78
CA ASP A 97 13.62 -2.78 0.12
C ASP A 97 12.43 -1.82 -0.05
N PHE A 98 11.90 -1.73 -1.23
CA PHE A 98 10.71 -0.87 -1.46
C PHE A 98 9.48 -1.57 -0.84
N ARG A 99 9.37 -2.85 -1.05
CA ARG A 99 8.21 -3.64 -0.49
C ARG A 99 8.18 -3.57 1.03
N LYS A 100 9.31 -3.68 1.68
CA LYS A 100 9.32 -3.63 3.17
C LYS A 100 9.01 -2.21 3.67
N LYS A 101 9.48 -1.19 2.99
CA LYS A 101 9.17 0.20 3.43
C LYS A 101 7.75 0.58 3.02
N LEU A 102 7.29 0.11 1.88
CA LEU A 102 5.90 0.43 1.44
C LEU A 102 4.87 -0.24 2.35
N ARG A 103 5.11 -1.47 2.75
CA ARG A 103 4.13 -2.16 3.66
C ARG A 103 4.22 -1.58 5.07
N PHE A 104 5.38 -1.13 5.47
CA PHE A 104 5.52 -0.52 6.83
C PHE A 104 4.87 0.87 6.86
N TYR A 105 5.06 1.65 5.83
CA TYR A 105 4.44 3.02 5.82
C TYR A 105 2.92 2.95 5.64
N MET A 106 2.41 2.00 4.90
CA MET A 106 0.92 1.91 4.73
C MET A 106 0.29 1.34 6.00
N VAL A 107 1.00 0.49 6.69
CA VAL A 107 0.49 -0.09 7.98
C VAL A 107 0.77 0.91 9.12
N HIS A 108 1.73 1.78 8.93
CA HIS A 108 2.08 2.81 9.97
C HIS A 108 0.92 3.82 10.14
N LEU A 109 -0.05 3.83 9.24
CA LEU A 109 -1.19 4.76 9.40
C LEU A 109 -2.13 4.25 10.51
N ASN A 110 -3.31 3.79 10.17
CA ASN A 110 -4.27 3.25 11.21
C ASN A 110 -5.59 2.84 10.52
N ASP A 111 -6.50 3.78 10.35
CA ASP A 111 -7.82 3.52 9.70
C ASP A 111 -8.64 4.84 9.70
N LEU A 112 -8.52 5.63 8.65
CA LEU A 112 -9.26 6.93 8.60
C LEU A 112 -8.92 7.64 7.29
N GLU A 113 -9.85 7.63 6.38
CA GLU A 113 -9.66 8.28 5.03
C GLU A 113 -8.77 9.54 5.11
N THR A 114 -8.99 10.38 6.10
CA THR A 114 -8.14 11.62 6.23
C THR A 114 -6.72 11.23 6.64
N VAL A 115 -5.97 10.67 5.74
CA VAL A 115 -4.55 10.24 6.05
C VAL A 115 -3.70 11.44 6.53
N LEU A 116 -4.07 12.64 6.18
CA LEU A 116 -3.29 13.84 6.63
C LEU A 116 -3.86 14.37 7.96
N THR A 117 -3.00 14.67 8.90
CA THR A 117 -3.48 15.18 10.22
C THR A 117 -4.24 16.50 10.06
N SER A 118 -5.28 16.69 10.82
CA SER A 118 -6.08 17.97 10.71
C SER A 118 -7.12 18.06 11.84
N ARG A 119 -8.04 19.00 11.73
CA ARG A 119 -9.09 19.16 12.77
C ARG A 119 -10.44 18.60 12.27
N PRO A 120 -11.29 18.25 13.20
CA PRO A 120 -12.62 17.68 12.85
C PRO A 120 -13.53 18.73 12.17
N PRO A 121 -13.99 18.40 10.98
CA PRO A 121 -14.88 19.30 10.22
C PRO A 121 -16.34 19.09 10.64
N GLN A 122 -17.30 19.33 9.77
CA GLN A 122 -18.73 19.11 10.15
C GLN A 122 -18.96 17.63 10.51
N PRO A 123 -19.24 17.38 11.76
CA PRO A 123 -19.45 15.99 12.24
C PRO A 123 -20.84 15.45 11.84
N ALA A 124 -21.10 14.22 12.17
CA ALA A 124 -22.42 13.60 11.83
C ALA A 124 -23.07 13.01 13.10
N SER A 125 -24.21 12.37 12.95
CA SER A 125 -24.90 11.76 14.15
C SER A 125 -24.02 10.69 14.80
N GLY A 126 -23.91 9.52 14.22
CA GLY A 126 -23.06 8.44 14.82
C GLY A 126 -22.47 7.54 13.73
N SER A 127 -21.97 8.11 12.67
CA SER A 127 -21.36 7.28 11.58
C SER A 127 -20.38 8.12 10.75
N ASP A 4 -21.62 -1.56 14.09
CA ASP A 4 -21.20 -2.95 13.74
C ASP A 4 -19.88 -3.33 14.44
N THR A 5 -19.58 -4.60 14.55
CA THR A 5 -18.31 -5.02 15.23
C THR A 5 -18.01 -6.53 15.03
N HIS A 6 -19.02 -7.36 14.97
CA HIS A 6 -18.76 -8.83 14.79
C HIS A 6 -19.20 -9.30 13.39
N ARG A 7 -19.54 -10.57 13.25
CA ARG A 7 -19.96 -11.10 11.92
C ARG A 7 -20.87 -12.35 12.08
N LEU A 8 -21.57 -12.72 11.05
CA LEU A 8 -22.46 -13.93 11.15
C LEU A 8 -21.65 -15.22 10.93
N THR A 9 -20.79 -15.25 9.94
CA THR A 9 -19.95 -16.46 9.67
C THR A 9 -18.64 -16.05 8.99
N ARG A 10 -18.73 -15.29 7.92
CA ARG A 10 -17.51 -14.83 7.21
C ARG A 10 -17.63 -13.32 6.93
N THR A 11 -16.61 -12.57 7.19
CA THR A 11 -16.67 -11.10 6.95
C THR A 11 -15.67 -10.69 5.86
N LEU A 12 -14.69 -9.89 6.17
CA LEU A 12 -13.69 -9.46 5.15
C LEU A 12 -12.26 -9.60 5.67
N ASN A 13 -11.39 -10.15 4.86
CA ASN A 13 -9.96 -10.31 5.29
C ASN A 13 -9.17 -9.01 4.97
N CYS A 14 -9.84 -7.88 4.96
CA CYS A 14 -9.16 -6.58 4.65
C CYS A 14 -7.91 -6.37 5.54
N SER A 15 -7.98 -6.74 6.79
CA SER A 15 -6.79 -6.58 7.68
C SER A 15 -5.78 -7.72 7.47
N SER A 16 -6.28 -8.91 7.23
CA SER A 16 -5.36 -10.08 7.00
C SER A 16 -4.41 -9.84 5.83
N ILE A 17 -4.83 -9.12 4.82
CA ILE A 17 -3.90 -8.86 3.66
C ILE A 17 -2.72 -7.99 4.12
N VAL A 18 -2.96 -7.06 5.02
CA VAL A 18 -1.85 -6.20 5.51
C VAL A 18 -0.85 -7.08 6.27
N LYS A 19 -1.33 -7.90 7.17
CA LYS A 19 -0.42 -8.83 7.91
C LYS A 19 0.35 -9.70 6.92
N GLU A 20 -0.29 -10.11 5.84
CA GLU A 20 0.40 -10.93 4.81
C GLU A 20 1.43 -10.07 4.07
N ILE A 21 1.03 -8.91 3.60
CA ILE A 21 1.98 -7.99 2.89
C ILE A 21 3.19 -7.71 3.80
N ILE A 22 2.97 -7.54 5.08
CA ILE A 22 4.11 -7.27 6.02
C ILE A 22 4.98 -8.52 6.16
N GLY A 23 4.39 -9.67 6.20
CA GLY A 23 5.20 -10.93 6.34
C GLY A 23 5.81 -11.33 4.98
N LYS A 24 5.23 -10.91 3.88
CA LYS A 24 5.78 -11.27 2.54
C LYS A 24 6.96 -10.36 2.16
N LEU A 25 7.01 -9.17 2.68
CA LEU A 25 8.14 -8.25 2.35
C LEU A 25 9.06 -8.07 3.58
N PRO A 26 10.11 -8.86 3.63
CA PRO A 26 11.07 -8.83 4.78
C PRO A 26 12.00 -7.60 4.75
N GLU A 27 13.03 -7.59 5.56
CA GLU A 27 13.95 -6.42 5.60
C GLU A 27 15.43 -6.85 5.44
N PRO A 28 15.82 -7.12 4.22
CA PRO A 28 17.23 -7.52 3.92
C PRO A 28 18.22 -6.34 4.12
N GLU A 29 19.49 -6.59 4.02
CA GLU A 29 20.51 -5.49 4.21
C GLU A 29 20.99 -4.92 2.87
N LEU A 30 20.17 -4.98 1.84
CA LEU A 30 20.59 -4.43 0.51
C LEU A 30 20.02 -3.03 0.25
N LYS A 31 19.11 -2.58 1.09
CA LYS A 31 18.45 -1.24 0.95
C LYS A 31 19.24 -0.25 0.09
N THR A 32 18.67 0.07 -1.03
CA THR A 32 19.29 1.03 -1.99
C THR A 32 19.32 2.45 -1.39
N ASP A 33 18.18 3.06 -1.29
CA ASP A 33 18.08 4.45 -0.72
C ASP A 33 16.92 4.52 0.29
N ASP A 34 16.09 5.52 0.22
CA ASP A 34 14.94 5.60 1.18
C ASP A 34 13.69 4.89 0.61
N GLU A 35 12.63 5.59 0.29
CA GLU A 35 11.41 4.91 -0.26
C GLU A 35 10.50 5.93 -0.98
N GLY A 36 9.22 5.68 -1.06
CA GLY A 36 8.31 6.65 -1.76
C GLY A 36 8.15 7.93 -0.93
N PRO A 37 8.72 9.02 -1.42
CA PRO A 37 8.63 10.34 -0.72
C PRO A 37 7.18 10.83 -0.66
N SER A 38 6.58 11.09 -1.79
CA SER A 38 5.15 11.54 -1.80
C SER A 38 4.26 10.38 -1.33
N LEU A 39 4.72 9.16 -1.51
CA LEU A 39 3.95 7.96 -1.07
C LEU A 39 3.88 7.84 0.46
N ARG A 40 4.48 8.76 1.19
CA ARG A 40 4.43 8.67 2.68
C ARG A 40 3.00 9.01 3.16
N ASN A 41 2.25 9.79 2.39
CA ASN A 41 0.84 10.10 2.78
C ASN A 41 -0.11 9.02 2.25
N LYS A 42 -0.74 8.30 3.11
CA LYS A 42 -1.67 7.19 2.69
C LYS A 42 -3.04 7.68 2.18
N SER A 43 -3.30 8.97 2.13
CA SER A 43 -4.65 9.44 1.68
C SER A 43 -4.89 9.18 0.18
N PHE A 44 -4.01 9.65 -0.67
CA PHE A 44 -4.23 9.45 -2.14
C PHE A 44 -3.04 8.70 -2.78
N ARG A 45 -1.92 8.59 -2.10
CA ARG A 45 -0.74 7.90 -2.70
C ARG A 45 -0.88 6.36 -2.67
N ARG A 46 -1.75 5.81 -1.84
CA ARG A 46 -1.90 4.31 -1.80
C ARG A 46 -2.05 3.75 -3.23
N VAL A 47 -2.80 4.40 -4.07
CA VAL A 47 -2.94 3.93 -5.48
C VAL A 47 -1.56 4.01 -6.17
N ASN A 48 -0.84 5.06 -5.94
CA ASN A 48 0.51 5.18 -6.53
C ASN A 48 1.41 4.05 -6.00
N LEU A 49 1.27 3.72 -4.74
CA LEU A 49 2.08 2.60 -4.17
C LEU A 49 1.83 1.32 -4.97
N SER A 50 0.59 1.02 -5.28
CA SER A 50 0.32 -0.22 -6.10
C SER A 50 0.95 -0.06 -7.49
N LYS A 51 0.91 1.12 -8.05
CA LYS A 51 1.54 1.35 -9.39
C LYS A 51 3.07 1.37 -9.26
N PHE A 52 3.59 1.79 -8.14
CA PHE A 52 5.07 1.81 -7.93
C PHE A 52 5.54 0.36 -7.81
N VAL A 53 4.84 -0.45 -7.08
CA VAL A 53 5.21 -1.89 -6.93
C VAL A 53 5.29 -2.52 -8.33
N GLU A 54 4.29 -2.30 -9.15
CA GLU A 54 4.32 -2.87 -10.54
C GLU A 54 5.61 -2.44 -11.26
N SER A 55 5.98 -1.18 -11.11
CA SER A 55 7.24 -0.69 -11.76
C SER A 55 8.47 -1.32 -11.09
N GLN A 56 8.44 -1.50 -9.80
CA GLN A 56 9.61 -2.13 -9.10
C GLN A 56 9.79 -3.57 -9.55
N GLY A 57 8.72 -4.23 -9.93
CA GLY A 57 8.82 -5.65 -10.42
C GLY A 57 9.76 -5.73 -11.64
N GLU A 58 10.19 -4.61 -12.18
CA GLU A 58 11.11 -4.61 -13.34
C GLU A 58 12.56 -4.75 -12.87
N VAL A 59 12.85 -4.44 -11.63
CA VAL A 59 14.26 -4.58 -11.13
C VAL A 59 14.57 -6.05 -10.81
N ASP A 60 13.65 -6.76 -10.21
CA ASP A 60 13.89 -8.18 -9.86
C ASP A 60 12.59 -8.99 -9.99
N PRO A 61 12.72 -10.29 -10.18
CA PRO A 61 11.51 -11.15 -10.32
C PRO A 61 10.79 -11.39 -8.97
N GLU A 62 11.31 -10.93 -7.87
CA GLU A 62 10.63 -11.14 -6.55
C GLU A 62 9.24 -10.48 -6.54
N ASP A 63 8.99 -9.56 -7.46
CA ASP A 63 7.65 -8.90 -7.53
C ASP A 63 6.58 -9.92 -7.93
N ARG A 64 7.01 -11.08 -8.38
CA ARG A 64 6.07 -12.17 -8.79
C ARG A 64 5.02 -12.51 -7.70
N TYR A 65 5.17 -12.00 -6.50
CA TYR A 65 4.17 -12.27 -5.39
C TYR A 65 2.76 -11.68 -5.67
N VAL A 66 2.41 -11.44 -6.93
CA VAL A 66 1.07 -10.84 -7.34
C VAL A 66 0.20 -10.40 -6.15
N ILE A 67 0.56 -9.31 -5.55
CA ILE A 67 -0.24 -8.76 -4.41
C ILE A 67 -1.00 -7.49 -4.85
N LYS A 68 -0.64 -6.93 -5.99
CA LYS A 68 -1.35 -5.72 -6.51
C LYS A 68 -2.87 -5.96 -6.50
N SER A 69 -3.28 -7.07 -7.04
CA SER A 69 -4.75 -7.42 -7.05
C SER A 69 -5.29 -7.45 -5.61
N ASN A 70 -4.55 -8.03 -4.70
CA ASN A 70 -5.02 -8.06 -3.28
C ASN A 70 -5.05 -6.64 -2.71
N LEU A 71 -4.07 -5.84 -3.04
CA LEU A 71 -4.05 -4.42 -2.54
C LEU A 71 -5.22 -3.66 -3.14
N GLN A 72 -5.54 -3.91 -4.38
CA GLN A 72 -6.71 -3.23 -5.03
C GLN A 72 -7.97 -3.51 -4.19
N LYS A 73 -8.18 -4.75 -3.84
CA LYS A 73 -9.36 -5.11 -2.99
C LYS A 73 -9.26 -4.40 -1.64
N LEU A 74 -8.09 -4.35 -1.06
CA LEU A 74 -7.91 -3.65 0.25
C LEU A 74 -8.26 -2.16 0.07
N ASN A 75 -7.78 -1.55 -0.98
CA ASN A 75 -8.08 -0.11 -1.24
C ASN A 75 -9.61 0.10 -1.29
N ALA A 76 -10.31 -0.77 -1.98
CA ALA A 76 -11.81 -0.65 -2.05
C ALA A 76 -12.42 -0.87 -0.65
N CYS A 77 -11.79 -1.70 0.15
CA CYS A 77 -12.30 -1.95 1.54
C CYS A 77 -11.94 -0.78 2.47
N LEU A 78 -10.90 -0.06 2.15
CA LEU A 78 -10.47 1.09 3.01
C LEU A 78 -11.05 2.41 2.47
N PRO A 79 -11.01 3.44 3.30
CA PRO A 79 -11.54 4.77 2.88
C PRO A 79 -10.70 5.36 1.74
N THR A 80 -9.47 4.96 1.63
CA THR A 80 -8.57 5.47 0.54
C THR A 80 -9.08 5.04 -0.85
N SER A 81 -8.82 5.83 -1.86
CA SER A 81 -9.28 5.47 -3.25
C SER A 81 -8.61 6.38 -4.29
N ALA A 82 -9.09 7.59 -4.46
CA ALA A 82 -8.54 8.57 -5.45
C ALA A 82 -7.39 8.00 -6.31
N ASN A 83 -7.68 7.05 -7.16
CA ASN A 83 -6.61 6.44 -8.04
C ASN A 83 -6.13 7.41 -9.15
N ASP A 84 -6.08 8.68 -8.88
CA ASP A 84 -5.60 9.67 -9.91
C ASP A 84 -4.35 10.40 -9.40
N SER A 85 -3.54 9.74 -8.60
CA SER A 85 -2.30 10.38 -8.06
C SER A 85 -1.12 9.40 -8.08
N ALA A 86 -0.90 8.72 -9.18
CA ALA A 86 0.25 7.77 -9.28
C ALA A 86 1.51 8.50 -9.77
N LEU A 87 2.24 9.11 -8.87
CA LEU A 87 3.46 9.87 -9.26
C LEU A 87 4.75 9.08 -8.96
N PRO A 88 5.57 8.92 -9.98
CA PRO A 88 6.86 8.18 -9.81
C PRO A 88 7.93 9.07 -9.14
N GLY A 89 8.65 8.54 -8.18
CA GLY A 89 9.71 9.34 -7.48
C GLY A 89 11.09 8.75 -7.79
N VAL A 90 11.55 7.87 -6.95
CA VAL A 90 12.90 7.24 -7.16
C VAL A 90 12.75 5.72 -7.43
N PHE A 91 13.81 5.09 -7.89
CA PHE A 91 13.76 3.63 -8.16
C PHE A 91 14.70 2.89 -7.19
N ILE A 92 14.37 1.69 -6.83
CA ILE A 92 15.22 0.89 -5.88
C ILE A 92 15.80 -0.36 -6.56
N ARG A 93 16.94 -0.82 -6.10
CA ARG A 93 17.59 -2.03 -6.71
C ARG A 93 16.72 -3.28 -6.57
N ASP A 94 16.09 -3.46 -5.44
CA ASP A 94 15.23 -4.67 -5.25
C ASP A 94 13.81 -4.25 -4.89
N LEU A 95 12.84 -4.79 -5.58
CA LEU A 95 11.43 -4.43 -5.27
C LEU A 95 11.09 -4.84 -3.84
N ASP A 96 11.74 -5.84 -3.30
CA ASP A 96 11.47 -6.26 -1.90
C ASP A 96 11.73 -5.10 -0.94
N ASP A 97 12.88 -4.46 -1.05
CA ASP A 97 13.19 -3.32 -0.14
C ASP A 97 12.15 -2.20 -0.28
N PHE A 98 11.65 -2.00 -1.46
CA PHE A 98 10.62 -0.93 -1.66
C PHE A 98 9.27 -1.44 -1.15
N ARG A 99 8.98 -2.70 -1.37
CA ARG A 99 7.68 -3.28 -0.90
C ARG A 99 7.66 -3.40 0.64
N LYS A 100 8.77 -3.77 1.24
CA LYS A 100 8.81 -3.89 2.73
C LYS A 100 8.74 -2.51 3.40
N LYS A 101 9.36 -1.51 2.81
CA LYS A 101 9.30 -0.14 3.42
C LYS A 101 7.91 0.46 3.16
N LEU A 102 7.35 0.22 2.01
CA LEU A 102 5.99 0.76 1.71
C LEU A 102 4.95 0.06 2.62
N ARG A 103 5.13 -1.23 2.83
CA ARG A 103 4.19 -2.00 3.70
C ARG A 103 4.16 -1.41 5.11
N PHE A 104 5.30 -1.14 5.66
CA PHE A 104 5.34 -0.56 7.04
C PHE A 104 4.78 0.86 7.02
N TYR A 105 5.11 1.64 6.03
CA TYR A 105 4.59 3.04 5.97
C TYR A 105 3.08 3.09 5.69
N MET A 106 2.55 2.11 5.00
CA MET A 106 1.08 2.13 4.72
C MET A 106 0.31 1.69 5.98
N VAL A 107 0.88 0.78 6.73
CA VAL A 107 0.22 0.30 7.99
C VAL A 107 0.58 1.24 9.16
N HIS A 108 1.74 1.83 9.14
CA HIS A 108 2.17 2.75 10.25
C HIS A 108 1.59 4.17 10.08
N LEU A 109 0.75 4.40 9.07
CA LEU A 109 0.12 5.76 8.84
C LEU A 109 0.28 6.70 10.05
N ASN A 110 -0.39 6.39 11.14
CA ASN A 110 -0.28 7.24 12.39
C ASN A 110 -1.20 6.68 13.50
N ASP A 111 -2.47 7.02 13.45
CA ASP A 111 -3.45 6.54 14.48
C ASP A 111 -4.86 7.07 14.13
N LEU A 112 -5.28 6.87 12.91
CA LEU A 112 -6.61 7.35 12.45
C LEU A 112 -6.83 6.91 11.00
N GLU A 113 -7.52 5.82 10.80
CA GLU A 113 -7.79 5.29 9.42
C GLU A 113 -7.90 6.40 8.37
N THR A 114 -8.58 7.48 8.71
CA THR A 114 -8.73 8.62 7.75
C THR A 114 -7.38 9.35 7.59
N VAL A 115 -6.66 9.06 6.54
CA VAL A 115 -5.32 9.71 6.33
C VAL A 115 -5.47 11.25 6.20
N LEU A 116 -6.18 11.69 5.19
CA LEU A 116 -6.39 13.16 5.00
C LEU A 116 -7.70 13.43 4.24
N THR A 117 -8.68 12.59 4.42
CA THR A 117 -9.99 12.77 3.72
C THR A 117 -11.00 13.47 4.65
N SER A 118 -12.17 13.77 4.16
CA SER A 118 -13.20 14.45 5.02
C SER A 118 -14.31 13.45 5.40
N ARG A 119 -15.40 13.92 5.96
CA ARG A 119 -16.51 12.99 6.37
C ARG A 119 -17.14 12.32 5.14
N PRO A 120 -17.40 11.03 5.25
CA PRO A 120 -18.01 10.27 4.13
C PRO A 120 -19.52 10.57 4.00
N PRO A 121 -20.07 10.24 2.85
CA PRO A 121 -21.52 10.47 2.59
C PRO A 121 -22.39 9.42 3.33
N GLN A 122 -23.63 9.76 3.58
CA GLN A 122 -24.55 8.81 4.29
C GLN A 122 -25.01 7.66 3.35
N PRO A 123 -25.56 8.01 2.21
CA PRO A 123 -26.04 6.98 1.24
C PRO A 123 -24.85 6.31 0.51
N ALA A 124 -25.13 5.55 -0.52
CA ALA A 124 -24.02 4.87 -1.27
C ALA A 124 -23.17 5.91 -2.03
N SER A 125 -21.89 5.69 -2.12
CA SER A 125 -21.00 6.67 -2.85
C SER A 125 -21.23 6.56 -4.37
N GLY A 126 -22.25 7.19 -4.88
CA GLY A 126 -22.54 7.12 -6.35
C GLY A 126 -23.30 8.39 -6.78
N SER A 127 -22.69 9.54 -6.59
CA SER A 127 -23.36 10.82 -6.98
C SER A 127 -23.45 10.96 -8.52
N ASP A 4 -6.67 -9.80 24.19
CA ASP A 4 -6.39 -8.60 25.03
C ASP A 4 -6.32 -7.33 24.16
N THR A 5 -5.32 -7.22 23.33
CA THR A 5 -5.20 -6.00 22.46
C THR A 5 -5.33 -6.41 20.99
N HIS A 6 -6.46 -6.96 20.62
CA HIS A 6 -6.67 -7.39 19.20
C HIS A 6 -8.00 -6.84 18.65
N ARG A 7 -8.64 -7.56 17.75
CA ARG A 7 -9.95 -7.06 17.18
C ARG A 7 -11.15 -7.79 17.85
N LEU A 8 -12.35 -7.52 17.41
CA LEU A 8 -13.54 -8.19 18.03
C LEU A 8 -13.55 -9.70 17.73
N THR A 9 -13.55 -10.07 16.48
CA THR A 9 -13.55 -11.55 16.13
C THR A 9 -13.30 -11.73 14.61
N ARG A 10 -14.19 -11.26 13.79
CA ARG A 10 -14.01 -11.40 12.31
C ARG A 10 -14.71 -10.25 11.56
N THR A 11 -13.99 -9.54 10.71
CA THR A 11 -14.58 -8.40 9.97
C THR A 11 -14.34 -8.55 8.45
N LEU A 12 -13.55 -7.68 7.86
CA LEU A 12 -13.27 -7.76 6.39
C LEU A 12 -11.88 -8.37 6.14
N ASN A 13 -11.78 -9.19 5.13
CA ASN A 13 -10.46 -9.83 4.81
C ASN A 13 -9.43 -8.79 4.30
N CYS A 14 -9.86 -7.59 3.98
CA CYS A 14 -8.89 -6.54 3.51
C CYS A 14 -7.82 -6.26 4.58
N SER A 15 -8.07 -6.64 5.80
CA SER A 15 -7.05 -6.41 6.90
C SER A 15 -5.98 -7.51 6.87
N SER A 16 -6.39 -8.75 6.71
CA SER A 16 -5.40 -9.89 6.67
C SER A 16 -4.32 -9.65 5.61
N ILE A 17 -4.64 -9.00 4.52
CA ILE A 17 -3.59 -8.76 3.47
C ILE A 17 -2.51 -7.83 4.02
N VAL A 18 -2.88 -6.88 4.84
CA VAL A 18 -1.86 -5.97 5.42
C VAL A 18 -0.92 -6.78 6.33
N LYS A 19 -1.48 -7.63 7.16
CA LYS A 19 -0.62 -8.49 8.03
C LYS A 19 0.15 -9.52 7.18
N GLU A 20 -0.41 -9.92 6.07
CA GLU A 20 0.30 -10.89 5.19
C GLU A 20 1.46 -10.20 4.47
N ILE A 21 1.22 -9.05 3.90
CA ILE A 21 2.34 -8.31 3.20
C ILE A 21 3.46 -8.02 4.21
N ILE A 22 3.13 -7.67 5.42
CA ILE A 22 4.20 -7.41 6.45
C ILE A 22 5.04 -8.68 6.67
N GLY A 23 4.39 -9.81 6.77
CA GLY A 23 5.14 -11.10 6.97
C GLY A 23 5.79 -11.54 5.64
N LYS A 24 5.30 -11.07 4.51
CA LYS A 24 5.87 -11.47 3.18
C LYS A 24 6.98 -10.50 2.73
N LEU A 25 6.92 -9.28 3.18
CA LEU A 25 7.96 -8.27 2.77
C LEU A 25 8.87 -7.90 3.97
N PRO A 26 9.97 -8.61 4.08
CA PRO A 26 10.95 -8.37 5.17
C PRO A 26 12.06 -7.39 4.72
N GLU A 27 13.06 -7.16 5.53
CA GLU A 27 14.17 -6.23 5.13
C GLU A 27 15.55 -6.80 5.54
N PRO A 28 16.09 -7.64 4.68
CA PRO A 28 17.42 -8.23 4.94
C PRO A 28 18.53 -7.31 4.34
N GLU A 29 19.63 -7.87 3.90
CA GLU A 29 20.73 -7.02 3.30
C GLU A 29 20.33 -6.55 1.88
N LEU A 30 19.13 -6.07 1.73
CA LEU A 30 18.63 -5.60 0.39
C LEU A 30 19.25 -4.25 -0.05
N LYS A 31 20.17 -3.70 0.73
CA LYS A 31 20.83 -2.38 0.42
C LYS A 31 20.24 -1.70 -0.84
N THR A 32 19.37 -0.76 -0.64
CA THR A 32 18.76 -0.05 -1.80
C THR A 32 18.54 1.43 -1.47
N ASP A 33 17.46 1.78 -0.81
CA ASP A 33 17.22 3.21 -0.48
C ASP A 33 16.10 3.35 0.57
N ASP A 34 15.34 4.41 0.54
CA ASP A 34 14.24 4.59 1.55
C ASP A 34 12.89 4.08 1.00
N GLU A 35 11.99 4.95 0.62
CA GLU A 35 10.66 4.50 0.10
C GLU A 35 10.09 5.54 -0.88
N GLY A 36 8.81 5.47 -1.15
CA GLY A 36 8.18 6.47 -2.09
C GLY A 36 7.93 7.78 -1.34
N PRO A 37 8.60 8.84 -1.78
CA PRO A 37 8.44 10.19 -1.15
C PRO A 37 7.00 10.71 -1.32
N SER A 38 6.61 11.05 -2.52
CA SER A 38 5.20 11.53 -2.76
C SER A 38 4.21 10.46 -2.29
N LEU A 39 4.63 9.21 -2.27
CA LEU A 39 3.75 8.10 -1.81
C LEU A 39 3.38 8.26 -0.31
N ARG A 40 3.99 9.19 0.39
CA ARG A 40 3.65 9.37 1.84
C ARG A 40 2.30 10.12 1.99
N ASN A 41 1.62 10.40 0.90
CA ASN A 41 0.30 11.10 0.96
C ASN A 41 -0.68 10.35 1.89
N LYS A 42 -1.78 10.97 2.19
CA LYS A 42 -2.80 10.33 3.09
C LYS A 42 -3.56 9.22 2.35
N SER A 43 -4.27 9.57 1.30
CA SER A 43 -5.07 8.55 0.54
C SER A 43 -4.32 8.02 -0.70
N PHE A 44 -3.63 8.87 -1.42
CA PHE A 44 -2.92 8.40 -2.66
C PHE A 44 -1.80 7.39 -2.36
N ARG A 45 -1.33 7.33 -1.13
CA ARG A 45 -0.23 6.38 -0.77
C ARG A 45 -0.57 4.93 -1.19
N ARG A 46 -1.82 4.54 -1.14
CA ARG A 46 -2.16 3.12 -1.53
C ARG A 46 -2.14 2.96 -3.06
N VAL A 47 -2.93 3.72 -3.76
CA VAL A 47 -2.94 3.61 -5.25
C VAL A 47 -1.56 3.91 -5.82
N ASN A 48 -0.89 4.91 -5.30
CA ASN A 48 0.47 5.24 -5.79
C ASN A 48 1.41 4.05 -5.57
N LEU A 49 1.28 3.37 -4.45
CA LEU A 49 2.15 2.19 -4.20
C LEU A 49 1.81 1.05 -5.19
N SER A 50 0.54 0.87 -5.49
CA SER A 50 0.16 -0.20 -6.47
C SER A 50 0.88 0.05 -7.80
N LYS A 51 0.87 1.27 -8.28
CA LYS A 51 1.60 1.57 -9.56
C LYS A 51 3.12 1.51 -9.31
N PHE A 52 3.55 1.88 -8.13
CA PHE A 52 5.01 1.83 -7.82
C PHE A 52 5.48 0.37 -7.85
N VAL A 53 4.72 -0.53 -7.28
CA VAL A 53 5.11 -1.97 -7.31
C VAL A 53 5.07 -2.48 -8.77
N GLU A 54 4.07 -2.09 -9.52
CA GLU A 54 4.00 -2.52 -10.95
C GLU A 54 5.29 -2.11 -11.67
N SER A 55 5.81 -0.95 -11.34
CA SER A 55 7.09 -0.46 -11.98
C SER A 55 8.29 -1.17 -11.33
N GLN A 56 8.22 -1.46 -10.05
CA GLN A 56 9.37 -2.14 -9.37
C GLN A 56 9.59 -3.55 -9.93
N GLY A 57 8.54 -4.21 -10.35
CA GLY A 57 8.69 -5.60 -10.93
C GLY A 57 9.64 -5.57 -12.15
N GLU A 58 10.01 -4.40 -12.62
CA GLU A 58 10.93 -4.29 -13.79
C GLU A 58 12.40 -4.44 -13.33
N VAL A 59 12.67 -4.23 -12.07
CA VAL A 59 14.08 -4.34 -11.55
C VAL A 59 14.48 -5.81 -11.35
N ASP A 60 13.57 -6.65 -10.93
CA ASP A 60 13.91 -8.09 -10.69
C ASP A 60 12.64 -8.96 -10.73
N PRO A 61 12.82 -10.25 -10.91
CA PRO A 61 11.65 -11.17 -10.95
C PRO A 61 11.20 -11.56 -9.52
N GLU A 62 11.40 -10.71 -8.55
CA GLU A 62 10.97 -11.01 -7.16
C GLU A 62 9.60 -10.36 -6.84
N ASP A 63 9.13 -9.48 -7.71
CA ASP A 63 7.80 -8.84 -7.47
C ASP A 63 6.65 -9.76 -7.92
N ARG A 64 6.94 -11.01 -8.19
CA ARG A 64 5.88 -11.98 -8.62
C ARG A 64 4.74 -12.06 -7.56
N TYR A 65 4.97 -11.55 -6.37
CA TYR A 65 3.92 -11.57 -5.30
C TYR A 65 2.73 -10.63 -5.61
N VAL A 66 2.53 -10.26 -6.87
CA VAL A 66 1.41 -9.33 -7.30
C VAL A 66 0.61 -8.75 -6.10
N ILE A 67 1.24 -7.84 -5.38
CA ILE A 67 0.55 -7.19 -4.21
C ILE A 67 -0.60 -6.29 -4.70
N LYS A 68 -0.48 -5.75 -5.89
CA LYS A 68 -1.55 -4.86 -6.45
C LYS A 68 -2.94 -5.47 -6.26
N SER A 69 -3.13 -6.69 -6.69
CA SER A 69 -4.48 -7.36 -6.53
C SER A 69 -4.93 -7.32 -5.06
N ASN A 70 -4.05 -7.61 -4.15
CA ASN A 70 -4.41 -7.58 -2.70
C ASN A 70 -4.63 -6.13 -2.25
N LEU A 71 -3.84 -5.21 -2.73
CA LEU A 71 -4.03 -3.77 -2.35
C LEU A 71 -5.31 -3.24 -2.98
N GLN A 72 -5.65 -3.71 -4.16
CA GLN A 72 -6.92 -3.26 -4.83
C GLN A 72 -8.10 -3.62 -3.92
N LYS A 73 -8.14 -4.84 -3.46
CA LYS A 73 -9.24 -5.25 -2.52
C LYS A 73 -9.17 -4.38 -1.26
N LEU A 74 -7.97 -4.06 -0.84
CA LEU A 74 -7.81 -3.18 0.37
C LEU A 74 -8.33 -1.76 0.04
N ASN A 75 -8.05 -1.28 -1.13
CA ASN A 75 -8.53 0.09 -1.55
C ASN A 75 -10.06 0.14 -1.54
N ALA A 76 -10.70 -0.95 -1.93
CA ALA A 76 -12.21 -0.99 -1.93
C ALA A 76 -12.73 -1.16 -0.50
N CYS A 77 -11.98 -1.84 0.35
CA CYS A 77 -12.42 -2.03 1.78
C CYS A 77 -12.14 -0.76 2.59
N LEU A 78 -11.13 -0.02 2.22
CA LEU A 78 -10.81 1.24 2.97
C LEU A 78 -11.44 2.46 2.28
N PRO A 79 -11.62 3.52 3.04
CA PRO A 79 -12.24 4.78 2.49
C PRO A 79 -11.31 5.49 1.49
N THR A 80 -10.04 5.21 1.57
CA THR A 80 -9.03 5.87 0.65
C THR A 80 -9.43 5.80 -0.83
N SER A 81 -10.00 4.70 -1.21
CA SER A 81 -10.47 4.44 -2.63
C SER A 81 -10.17 5.60 -3.61
N ALA A 82 -8.93 5.78 -3.98
CA ALA A 82 -8.56 6.88 -4.94
C ALA A 82 -7.63 6.36 -6.04
N ASN A 83 -8.11 5.48 -6.89
CA ASN A 83 -7.25 4.91 -7.98
C ASN A 83 -7.02 5.93 -9.12
N ASP A 84 -6.78 7.17 -8.81
CA ASP A 84 -6.54 8.18 -9.89
C ASP A 84 -5.37 9.10 -9.54
N SER A 85 -4.51 8.69 -8.65
CA SER A 85 -3.33 9.54 -8.29
C SER A 85 -2.06 8.69 -8.14
N ALA A 86 -1.75 7.89 -9.13
CA ALA A 86 -0.51 7.06 -9.06
C ALA A 86 0.68 7.89 -9.60
N LEU A 87 1.33 8.62 -8.73
CA LEU A 87 2.46 9.49 -9.18
C LEU A 87 3.82 8.78 -9.08
N PRO A 88 4.55 8.80 -10.17
CA PRO A 88 5.91 8.19 -10.19
C PRO A 88 6.93 9.15 -9.55
N GLY A 89 8.01 8.63 -9.00
CA GLY A 89 9.03 9.52 -8.36
C GLY A 89 10.44 8.95 -8.51
N VAL A 90 10.85 8.15 -7.56
CA VAL A 90 12.23 7.55 -7.62
C VAL A 90 12.17 6.03 -7.84
N PHE A 91 13.29 5.44 -8.18
CA PHE A 91 13.34 3.97 -8.41
C PHE A 91 14.32 3.32 -7.42
N ILE A 92 14.08 2.11 -7.04
CA ILE A 92 14.97 1.43 -6.04
C ILE A 92 15.73 0.25 -6.68
N ARG A 93 16.92 -0.06 -6.18
CA ARG A 93 17.72 -1.19 -6.76
C ARG A 93 16.96 -2.52 -6.70
N ASP A 94 16.38 -2.86 -5.58
CA ASP A 94 15.63 -4.15 -5.48
C ASP A 94 14.19 -3.91 -4.99
N LEU A 95 13.24 -4.57 -5.58
CA LEU A 95 11.82 -4.41 -5.16
C LEU A 95 11.63 -4.89 -3.71
N ASP A 96 12.46 -5.79 -3.24
CA ASP A 96 12.32 -6.29 -1.84
C ASP A 96 12.46 -5.11 -0.84
N ASP A 97 13.49 -4.33 -0.97
CA ASP A 97 13.67 -3.16 -0.07
C ASP A 97 12.46 -2.21 -0.16
N PHE A 98 12.01 -1.97 -1.36
CA PHE A 98 10.83 -1.06 -1.54
C PHE A 98 9.55 -1.74 -1.03
N ARG A 99 9.39 -3.03 -1.25
CA ARG A 99 8.16 -3.73 -0.78
C ARG A 99 8.11 -3.81 0.76
N LYS A 100 9.24 -3.86 1.43
CA LYS A 100 9.19 -3.87 2.93
C LYS A 100 8.94 -2.43 3.43
N LYS A 101 9.50 -1.47 2.77
CA LYS A 101 9.28 -0.05 3.18
C LYS A 101 7.84 0.40 2.84
N LEU A 102 7.35 -0.01 1.69
CA LEU A 102 5.96 0.39 1.30
C LEU A 102 4.90 -0.27 2.21
N ARG A 103 5.08 -1.51 2.57
CA ARG A 103 4.07 -2.17 3.46
C ARG A 103 4.12 -1.50 4.85
N PHE A 104 5.28 -1.08 5.27
CA PHE A 104 5.37 -0.38 6.60
C PHE A 104 4.68 0.99 6.48
N TYR A 105 4.87 1.66 5.37
CA TYR A 105 4.24 3.01 5.18
C TYR A 105 2.71 2.90 5.03
N MET A 106 2.21 1.86 4.44
CA MET A 106 0.71 1.76 4.33
C MET A 106 0.10 1.31 5.67
N VAL A 107 0.85 0.61 6.46
CA VAL A 107 0.33 0.15 7.80
C VAL A 107 0.52 1.23 8.87
N HIS A 108 1.48 2.13 8.73
CA HIS A 108 1.65 3.18 9.75
C HIS A 108 0.47 4.18 9.72
N LEU A 109 -0.37 4.09 8.70
CA LEU A 109 -1.56 5.01 8.63
C LEU A 109 -2.44 4.90 9.90
N ASN A 110 -2.32 3.82 10.63
CA ASN A 110 -3.14 3.63 11.88
C ASN A 110 -3.17 4.89 12.78
N ASP A 111 -2.13 5.69 12.77
CA ASP A 111 -2.12 6.93 13.61
C ASP A 111 -3.00 8.04 12.97
N LEU A 112 -3.46 7.83 11.75
CA LEU A 112 -4.30 8.85 11.05
C LEU A 112 -5.58 8.19 10.53
N GLU A 113 -6.41 7.72 11.43
CA GLU A 113 -7.71 7.05 11.06
C GLU A 113 -8.38 7.71 9.85
N THR A 114 -8.46 9.01 9.85
CA THR A 114 -9.09 9.74 8.70
C THR A 114 -8.09 9.90 7.53
N VAL A 115 -8.26 9.13 6.48
CA VAL A 115 -7.33 9.22 5.31
C VAL A 115 -7.73 10.35 4.34
N LEU A 116 -8.98 10.76 4.35
CA LEU A 116 -9.43 11.86 3.43
C LEU A 116 -10.75 12.48 3.93
N THR A 117 -10.92 13.76 3.76
CA THR A 117 -12.19 14.42 4.21
C THR A 117 -13.24 14.34 3.10
N SER A 118 -14.50 14.41 3.44
CA SER A 118 -15.59 14.34 2.40
C SER A 118 -16.96 14.63 3.02
N ARG A 119 -18.02 14.13 2.41
CA ARG A 119 -19.41 14.37 2.95
C ARG A 119 -19.95 13.10 3.64
N PRO A 120 -20.89 13.31 4.54
CA PRO A 120 -21.50 12.16 5.29
C PRO A 120 -22.41 11.32 4.36
N PRO A 121 -22.08 10.05 4.23
CA PRO A 121 -22.88 9.14 3.37
C PRO A 121 -24.15 8.64 4.10
N GLN A 122 -24.01 7.91 5.17
CA GLN A 122 -25.20 7.39 5.90
C GLN A 122 -24.90 7.19 7.39
N PRO A 123 -25.90 6.75 8.14
CA PRO A 123 -25.72 6.51 9.61
C PRO A 123 -24.85 5.26 9.86
N ALA A 124 -24.76 4.82 11.10
CA ALA A 124 -23.93 3.61 11.43
C ALA A 124 -24.50 2.34 10.76
N SER A 125 -24.10 2.07 9.54
CA SER A 125 -24.59 0.85 8.83
C SER A 125 -23.41 0.00 8.35
N GLY A 126 -23.64 -0.92 7.45
CA GLY A 126 -22.54 -1.79 6.93
C GLY A 126 -22.53 -1.77 5.40
N SER A 127 -21.50 -1.22 4.79
CA SER A 127 -21.43 -1.16 3.29
C SER A 127 -20.17 -1.90 2.79
#